data_3TE2
#
_entry.id   3TE2
#
_cell.length_a   98.689
_cell.length_b   118.704
_cell.length_c   150.672
_cell.angle_alpha   90.00
_cell.angle_beta   90.00
_cell.angle_gamma   90.00
#
_symmetry.space_group_name_H-M   'P 21 21 21'
#
loop_
_entity.id
_entity.type
_entity.pdbx_description
1 polymer 'formate/nitrite transporter'
2 non-polymer 'TETRAETHYLENE GLYCOL'
3 non-polymer 'octyl beta-D-glucopyranoside'
4 water water
#
_entity_poly.entity_id   1
_entity_poly.type   'polypeptide(L)'
_entity_poly.pdbx_seq_one_letter_code
;MGRAHKETLDKLTNAAINSINLLNTSKVKYLVSSAFAGLYVGIGILLIFTIGGLLTDAGSPMTKIVMGLSFAIALSLVIM
TGTELFTGNNMVMSAGMLNKGVSIKDTSKIWAYSWVGNLIGALVLGIIFVGTGLVDKGPVAEFFANTAASKASMPFTALF
FRGILCNILVCVSVLCSFRTNSDTAKIIMIFLCLFAFITSGFEHSVANMTIYSVSLFSPTISTVTIGGAIYNLVAVTLGN
IVGGALFMGLGTYILGKEKLNAAAENLY
;
_entity_poly.pdbx_strand_id   A,B,C,D,E
#
loop_
_chem_comp.id
_chem_comp.type
_chem_comp.name
_chem_comp.formula
BOG D-saccharide 'octyl beta-D-glucopyranoside' 'C14 H28 O6'
PG4 non-polymer 'TETRAETHYLENE GLYCOL' 'C8 H18 O5'
#
# COMPACT_ATOMS: atom_id res chain seq x y z
N ARG A 3 16.91 -6.76 19.97
CA ARG A 3 18.33 -6.68 19.68
C ARG A 3 18.92 -8.05 19.37
N ALA A 4 18.84 -8.45 18.10
CA ALA A 4 19.37 -9.74 17.69
C ALA A 4 20.60 -9.58 16.78
N HIS A 5 21.52 -8.72 17.19
CA HIS A 5 22.74 -8.47 16.42
C HIS A 5 23.56 -9.74 16.26
N LYS A 6 23.63 -10.54 17.32
CA LYS A 6 24.40 -11.78 17.28
C LYS A 6 23.75 -12.77 16.32
N GLU A 7 22.44 -12.92 16.44
CA GLU A 7 21.69 -13.83 15.58
C GLU A 7 21.78 -13.41 14.12
N THR A 8 21.76 -12.09 13.89
CA THR A 8 21.86 -11.56 12.54
C THR A 8 23.21 -11.89 11.89
N LEU A 9 24.29 -11.65 12.65
CA LEU A 9 25.62 -11.94 12.15
C LEU A 9 25.76 -13.42 11.82
N ASP A 10 25.13 -14.26 12.63
CA ASP A 10 25.09 -15.70 12.36
C ASP A 10 24.45 -15.98 11.00
N LYS A 11 23.31 -15.33 10.74
CA LYS A 11 22.60 -15.50 9.48
C LYS A 11 23.43 -15.02 8.28
N LEU A 12 24.09 -13.88 8.44
CA LEU A 12 24.95 -13.36 7.38
C LEU A 12 26.10 -14.32 7.13
N THR A 13 26.69 -14.81 8.21
CA THR A 13 27.79 -15.76 8.12
C THR A 13 27.34 -17.02 7.37
N ASN A 14 26.17 -17.54 7.72
CA ASN A 14 25.64 -18.72 7.07
C ASN A 14 25.30 -18.50 5.60
N ALA A 15 24.91 -17.29 5.25
CA ALA A 15 24.62 -16.97 3.87
C ALA A 15 25.91 -16.91 3.07
N ALA A 16 26.96 -16.39 3.69
CA ALA A 16 28.26 -16.32 3.04
C ALA A 16 28.78 -17.72 2.76
N ILE A 17 28.58 -18.61 3.73
CA ILE A 17 29.02 -20.00 3.59
C ILE A 17 28.23 -20.72 2.49
N ASN A 18 26.92 -20.51 2.45
CA ASN A 18 26.09 -21.09 1.40
C ASN A 18 26.53 -20.67 0.01
N SER A 19 26.92 -19.40 -0.12
CA SER A 19 27.30 -18.84 -1.42
C SER A 19 28.56 -19.48 -2.00
N ILE A 20 29.63 -19.50 -1.21
CA ILE A 20 30.87 -20.12 -1.66
C ILE A 20 30.68 -21.62 -1.88
N ASN A 21 29.88 -22.25 -1.03
CA ASN A 21 29.55 -23.67 -1.21
C ASN A 21 28.89 -23.91 -2.57
N LEU A 22 27.97 -23.03 -2.92
CA LEU A 22 27.26 -23.14 -4.21
C LEU A 22 28.24 -23.04 -5.36
N LEU A 23 29.13 -22.06 -5.31
CA LEU A 23 30.13 -21.88 -6.36
C LEU A 23 31.04 -23.10 -6.47
N ASN A 24 31.54 -23.58 -5.33
CA ASN A 24 32.35 -24.80 -5.31
C ASN A 24 31.58 -25.99 -5.90
N THR A 25 30.31 -26.11 -5.52
CA THR A 25 29.47 -27.21 -5.98
C THR A 25 29.19 -27.14 -7.48
N SER A 26 28.91 -25.94 -7.98
CA SER A 26 28.58 -25.76 -9.40
C SER A 26 28.73 -24.31 -9.87
N LYS A 27 29.69 -24.09 -10.77
CA LYS A 27 29.87 -22.78 -11.38
C LYS A 27 28.70 -22.42 -12.28
N VAL A 28 28.08 -23.43 -12.88
CA VAL A 28 26.94 -23.21 -13.76
C VAL A 28 25.74 -22.69 -12.97
N LYS A 29 25.43 -23.36 -11.87
CA LYS A 29 24.32 -22.95 -11.02
C LYS A 29 24.55 -21.55 -10.50
N TYR A 30 25.78 -21.27 -10.06
CA TYR A 30 26.10 -19.97 -9.49
C TYR A 30 26.01 -18.84 -10.51
N LEU A 31 26.55 -19.08 -11.70
CA LEU A 31 26.54 -18.08 -12.77
C LEU A 31 25.14 -17.87 -13.34
N VAL A 32 24.35 -18.94 -13.38
CA VAL A 32 22.95 -18.83 -13.78
C VAL A 32 22.17 -18.00 -12.76
N SER A 33 22.46 -18.22 -11.49
CA SER A 33 21.84 -17.46 -10.41
C SER A 33 22.24 -15.99 -10.52
N SER A 34 23.54 -15.75 -10.68
CA SER A 34 24.07 -14.40 -10.85
C SER A 34 23.49 -13.71 -12.08
N ALA A 35 23.29 -14.49 -13.15
CA ALA A 35 22.76 -13.92 -14.40
C ALA A 35 21.30 -13.50 -14.25
N PHE A 36 20.53 -14.28 -13.50
CA PHE A 36 19.13 -13.93 -13.21
C PHE A 36 19.07 -12.61 -12.45
N ALA A 37 19.91 -12.48 -11.43
CA ALA A 37 19.89 -11.29 -10.58
C ALA A 37 20.23 -10.04 -11.38
N GLY A 38 21.30 -10.11 -12.18
CA GLY A 38 21.69 -9.01 -13.03
C GLY A 38 20.59 -8.64 -14.02
N LEU A 39 19.89 -9.66 -14.50
CA LEU A 39 18.76 -9.42 -15.39
C LEU A 39 17.57 -8.81 -14.64
N TYR A 40 17.31 -9.33 -13.43
CA TYR A 40 16.22 -8.80 -12.61
C TYR A 40 16.44 -7.32 -12.28
N VAL A 41 17.69 -6.98 -11.95
CA VAL A 41 18.01 -5.59 -11.67
C VAL A 41 17.80 -4.74 -12.94
N GLY A 42 18.22 -5.28 -14.07
CA GLY A 42 18.11 -4.57 -15.33
C GLY A 42 16.68 -4.24 -15.68
N ILE A 43 15.77 -5.16 -15.34
CA ILE A 43 14.34 -4.95 -15.57
C ILE A 43 13.87 -3.67 -14.88
N GLY A 44 14.38 -3.40 -13.68
CA GLY A 44 14.09 -2.16 -13.00
C GLY A 44 14.53 -0.95 -13.81
N ILE A 45 15.72 -1.06 -14.40
CA ILE A 45 16.28 0.00 -15.24
C ILE A 45 15.44 0.24 -16.50
N LEU A 46 15.05 -0.85 -17.18
CA LEU A 46 14.18 -0.75 -18.33
C LEU A 46 12.91 0.03 -18.00
N LEU A 47 12.33 -0.28 -16.83
CA LEU A 47 11.09 0.34 -16.38
C LEU A 47 11.23 1.84 -16.09
N ILE A 48 12.19 2.18 -15.25
CA ILE A 48 12.34 3.57 -14.82
C ILE A 48 12.95 4.47 -15.91
N PHE A 49 13.70 3.88 -16.83
CA PHE A 49 14.22 4.66 -17.96
C PHE A 49 13.15 4.91 -19.00
N THR A 50 12.18 4.01 -19.07
CA THR A 50 10.99 4.28 -19.86
C THR A 50 10.30 5.49 -19.24
N ILE A 51 10.12 5.41 -17.92
CA ILE A 51 9.50 6.50 -17.17
C ILE A 51 10.32 7.78 -17.29
N GLY A 52 11.64 7.66 -17.18
CA GLY A 52 12.53 8.79 -17.35
C GLY A 52 12.30 9.47 -18.69
N GLY A 53 12.15 8.67 -19.74
CA GLY A 53 11.96 9.19 -21.08
C GLY A 53 10.60 9.84 -21.26
N LEU A 54 9.55 9.18 -20.78
CA LEU A 54 8.21 9.73 -20.88
C LEU A 54 8.08 11.07 -20.18
N LEU A 55 8.62 11.15 -18.96
CA LEU A 55 8.42 12.33 -18.12
C LEU A 55 9.39 13.46 -18.41
N THR A 56 10.64 13.11 -18.73
CA THR A 56 11.62 14.12 -19.14
C THR A 56 11.10 14.81 -20.40
N ASP A 57 10.62 14.01 -21.35
CA ASP A 57 10.02 14.54 -22.56
C ASP A 57 8.89 15.51 -22.21
N ALA A 58 8.19 15.23 -21.11
CA ALA A 58 7.03 16.04 -20.71
C ALA A 58 7.42 17.25 -19.86
N GLY A 59 8.69 17.34 -19.50
CA GLY A 59 9.16 18.42 -18.66
C GLY A 59 8.63 18.35 -17.23
N SER A 60 8.27 17.14 -16.80
CA SER A 60 7.78 16.94 -15.44
C SER A 60 8.87 17.21 -14.41
N PRO A 61 8.52 17.91 -13.33
CA PRO A 61 9.47 18.07 -12.22
C PRO A 61 9.45 16.87 -11.28
N MET A 62 8.50 15.95 -11.50
CA MET A 62 8.34 14.77 -10.65
C MET A 62 9.13 13.58 -11.18
N THR A 63 9.76 13.75 -12.34
CA THR A 63 10.48 12.69 -13.02
C THR A 63 11.32 11.79 -12.10
N LYS A 64 12.29 12.39 -11.40
CA LYS A 64 13.23 11.62 -10.59
C LYS A 64 12.56 10.99 -9.37
N ILE A 65 11.47 11.59 -8.92
CA ILE A 65 10.72 11.03 -7.81
C ILE A 65 9.94 9.77 -8.26
N VAL A 66 9.25 9.87 -9.39
CA VAL A 66 8.50 8.73 -9.91
C VAL A 66 9.44 7.58 -10.26
N MET A 67 10.63 7.91 -10.77
CA MET A 67 11.63 6.88 -11.09
C MET A 67 12.10 6.12 -9.85
N GLY A 68 12.32 6.84 -8.76
CA GLY A 68 12.75 6.23 -7.51
C GLY A 68 11.67 5.33 -6.93
N LEU A 69 10.43 5.82 -6.93
CA LEU A 69 9.30 5.04 -6.46
C LEU A 69 9.11 3.75 -7.25
N SER A 70 9.55 3.76 -8.51
CA SER A 70 9.25 2.66 -9.43
C SER A 70 10.38 1.65 -9.60
N PHE A 71 11.47 1.82 -8.88
CA PHE A 71 12.64 0.95 -9.05
C PHE A 71 12.60 -0.31 -8.17
N ALA A 72 11.68 -0.33 -7.22
CA ALA A 72 11.62 -1.37 -6.18
C ALA A 72 11.70 -2.81 -6.71
N ILE A 73 11.18 -3.01 -7.91
CA ILE A 73 11.13 -4.36 -8.48
C ILE A 73 12.51 -4.99 -8.60
N ALA A 74 13.53 -4.15 -8.78
CA ALA A 74 14.89 -4.64 -9.06
C ALA A 74 15.44 -5.54 -7.96
N LEU A 75 15.50 -5.01 -6.74
CA LEU A 75 16.03 -5.77 -5.62
C LEU A 75 14.96 -6.66 -4.99
N SER A 76 13.69 -6.28 -5.17
CA SER A 76 12.59 -7.12 -4.70
C SER A 76 12.64 -8.50 -5.37
N LEU A 77 12.84 -8.49 -6.69
CA LEU A 77 12.94 -9.71 -7.45
C LEU A 77 14.13 -10.56 -7.01
N VAL A 78 15.28 -9.91 -6.82
CA VAL A 78 16.48 -10.61 -6.38
C VAL A 78 16.24 -11.33 -5.04
N ILE A 79 15.72 -10.59 -4.07
CA ILE A 79 15.45 -11.13 -2.74
C ILE A 79 14.38 -12.22 -2.78
N MET A 80 13.30 -11.99 -3.51
CA MET A 80 12.21 -12.95 -3.55
C MET A 80 12.54 -14.20 -4.38
N THR A 81 13.58 -14.13 -5.21
CA THR A 81 13.99 -15.30 -5.98
C THR A 81 15.26 -15.93 -5.41
N GLY A 82 15.86 -15.28 -4.42
CA GLY A 82 17.07 -15.78 -3.80
C GLY A 82 18.25 -15.97 -4.76
N THR A 83 18.41 -15.04 -5.69
CA THR A 83 19.50 -15.11 -6.66
C THR A 83 20.71 -14.30 -6.21
N GLU A 84 21.86 -14.56 -6.82
CA GLU A 84 23.13 -13.98 -6.38
C GLU A 84 23.42 -12.59 -6.95
N LEU A 85 23.50 -11.61 -6.07
CA LEU A 85 23.73 -10.22 -6.48
C LEU A 85 25.04 -9.68 -5.93
N PHE A 86 25.91 -9.24 -6.82
CA PHE A 86 27.23 -8.74 -6.44
C PHE A 86 27.24 -7.78 -5.26
N THR A 87 26.46 -6.70 -5.35
CA THR A 87 26.47 -5.65 -4.32
C THR A 87 26.10 -6.12 -2.90
N GLY A 88 25.01 -6.88 -2.80
CA GLY A 88 24.62 -7.43 -1.51
C GLY A 88 25.70 -8.36 -0.98
N ASN A 89 26.33 -9.08 -1.89
CA ASN A 89 27.45 -9.96 -1.55
C ASN A 89 28.59 -9.23 -0.85
N ASN A 90 28.63 -7.91 -1.02
CA ASN A 90 29.66 -7.11 -0.38
C ASN A 90 29.54 -7.16 1.14
N MET A 91 28.32 -6.95 1.64
CA MET A 91 28.06 -6.99 3.08
C MET A 91 28.11 -8.42 3.64
N VAL A 92 27.51 -9.35 2.90
CA VAL A 92 27.41 -10.74 3.34
C VAL A 92 28.78 -11.41 3.46
N MET A 93 29.54 -11.42 2.37
CA MET A 93 30.86 -12.03 2.37
C MET A 93 31.82 -11.35 3.36
N SER A 94 31.82 -10.02 3.39
CA SER A 94 32.73 -9.30 4.28
C SER A 94 32.40 -9.61 5.74
N ALA A 95 31.11 -9.66 6.06
CA ALA A 95 30.68 -10.00 7.41
C ALA A 95 31.08 -11.42 7.78
N GLY A 96 30.73 -12.38 6.93
CA GLY A 96 31.04 -13.78 7.17
C GLY A 96 32.53 -14.07 7.25
N MET A 97 33.30 -13.36 6.44
CA MET A 97 34.75 -13.50 6.45
C MET A 97 35.29 -13.03 7.81
N LEU A 98 34.92 -11.82 8.19
CA LEU A 98 35.33 -11.28 9.48
C LEU A 98 34.96 -12.25 10.61
N ASN A 99 33.83 -12.94 10.45
CA ASN A 99 33.36 -13.86 11.47
C ASN A 99 33.95 -15.26 11.32
N LYS A 100 34.94 -15.40 10.46
CA LYS A 100 35.65 -16.67 10.27
C LYS A 100 34.80 -17.80 9.68
N GLY A 101 33.78 -17.45 8.91
CA GLY A 101 32.96 -18.45 8.24
C GLY A 101 33.46 -18.73 6.83
N VAL A 102 34.12 -17.73 6.25
CA VAL A 102 34.67 -17.83 4.91
C VAL A 102 35.98 -17.06 4.87
N SER A 103 36.75 -17.25 3.82
CA SER A 103 38.08 -16.66 3.75
C SER A 103 38.15 -15.50 2.77
N ILE A 104 39.27 -14.77 2.82
CA ILE A 104 39.51 -13.68 1.88
C ILE A 104 39.47 -14.21 0.45
N LYS A 105 39.91 -15.44 0.27
CA LYS A 105 39.93 -16.06 -1.05
C LYS A 105 38.51 -16.35 -1.52
N ASP A 106 37.70 -16.92 -0.62
CA ASP A 106 36.30 -17.21 -0.95
C ASP A 106 35.55 -15.92 -1.29
N THR A 107 35.93 -14.83 -0.63
CA THR A 107 35.24 -13.55 -0.79
C THR A 107 35.53 -12.90 -2.13
N SER A 108 36.79 -12.89 -2.53
CA SER A 108 37.16 -12.30 -3.81
C SER A 108 36.62 -13.15 -4.95
N LYS A 109 36.48 -14.46 -4.68
CA LYS A 109 35.97 -15.38 -5.67
C LYS A 109 34.47 -15.17 -5.89
N ILE A 110 33.72 -15.13 -4.80
CA ILE A 110 32.29 -14.87 -4.86
C ILE A 110 32.02 -13.52 -5.52
N TRP A 111 32.78 -12.51 -5.12
CA TRP A 111 32.65 -11.17 -5.67
C TRP A 111 32.89 -11.14 -7.19
N ALA A 112 33.96 -11.79 -7.63
CA ALA A 112 34.32 -11.78 -9.05
C ALA A 112 33.33 -12.55 -9.92
N TYR A 113 32.92 -13.73 -9.46
CA TYR A 113 31.95 -14.54 -10.18
C TYR A 113 30.56 -13.89 -10.22
N SER A 114 30.11 -13.38 -9.07
CA SER A 114 28.79 -12.76 -9.01
C SER A 114 28.76 -11.48 -9.85
N TRP A 115 29.86 -10.74 -9.84
CA TRP A 115 29.97 -9.53 -10.64
C TRP A 115 29.90 -9.86 -12.13
N VAL A 116 30.69 -10.85 -12.54
CA VAL A 116 30.70 -11.28 -13.95
C VAL A 116 29.38 -11.92 -14.36
N GLY A 117 28.81 -12.72 -13.46
CA GLY A 117 27.53 -13.36 -13.71
C GLY A 117 26.41 -12.34 -13.85
N ASN A 118 26.43 -11.32 -13.01
CA ASN A 118 25.46 -10.23 -13.11
C ASN A 118 25.56 -9.53 -14.47
N LEU A 119 26.79 -9.29 -14.91
CA LEU A 119 27.05 -8.67 -16.22
C LEU A 119 26.45 -9.51 -17.34
N ILE A 120 26.62 -10.83 -17.26
CA ILE A 120 26.07 -11.73 -18.26
C ILE A 120 24.57 -11.51 -18.40
N GLY A 121 23.87 -11.37 -17.27
CA GLY A 121 22.45 -11.10 -17.27
C GLY A 121 22.10 -9.76 -17.91
N ALA A 122 22.91 -8.74 -17.65
CA ALA A 122 22.69 -7.40 -18.19
C ALA A 122 22.86 -7.38 -19.72
N LEU A 123 23.93 -8.01 -20.20
CA LEU A 123 24.18 -8.16 -21.64
C LEU A 123 23.03 -8.87 -22.34
N VAL A 124 22.56 -9.97 -21.75
CA VAL A 124 21.46 -10.74 -22.32
C VAL A 124 20.19 -9.90 -22.36
N LEU A 125 19.93 -9.17 -21.28
CA LEU A 125 18.77 -8.28 -21.23
C LEU A 125 18.88 -7.16 -22.25
N GLY A 126 20.08 -6.62 -22.42
CA GLY A 126 20.30 -5.51 -23.34
C GLY A 126 20.05 -5.89 -24.78
N ILE A 127 20.57 -7.05 -25.17
CA ILE A 127 20.39 -7.56 -26.53
C ILE A 127 18.91 -7.75 -26.84
N ILE A 128 18.21 -8.40 -25.92
CA ILE A 128 16.78 -8.66 -26.11
C ILE A 128 15.96 -7.37 -26.10
N PHE A 129 16.22 -6.48 -25.14
CA PHE A 129 15.50 -5.22 -25.10
C PHE A 129 15.68 -4.42 -26.40
N VAL A 130 16.91 -4.34 -26.90
CA VAL A 130 17.17 -3.70 -28.20
C VAL A 130 16.33 -4.33 -29.32
N GLY A 131 16.24 -5.65 -29.32
CA GLY A 131 15.46 -6.37 -30.31
C GLY A 131 13.96 -6.10 -30.24
N THR A 132 13.49 -5.53 -29.14
CA THR A 132 12.08 -5.15 -29.04
C THR A 132 11.80 -3.94 -29.92
N GLY A 133 12.85 -3.22 -30.30
CA GLY A 133 12.70 -1.99 -31.06
C GLY A 133 12.28 -0.81 -30.18
N LEU A 134 12.31 -1.00 -28.87
CA LEU A 134 11.81 0.00 -27.93
C LEU A 134 12.77 1.16 -27.70
N VAL A 135 14.03 0.96 -28.08
CA VAL A 135 15.00 2.05 -28.06
C VAL A 135 15.49 2.37 -29.48
N ASP A 136 14.62 2.15 -30.46
CA ASP A 136 14.93 2.52 -31.84
C ASP A 136 15.03 4.03 -31.97
N LYS A 137 14.09 4.74 -31.38
CA LYS A 137 14.03 6.18 -31.55
C LYS A 137 12.97 6.77 -30.65
N GLY A 138 13.26 7.93 -30.08
CA GLY A 138 12.32 8.58 -29.19
C GLY A 138 12.94 8.89 -27.85
N PRO A 139 12.12 9.41 -26.93
CA PRO A 139 12.57 9.85 -25.61
C PRO A 139 13.24 8.74 -24.79
N VAL A 140 12.78 7.50 -24.91
CA VAL A 140 13.37 6.43 -24.12
C VAL A 140 14.81 6.15 -24.56
N ALA A 141 15.02 6.02 -25.87
CA ALA A 141 16.37 5.87 -26.40
C ALA A 141 17.26 7.04 -25.95
N GLU A 142 16.72 8.26 -26.08
CA GLU A 142 17.44 9.46 -25.67
C GLU A 142 17.81 9.44 -24.20
N PHE A 143 16.89 8.97 -23.36
CA PHE A 143 17.13 8.94 -21.92
C PHE A 143 18.31 8.03 -21.59
N PHE A 144 18.33 6.83 -22.18
CA PHE A 144 19.49 5.96 -22.09
C PHE A 144 20.78 6.67 -22.53
N ALA A 145 20.76 7.26 -23.72
CA ALA A 145 21.94 7.89 -24.30
C ALA A 145 22.51 9.01 -23.43
N ASN A 146 21.62 9.89 -22.95
CA ASN A 146 22.05 11.02 -22.14
C ASN A 146 22.51 10.60 -20.76
N THR A 147 21.81 9.64 -20.17
CA THR A 147 22.16 9.14 -18.84
C THR A 147 23.47 8.35 -18.87
N ALA A 148 23.61 7.45 -19.83
CA ALA A 148 24.85 6.72 -20.00
C ALA A 148 26.03 7.67 -20.17
N ALA A 149 25.84 8.72 -20.97
CA ALA A 149 26.90 9.69 -21.21
C ALA A 149 27.27 10.46 -19.95
N SER A 150 26.26 10.92 -19.21
CA SER A 150 26.50 11.65 -17.97
C SER A 150 27.20 10.77 -16.94
N LYS A 151 26.81 9.49 -16.87
CA LYS A 151 27.42 8.56 -15.92
C LYS A 151 28.86 8.26 -16.28
N ALA A 152 29.18 8.35 -17.57
CA ALA A 152 30.53 8.04 -18.04
C ALA A 152 31.47 9.24 -17.98
N SER A 153 30.91 10.45 -17.97
CA SER A 153 31.73 11.65 -17.98
C SER A 153 31.87 12.30 -16.60
N MET A 154 31.28 11.68 -15.58
CA MET A 154 31.35 12.21 -14.22
C MET A 154 32.69 11.88 -13.56
N PRO A 155 33.27 12.84 -12.84
CA PRO A 155 34.55 12.68 -12.14
C PRO A 155 34.56 11.47 -11.21
N PHE A 156 35.74 10.85 -11.06
CA PHE A 156 35.88 9.61 -10.29
C PHE A 156 35.39 9.74 -8.85
N THR A 157 35.96 10.70 -8.13
CA THR A 157 35.62 10.92 -6.72
C THR A 157 34.10 10.93 -6.48
N ALA A 158 33.36 11.58 -7.38
CA ALA A 158 31.92 11.73 -7.21
C ALA A 158 31.20 10.40 -7.41
N LEU A 159 31.60 9.67 -8.45
CA LEU A 159 31.04 8.35 -8.72
C LEU A 159 31.30 7.42 -7.55
N PHE A 160 32.55 7.42 -7.08
CA PHE A 160 32.98 6.58 -5.97
C PHE A 160 32.09 6.79 -4.73
N PHE A 161 31.95 8.04 -4.32
CA PHE A 161 31.16 8.35 -3.14
C PHE A 161 29.67 8.07 -3.34
N ARG A 162 29.20 8.25 -4.57
CA ARG A 162 27.81 7.89 -4.89
C ARG A 162 27.64 6.38 -4.83
N GLY A 163 28.72 5.65 -5.13
CA GLY A 163 28.72 4.21 -5.05
C GLY A 163 28.67 3.74 -3.61
N ILE A 164 29.30 4.49 -2.71
CA ILE A 164 29.29 4.15 -1.31
C ILE A 164 27.88 4.24 -0.72
N LEU A 165 27.23 5.39 -0.90
CA LEU A 165 25.91 5.61 -0.33
C LEU A 165 24.86 4.67 -0.93
N CYS A 166 25.05 4.32 -2.20
CA CYS A 166 24.14 3.40 -2.86
C CYS A 166 24.14 2.02 -2.22
N ASN A 167 25.33 1.45 -1.99
CA ASN A 167 25.40 0.10 -1.46
C ASN A 167 25.18 0.03 0.04
N ILE A 168 25.24 1.17 0.71
CA ILE A 168 24.80 1.23 2.08
C ILE A 168 23.29 1.00 2.08
N LEU A 169 22.59 1.61 1.12
CA LEU A 169 21.14 1.46 1.04
C LEU A 169 20.72 0.07 0.57
N VAL A 170 21.40 -0.41 -0.48
CA VAL A 170 21.11 -1.75 -0.98
C VAL A 170 21.38 -2.80 0.09
N CYS A 171 22.56 -2.74 0.69
CA CYS A 171 22.93 -3.74 1.70
C CYS A 171 22.10 -3.66 2.97
N VAL A 172 21.70 -2.46 3.38
CA VAL A 172 20.87 -2.34 4.57
C VAL A 172 19.47 -2.89 4.31
N SER A 173 19.04 -2.85 3.04
CA SER A 173 17.76 -3.43 2.68
C SER A 173 17.87 -4.95 2.67
N VAL A 174 19.05 -5.46 2.35
CA VAL A 174 19.32 -6.88 2.45
C VAL A 174 19.42 -7.29 3.92
N LEU A 175 19.98 -6.40 4.74
CA LEU A 175 20.09 -6.65 6.17
C LEU A 175 18.71 -6.75 6.82
N CYS A 176 17.79 -5.89 6.41
CA CYS A 176 16.43 -5.92 6.92
C CYS A 176 15.75 -7.24 6.59
N SER A 177 16.00 -7.74 5.38
CA SER A 177 15.38 -8.99 4.94
C SER A 177 15.86 -10.16 5.81
N PHE A 178 17.05 -10.03 6.37
CA PHE A 178 17.59 -11.04 7.29
C PHE A 178 17.01 -10.89 8.70
N ARG A 179 16.46 -9.72 9.00
CA ARG A 179 16.03 -9.42 10.36
C ARG A 179 14.51 -9.51 10.55
N THR A 180 13.79 -9.80 9.47
CA THR A 180 12.35 -10.01 9.59
C THR A 180 11.93 -11.33 8.94
N ASN A 181 10.75 -11.81 9.31
CA ASN A 181 10.19 -13.00 8.69
C ASN A 181 9.02 -12.66 7.78
N SER A 182 8.62 -11.40 7.80
CA SER A 182 7.55 -10.92 6.93
C SER A 182 8.10 -10.55 5.55
N ASP A 183 7.71 -11.31 4.53
CA ASP A 183 8.12 -11.02 3.16
C ASP A 183 7.61 -9.66 2.69
N THR A 184 6.45 -9.26 3.19
CA THR A 184 5.88 -7.97 2.81
C THR A 184 6.73 -6.81 3.34
N ALA A 185 7.13 -6.91 4.61
CA ALA A 185 8.03 -5.93 5.21
C ALA A 185 9.37 -5.87 4.48
N LYS A 186 9.84 -7.03 3.99
CA LYS A 186 11.06 -7.08 3.21
C LYS A 186 10.91 -6.23 1.96
N ILE A 187 9.81 -6.44 1.25
CA ILE A 187 9.55 -5.72 0.01
C ILE A 187 9.37 -4.22 0.29
N ILE A 188 8.65 -3.88 1.35
CA ILE A 188 8.48 -2.49 1.73
C ILE A 188 9.81 -1.81 2.01
N MET A 189 10.68 -2.48 2.77
CA MET A 189 11.98 -1.90 3.11
C MET A 189 12.82 -1.72 1.85
N ILE A 190 12.80 -2.72 0.98
CA ILE A 190 13.50 -2.64 -0.29
C ILE A 190 13.00 -1.44 -1.10
N PHE A 191 11.68 -1.29 -1.14
CA PHE A 191 11.03 -0.19 -1.84
C PHE A 191 11.53 1.17 -1.35
N LEU A 192 11.59 1.32 -0.02
CA LEU A 192 12.02 2.57 0.59
C LEU A 192 13.49 2.86 0.29
N CYS A 193 14.32 1.83 0.38
CA CYS A 193 15.76 2.00 0.20
C CYS A 193 16.11 2.34 -1.24
N LEU A 194 15.46 1.68 -2.18
CA LEU A 194 15.69 1.93 -3.60
C LEU A 194 15.08 3.27 -4.03
N PHE A 195 13.98 3.64 -3.40
CA PHE A 195 13.40 4.97 -3.57
C PHE A 195 14.44 6.00 -3.17
N ALA A 196 14.99 5.84 -1.96
CA ALA A 196 16.02 6.74 -1.46
C ALA A 196 17.23 6.83 -2.38
N PHE A 197 17.77 5.69 -2.82
CA PHE A 197 19.04 5.73 -3.55
C PHE A 197 18.92 6.23 -5.00
N ILE A 198 17.85 5.81 -5.67
CA ILE A 198 17.60 6.28 -7.04
C ILE A 198 17.30 7.79 -7.04
N THR A 199 16.36 8.23 -6.20
CA THR A 199 15.98 9.64 -6.22
C THR A 199 17.10 10.56 -5.70
N SER A 200 17.86 10.13 -4.70
CA SER A 200 18.96 10.94 -4.18
C SER A 200 20.10 11.11 -5.19
N GLY A 201 20.28 10.12 -6.06
CA GLY A 201 21.30 10.19 -7.10
C GLY A 201 22.51 9.28 -6.88
N PHE A 202 22.34 8.23 -6.10
CA PHE A 202 23.45 7.33 -5.82
C PHE A 202 23.67 6.34 -6.97
N GLU A 203 24.82 5.67 -6.97
CA GLU A 203 25.25 4.87 -8.12
C GLU A 203 25.34 3.37 -7.79
N HIS A 204 24.68 2.55 -8.59
CA HIS A 204 24.69 1.09 -8.42
C HIS A 204 25.39 0.43 -9.61
N SER A 205 26.43 -0.35 -9.33
CA SER A 205 27.24 -0.95 -10.38
C SER A 205 26.48 -1.93 -11.26
N VAL A 206 25.60 -2.73 -10.67
CA VAL A 206 24.88 -3.76 -11.42
C VAL A 206 23.77 -3.18 -12.30
N ALA A 207 23.01 -2.22 -11.76
CA ALA A 207 22.01 -1.52 -12.56
C ALA A 207 22.66 -0.82 -13.75
N ASN A 208 23.86 -0.26 -13.53
CA ASN A 208 24.57 0.46 -14.59
C ASN A 208 25.02 -0.43 -15.74
N MET A 209 25.30 -1.69 -15.43
CA MET A 209 25.63 -2.69 -16.45
C MET A 209 24.57 -2.72 -17.54
N THR A 210 23.31 -2.70 -17.15
CA THR A 210 22.20 -2.69 -18.10
C THR A 210 22.06 -1.36 -18.84
N ILE A 211 22.39 -0.26 -18.17
CA ILE A 211 22.38 1.05 -18.81
C ILE A 211 23.34 1.06 -19.99
N TYR A 212 24.55 0.54 -19.77
CA TYR A 212 25.54 0.50 -20.82
C TYR A 212 25.29 -0.64 -21.81
N SER A 213 24.72 -1.74 -21.32
CA SER A 213 24.33 -2.84 -22.19
C SER A 213 23.36 -2.36 -23.27
N VAL A 214 22.26 -1.75 -22.83
CA VAL A 214 21.28 -1.21 -23.77
C VAL A 214 21.90 -0.15 -24.69
N SER A 215 22.62 0.79 -24.10
CA SER A 215 23.19 1.90 -24.86
C SER A 215 24.19 1.44 -25.92
N LEU A 216 24.95 0.40 -25.60
CA LEU A 216 26.00 -0.06 -26.51
C LEU A 216 25.46 -1.00 -27.61
N PHE A 217 24.56 -1.90 -27.25
CA PHE A 217 23.98 -2.82 -28.24
C PHE A 217 23.05 -2.12 -29.21
N SER A 218 22.48 -0.98 -28.78
CA SER A 218 21.55 -0.25 -29.63
C SER A 218 22.27 0.58 -30.70
N PRO A 219 21.88 0.39 -31.97
CA PRO A 219 22.42 1.15 -33.10
C PRO A 219 21.98 2.62 -33.07
N THR A 220 20.85 2.89 -32.42
CA THR A 220 20.31 4.24 -32.35
C THR A 220 21.07 5.11 -31.36
N ILE A 221 21.90 4.48 -30.54
CA ILE A 221 22.61 5.17 -29.46
C ILE A 221 24.12 5.17 -29.70
N SER A 222 24.66 6.33 -30.03
CA SER A 222 26.07 6.47 -30.34
C SER A 222 26.68 7.54 -29.44
N THR A 223 26.64 7.31 -28.13
CA THR A 223 26.94 8.37 -27.18
C THR A 223 28.03 8.06 -26.17
N VAL A 224 28.39 6.79 -25.99
CA VAL A 224 29.15 6.43 -24.79
C VAL A 224 30.38 5.49 -24.90
N THR A 225 30.37 4.55 -25.85
CA THR A 225 31.48 3.58 -26.00
C THR A 225 31.76 2.66 -24.79
N ILE A 226 32.43 1.55 -25.05
CA ILE A 226 32.80 0.56 -24.03
C ILE A 226 33.77 1.11 -22.98
N GLY A 227 34.73 1.94 -23.42
CA GLY A 227 35.69 2.55 -22.51
C GLY A 227 34.98 3.35 -21.43
N GLY A 228 33.97 4.11 -21.83
CA GLY A 228 33.18 4.87 -20.88
C GLY A 228 32.49 3.97 -19.88
N ALA A 229 31.91 2.88 -20.37
CA ALA A 229 31.21 1.93 -19.52
C ALA A 229 32.14 1.36 -18.45
N ILE A 230 33.34 0.95 -18.88
CA ILE A 230 34.32 0.39 -17.97
C ILE A 230 34.74 1.40 -16.91
N TYR A 231 34.93 2.64 -17.33
CA TYR A 231 35.31 3.71 -16.41
C TYR A 231 34.29 3.87 -15.29
N ASN A 232 33.04 4.08 -15.67
CA ASN A 232 31.96 4.23 -14.70
C ASN A 232 31.84 3.01 -13.80
N LEU A 233 31.87 1.83 -14.40
CA LEU A 233 31.68 0.57 -13.68
C LEU A 233 32.76 0.33 -12.63
N VAL A 234 34.01 0.62 -12.98
CA VAL A 234 35.14 0.47 -12.07
C VAL A 234 35.01 1.37 -10.84
N ALA A 235 34.73 2.65 -11.08
CA ALA A 235 34.60 3.63 -10.00
C ALA A 235 33.41 3.32 -9.10
N VAL A 236 32.28 2.99 -9.73
CA VAL A 236 31.06 2.69 -9.00
C VAL A 236 31.18 1.35 -8.25
N THR A 237 31.84 0.38 -8.86
CA THR A 237 32.05 -0.91 -8.21
C THR A 237 32.90 -0.77 -6.95
N LEU A 238 33.96 0.03 -7.03
CA LEU A 238 34.85 0.25 -5.89
C LEU A 238 34.12 0.93 -4.74
N GLY A 239 33.25 1.89 -5.07
CA GLY A 239 32.45 2.58 -4.07
C GLY A 239 31.43 1.65 -3.45
N ASN A 240 30.75 0.88 -4.31
CA ASN A 240 29.83 -0.15 -3.82
C ASN A 240 30.51 -1.04 -2.77
N ILE A 241 31.73 -1.47 -3.08
CA ILE A 241 32.46 -2.35 -2.19
C ILE A 241 32.71 -1.70 -0.83
N VAL A 242 33.19 -0.46 -0.84
CA VAL A 242 33.46 0.26 0.40
C VAL A 242 32.18 0.41 1.22
N GLY A 243 31.09 0.77 0.56
CA GLY A 243 29.81 0.91 1.23
C GLY A 243 29.33 -0.38 1.86
N GLY A 244 29.36 -1.46 1.07
CA GLY A 244 28.83 -2.73 1.51
C GLY A 244 29.74 -3.51 2.46
N ALA A 245 31.05 -3.45 2.23
CA ALA A 245 32.01 -4.20 3.03
C ALA A 245 32.54 -3.39 4.22
N LEU A 246 33.05 -2.19 3.95
CA LEU A 246 33.67 -1.35 4.97
C LEU A 246 32.66 -0.79 5.98
N PHE A 247 31.47 -0.44 5.49
CA PHE A 247 30.42 0.10 6.37
C PHE A 247 29.49 -0.99 6.91
N MET A 248 28.68 -1.56 6.02
CA MET A 248 27.67 -2.55 6.43
C MET A 248 28.27 -3.84 6.96
N GLY A 249 29.18 -4.45 6.20
CA GLY A 249 29.85 -5.67 6.62
C GLY A 249 30.59 -5.53 7.94
N LEU A 250 31.54 -4.61 7.99
CA LEU A 250 32.32 -4.38 9.20
C LEU A 250 31.40 -3.97 10.34
N GLY A 251 30.42 -3.12 10.05
CA GLY A 251 29.49 -2.64 11.05
C GLY A 251 28.67 -3.73 11.71
N THR A 252 28.06 -4.61 10.91
CA THR A 252 27.20 -5.64 11.46
C THR A 252 28.01 -6.72 12.19
N TYR A 253 29.24 -6.93 11.76
CA TYR A 253 30.14 -7.83 12.47
C TYR A 253 30.42 -7.30 13.87
N ILE A 254 30.76 -6.02 13.96
CA ILE A 254 31.05 -5.38 15.24
C ILE A 254 29.85 -5.45 16.18
N LEU A 255 28.66 -5.20 15.64
CA LEU A 255 27.43 -5.25 16.43
C LEU A 255 27.15 -6.67 16.91
N GLY A 256 27.42 -7.65 16.05
CA GLY A 256 27.01 -9.02 16.30
C GLY A 256 28.04 -9.94 16.92
N LYS A 257 29.31 -9.56 16.89
CA LYS A 257 30.39 -10.44 17.33
C LYS A 257 30.43 -10.60 18.86
N GLU A 258 29.95 -11.74 19.35
CA GLU A 258 30.10 -12.09 20.75
C GLU A 258 31.60 -12.20 21.05
N LYS A 259 32.16 -11.10 21.56
CA LYS A 259 33.61 -11.01 21.75
C LYS A 259 34.01 -11.19 23.20
N ARG B 3 -5.82 -4.02 26.75
CA ARG B 3 -5.11 -2.77 26.59
C ARG B 3 -3.59 -2.97 26.70
N ALA B 4 -3.19 -3.95 27.50
CA ALA B 4 -1.80 -4.35 27.61
C ALA B 4 -0.85 -3.23 28.06
N HIS B 5 -1.36 -2.30 28.85
CA HIS B 5 -0.55 -1.19 29.31
C HIS B 5 0.61 -1.65 30.21
N LYS B 6 0.37 -2.67 31.03
CA LYS B 6 1.42 -3.19 31.90
C LYS B 6 2.47 -3.94 31.09
N GLU B 7 2.01 -4.86 30.23
CA GLU B 7 2.88 -5.58 29.31
C GLU B 7 3.82 -4.61 28.56
N THR B 8 3.24 -3.53 28.06
CA THR B 8 4.00 -2.52 27.32
C THR B 8 5.09 -1.87 28.19
N LEU B 9 4.73 -1.50 29.41
CA LEU B 9 5.71 -0.95 30.35
C LEU B 9 6.84 -1.94 30.63
N ASP B 10 6.49 -3.21 30.80
CA ASP B 10 7.50 -4.25 31.00
C ASP B 10 8.44 -4.37 29.80
N LYS B 11 7.91 -4.24 28.59
CA LYS B 11 8.74 -4.27 27.38
C LYS B 11 9.69 -3.07 27.35
N LEU B 12 9.14 -1.88 27.61
CA LEU B 12 9.94 -0.66 27.68
C LEU B 12 11.02 -0.78 28.73
N THR B 13 10.66 -1.31 29.89
CA THR B 13 11.61 -1.48 30.98
C THR B 13 12.72 -2.46 30.58
N ASN B 14 12.34 -3.59 29.99
CA ASN B 14 13.34 -4.52 29.48
C ASN B 14 14.26 -3.86 28.46
N ALA B 15 13.69 -3.09 27.55
CA ALA B 15 14.48 -2.43 26.49
C ALA B 15 15.48 -1.43 27.08
N ALA B 16 15.06 -0.71 28.11
CA ALA B 16 15.95 0.24 28.78
C ALA B 16 17.12 -0.51 29.41
N ILE B 17 16.81 -1.60 30.10
CA ILE B 17 17.83 -2.44 30.74
C ILE B 17 18.81 -2.99 29.71
N ASN B 18 18.29 -3.50 28.60
CA ASN B 18 19.12 -4.03 27.54
C ASN B 18 20.04 -2.97 26.93
N SER B 19 19.54 -1.74 26.82
CA SER B 19 20.34 -0.63 26.33
C SER B 19 21.53 -0.32 27.26
N ILE B 20 21.27 -0.15 28.55
CA ILE B 20 22.33 0.22 29.47
C ILE B 20 23.35 -0.91 29.61
N ASN B 21 22.87 -2.15 29.47
CA ASN B 21 23.78 -3.30 29.48
C ASN B 21 24.71 -3.32 28.26
N LEU B 22 24.18 -2.99 27.09
CA LEU B 22 25.00 -2.91 25.88
C LEU B 22 26.13 -1.89 26.07
N LEU B 23 25.76 -0.69 26.49
CA LEU B 23 26.75 0.37 26.73
C LEU B 23 27.80 -0.07 27.76
N ASN B 24 27.34 -0.55 28.91
CA ASN B 24 28.25 -1.04 29.94
C ASN B 24 29.14 -2.17 29.42
N THR B 25 28.57 -3.04 28.60
CA THR B 25 29.31 -4.16 28.04
C THR B 25 30.36 -3.70 27.02
N SER B 26 29.96 -2.85 26.08
CA SER B 26 30.87 -2.39 25.04
C SER B 26 30.52 -1.01 24.49
N LYS B 27 31.39 -0.04 24.75
CA LYS B 27 31.19 1.32 24.24
C LYS B 27 31.28 1.35 22.72
N VAL B 28 32.19 0.55 22.17
CA VAL B 28 32.36 0.49 20.73
C VAL B 28 31.08 0.01 20.04
N LYS B 29 30.48 -1.06 20.55
CA LYS B 29 29.22 -1.53 20.00
C LYS B 29 28.17 -0.44 20.10
N TYR B 30 28.04 0.13 21.29
CA TYR B 30 26.98 1.12 21.51
C TYR B 30 27.11 2.32 20.57
N LEU B 31 28.32 2.83 20.43
CA LEU B 31 28.58 3.97 19.56
C LEU B 31 28.42 3.61 18.07
N VAL B 32 28.84 2.42 17.70
CA VAL B 32 28.65 1.95 16.32
C VAL B 32 27.16 1.86 16.01
N SER B 33 26.41 1.28 16.93
CA SER B 33 24.95 1.22 16.80
C SER B 33 24.32 2.61 16.69
N SER B 34 24.74 3.52 17.57
CA SER B 34 24.26 4.90 17.54
C SER B 34 24.63 5.60 16.23
N ALA B 35 25.85 5.40 15.78
CA ALA B 35 26.30 5.98 14.52
C ALA B 35 25.42 5.52 13.37
N PHE B 36 25.10 4.23 13.33
CA PHE B 36 24.20 3.67 12.33
C PHE B 36 22.85 4.38 12.31
N ALA B 37 22.21 4.51 13.46
CA ALA B 37 20.90 5.16 13.56
C ALA B 37 20.97 6.59 13.06
N GLY B 38 21.97 7.32 13.52
CA GLY B 38 22.18 8.70 13.09
C GLY B 38 22.28 8.79 11.58
N LEU B 39 23.02 7.85 10.98
CA LEU B 39 23.22 7.84 9.54
C LEU B 39 21.96 7.40 8.80
N TYR B 40 21.20 6.47 9.39
CA TYR B 40 19.95 6.02 8.78
C TYR B 40 18.91 7.14 8.75
N VAL B 41 18.78 7.84 9.85
CA VAL B 41 17.89 9.00 9.89
C VAL B 41 18.34 10.02 8.85
N GLY B 42 19.65 10.24 8.77
CA GLY B 42 20.21 11.19 7.83
C GLY B 42 19.87 10.83 6.38
N ILE B 43 19.92 9.54 6.07
CA ILE B 43 19.52 9.07 4.75
C ILE B 43 18.14 9.60 4.36
N GLY B 44 17.23 9.63 5.32
CA GLY B 44 15.91 10.17 5.08
C GLY B 44 15.95 11.65 4.72
N ILE B 45 16.87 12.38 5.35
CA ILE B 45 17.03 13.80 5.09
C ILE B 45 17.56 14.05 3.67
N LEU B 46 18.54 13.25 3.26
CA LEU B 46 19.09 13.38 1.92
C LEU B 46 18.00 13.19 0.87
N LEU B 47 17.14 12.20 1.07
CA LEU B 47 16.05 11.94 0.14
C LEU B 47 15.05 13.09 0.09
N ILE B 48 14.47 13.43 1.24
CA ILE B 48 13.41 14.44 1.26
C ILE B 48 13.92 15.85 1.00
N PHE B 49 15.21 16.08 1.25
CA PHE B 49 15.81 17.36 0.88
C PHE B 49 16.09 17.43 -0.62
N THR B 50 16.37 16.29 -1.24
CA THR B 50 16.48 16.22 -2.69
C THR B 50 15.10 16.53 -3.29
N ILE B 51 14.07 15.94 -2.68
CA ILE B 51 12.69 16.19 -3.09
C ILE B 51 12.33 17.66 -2.87
N GLY B 52 12.74 18.20 -1.73
CA GLY B 52 12.53 19.60 -1.43
C GLY B 52 13.06 20.53 -2.51
N GLY B 53 14.33 20.37 -2.85
CA GLY B 53 14.95 21.18 -3.89
C GLY B 53 14.24 21.03 -5.21
N LEU B 54 14.03 19.79 -5.63
CA LEU B 54 13.32 19.50 -6.87
C LEU B 54 11.99 20.23 -6.97
N LEU B 55 11.14 20.03 -5.96
CA LEU B 55 9.77 20.54 -6.02
C LEU B 55 9.66 22.04 -5.70
N THR B 56 10.55 22.53 -4.83
CA THR B 56 10.53 23.96 -4.50
C THR B 56 10.90 24.79 -5.72
N ASP B 57 11.91 24.33 -6.44
CA ASP B 57 12.38 25.00 -7.66
C ASP B 57 11.23 25.10 -8.66
N ALA B 58 10.37 24.09 -8.66
CA ALA B 58 9.26 24.03 -9.62
C ALA B 58 8.03 24.78 -9.11
N GLY B 59 8.09 25.26 -7.88
CA GLY B 59 6.99 26.01 -7.30
C GLY B 59 5.76 25.16 -7.03
N SER B 60 5.99 23.88 -6.74
CA SER B 60 4.89 22.96 -6.44
C SER B 60 4.31 23.22 -5.06
N PRO B 61 2.96 23.16 -4.95
CA PRO B 61 2.30 23.29 -3.65
C PRO B 61 2.39 22.00 -2.84
N MET B 62 2.77 20.91 -3.51
CA MET B 62 2.78 19.58 -2.89
C MET B 62 4.11 19.27 -2.18
N THR B 63 5.08 20.15 -2.32
CA THR B 63 6.44 19.92 -1.82
C THR B 63 6.52 19.28 -0.43
N LYS B 64 5.92 19.94 0.56
CA LYS B 64 6.02 19.49 1.95
C LYS B 64 5.21 18.23 2.22
N ILE B 65 4.17 18.03 1.43
CA ILE B 65 3.37 16.82 1.53
C ILE B 65 4.18 15.63 1.02
N VAL B 66 4.77 15.77 -0.16
CA VAL B 66 5.64 14.74 -0.72
C VAL B 66 6.85 14.44 0.17
N MET B 67 7.39 15.48 0.80
CA MET B 67 8.51 15.30 1.73
C MET B 67 8.08 14.45 2.92
N GLY B 68 6.98 14.84 3.56
CA GLY B 68 6.47 14.09 4.69
C GLY B 68 6.21 12.63 4.33
N LEU B 69 5.62 12.39 3.16
CA LEU B 69 5.32 11.04 2.73
C LEU B 69 6.58 10.21 2.49
N SER B 70 7.69 10.89 2.23
CA SER B 70 8.91 10.21 1.79
C SER B 70 9.96 10.05 2.88
N PHE B 71 9.60 10.40 4.11
CA PHE B 71 10.57 10.39 5.20
C PHE B 71 10.60 9.08 5.99
N ALA B 72 9.59 8.23 5.76
CA ALA B 72 9.41 6.99 6.51
C ALA B 72 10.69 6.15 6.68
N ILE B 73 11.48 6.06 5.62
CA ILE B 73 12.70 5.26 5.66
C ILE B 73 13.56 5.55 6.91
N ALA B 74 13.52 6.79 7.38
CA ALA B 74 14.43 7.22 8.43
C ALA B 74 14.30 6.39 9.70
N LEU B 75 13.09 6.31 10.23
CA LEU B 75 12.87 5.58 11.47
C LEU B 75 12.55 4.11 11.17
N SER B 76 12.06 3.84 9.96
CA SER B 76 11.84 2.47 9.53
C SER B 76 13.15 1.68 9.57
N LEU B 77 14.23 2.30 9.08
CA LEU B 77 15.54 1.68 9.11
C LEU B 77 16.04 1.46 10.54
N VAL B 78 15.81 2.44 11.41
CA VAL B 78 16.22 2.34 12.80
C VAL B 78 15.54 1.18 13.51
N ILE B 79 14.23 1.08 13.33
CA ILE B 79 13.44 0.01 13.94
C ILE B 79 13.82 -1.36 13.38
N MET B 80 13.95 -1.45 12.05
CA MET B 80 14.21 -2.74 11.41
C MET B 80 15.64 -3.25 11.61
N THR B 81 16.57 -2.34 11.93
CA THR B 81 17.95 -2.71 12.20
C THR B 81 18.24 -2.80 13.71
N GLY B 82 17.30 -2.33 14.52
CA GLY B 82 17.46 -2.35 15.96
C GLY B 82 18.64 -1.53 16.47
N THR B 83 18.84 -0.36 15.89
CA THR B 83 19.96 0.51 16.29
C THR B 83 19.53 1.58 17.30
N GLU B 84 20.50 2.15 18.01
CA GLU B 84 20.21 3.10 19.10
C GLU B 84 19.97 4.52 18.62
N LEU B 85 18.74 5.02 18.82
CA LEU B 85 18.38 6.37 18.42
C LEU B 85 18.08 7.21 19.66
N PHE B 86 18.71 8.38 19.74
CA PHE B 86 18.56 9.26 20.90
C PHE B 86 17.11 9.62 21.25
N THR B 87 16.35 10.09 20.26
CA THR B 87 14.98 10.55 20.50
C THR B 87 14.06 9.44 21.03
N GLY B 88 14.22 8.22 20.49
CA GLY B 88 13.46 7.08 20.96
C GLY B 88 13.85 6.70 22.38
N ASN B 89 15.16 6.74 22.65
CA ASN B 89 15.69 6.50 23.99
C ASN B 89 15.08 7.40 25.07
N ASN B 90 14.49 8.52 24.66
CA ASN B 90 13.87 9.45 25.61
C ASN B 90 12.67 8.83 26.33
N MET B 91 11.82 8.14 25.58
CA MET B 91 10.67 7.43 26.16
C MET B 91 11.11 6.14 26.87
N VAL B 92 11.97 5.37 26.21
CA VAL B 92 12.38 4.06 26.74
C VAL B 92 13.07 4.19 28.08
N MET B 93 14.16 4.96 28.13
CA MET B 93 14.93 5.13 29.37
C MET B 93 14.10 5.74 30.48
N SER B 94 13.26 6.71 30.13
CA SER B 94 12.40 7.39 31.10
C SER B 94 11.35 6.46 31.71
N ALA B 95 10.64 5.72 30.88
CA ALA B 95 9.67 4.75 31.37
C ALA B 95 10.38 3.71 32.25
N GLY B 96 11.50 3.19 31.77
CA GLY B 96 12.26 2.18 32.48
C GLY B 96 12.78 2.69 33.81
N MET B 97 13.15 3.96 33.83
CA MET B 97 13.70 4.59 35.02
C MET B 97 12.62 4.75 36.10
N LEU B 98 11.48 5.31 35.71
CA LEU B 98 10.34 5.44 36.62
C LEU B 98 9.93 4.07 37.16
N ASN B 99 10.08 3.04 36.33
CA ASN B 99 9.74 1.69 36.75
C ASN B 99 10.87 0.96 37.45
N LYS B 100 11.90 1.71 37.84
CA LYS B 100 13.01 1.18 38.64
C LYS B 100 13.84 0.11 37.94
N GLY B 101 13.71 0.02 36.62
CA GLY B 101 14.53 -0.91 35.85
C GLY B 101 15.94 -0.39 35.67
N VAL B 102 16.06 0.93 35.57
CA VAL B 102 17.36 1.58 35.36
C VAL B 102 17.42 2.86 36.18
N SER B 103 18.62 3.36 36.43
CA SER B 103 18.81 4.54 37.27
C SER B 103 18.77 5.85 36.49
N ILE B 104 18.64 6.95 37.22
CA ILE B 104 18.72 8.27 36.61
C ILE B 104 20.04 8.41 35.88
N LYS B 105 21.11 7.90 36.48
CA LYS B 105 22.45 8.01 35.92
C LYS B 105 22.58 7.21 34.62
N ASP B 106 22.00 6.02 34.60
CA ASP B 106 21.96 5.21 33.39
C ASP B 106 21.29 5.99 32.28
N THR B 107 20.17 6.63 32.62
CA THR B 107 19.40 7.40 31.66
C THR B 107 20.22 8.52 31.03
N SER B 108 20.88 9.33 31.87
CA SER B 108 21.66 10.45 31.36
C SER B 108 22.82 9.92 30.53
N LYS B 109 23.37 8.79 30.96
CA LYS B 109 24.47 8.16 30.27
C LYS B 109 24.04 7.66 28.89
N ILE B 110 22.93 6.94 28.83
CA ILE B 110 22.40 6.47 27.55
C ILE B 110 22.06 7.63 26.61
N TRP B 111 21.40 8.65 27.17
CA TRP B 111 21.07 9.84 26.39
C TRP B 111 22.31 10.50 25.78
N ALA B 112 23.36 10.63 26.58
CA ALA B 112 24.58 11.30 26.13
C ALA B 112 25.31 10.52 25.03
N TYR B 113 25.49 9.22 25.25
CA TYR B 113 26.18 8.38 24.27
C TYR B 113 25.45 8.26 22.93
N SER B 114 24.14 8.01 22.97
CA SER B 114 23.37 7.89 21.74
C SER B 114 23.36 9.21 20.96
N TRP B 115 23.15 10.31 21.68
CA TRP B 115 23.17 11.64 21.05
C TRP B 115 24.49 11.86 20.31
N VAL B 116 25.61 11.58 20.99
CA VAL B 116 26.92 11.74 20.36
C VAL B 116 27.16 10.75 19.23
N GLY B 117 26.80 9.49 19.45
CA GLY B 117 26.93 8.46 18.43
C GLY B 117 26.10 8.80 17.21
N ASN B 118 24.85 9.20 17.44
CA ASN B 118 24.00 9.69 16.36
C ASN B 118 24.69 10.81 15.57
N LEU B 119 25.35 11.71 16.29
CA LEU B 119 26.07 12.81 15.65
C LEU B 119 27.24 12.32 14.81
N ILE B 120 28.00 11.36 15.32
CA ILE B 120 29.08 10.75 14.55
C ILE B 120 28.58 10.21 13.21
N GLY B 121 27.42 9.55 13.22
CA GLY B 121 26.82 9.03 12.01
C GLY B 121 26.38 10.11 11.05
N ALA B 122 25.83 11.19 11.60
CA ALA B 122 25.42 12.35 10.81
C ALA B 122 26.62 13.00 10.13
N LEU B 123 27.68 13.22 10.90
CA LEU B 123 28.90 13.83 10.39
C LEU B 123 29.48 13.01 9.23
N VAL B 124 29.56 11.69 9.42
CA VAL B 124 30.11 10.81 8.39
C VAL B 124 29.28 10.86 7.12
N LEU B 125 27.97 10.69 7.26
CA LEU B 125 27.04 10.79 6.15
C LEU B 125 27.19 12.14 5.45
N GLY B 126 27.28 13.21 6.24
CA GLY B 126 27.43 14.54 5.70
C GLY B 126 28.67 14.65 4.84
N ILE B 127 29.78 14.15 5.37
CA ILE B 127 31.04 14.19 4.65
C ILE B 127 30.96 13.45 3.32
N ILE B 128 30.51 12.19 3.38
CA ILE B 128 30.40 11.38 2.18
C ILE B 128 29.42 11.98 1.18
N PHE B 129 28.31 12.52 1.68
CA PHE B 129 27.31 13.11 0.80
C PHE B 129 27.92 14.27 0.01
N VAL B 130 28.64 15.16 0.70
CA VAL B 130 29.31 16.26 0.03
C VAL B 130 30.28 15.75 -1.02
N GLY B 131 30.88 14.59 -0.75
CA GLY B 131 31.81 13.98 -1.66
C GLY B 131 31.17 13.54 -2.97
N THR B 132 29.86 13.33 -2.95
CA THR B 132 29.12 12.90 -4.13
C THR B 132 29.05 13.98 -5.20
N GLY B 133 29.20 15.24 -4.77
CA GLY B 133 29.05 16.38 -5.66
C GLY B 133 27.60 16.80 -5.80
N LEU B 134 26.72 16.15 -5.04
CA LEU B 134 25.28 16.35 -5.16
C LEU B 134 24.76 17.66 -4.56
N VAL B 135 25.55 18.30 -3.70
CA VAL B 135 25.23 19.63 -3.23
C VAL B 135 26.27 20.65 -3.72
N ASP B 136 26.85 20.38 -4.88
CA ASP B 136 27.78 21.32 -5.50
C ASP B 136 27.05 22.60 -5.90
N LYS B 137 25.89 22.43 -6.52
CA LYS B 137 25.17 23.56 -7.09
C LYS B 137 23.73 23.17 -7.32
N GLY B 138 22.86 24.16 -7.42
CA GLY B 138 21.47 23.92 -7.77
C GLY B 138 20.51 23.87 -6.60
N PRO B 139 19.26 23.49 -6.87
CA PRO B 139 18.13 23.48 -5.95
C PRO B 139 18.38 22.74 -4.64
N VAL B 140 18.96 21.55 -4.71
CA VAL B 140 19.17 20.76 -3.49
C VAL B 140 20.10 21.46 -2.51
N ALA B 141 21.24 21.96 -2.99
CA ALA B 141 22.15 22.74 -2.16
C ALA B 141 21.43 23.93 -1.54
N GLU B 142 20.62 24.61 -2.36
CA GLU B 142 19.89 25.78 -1.89
C GLU B 142 18.84 25.42 -0.86
N PHE B 143 18.23 24.24 -1.00
CA PHE B 143 17.23 23.80 -0.03
C PHE B 143 17.88 23.50 1.33
N PHE B 144 19.06 22.88 1.28
CA PHE B 144 19.85 22.66 2.49
C PHE B 144 20.22 23.98 3.17
N ALA B 145 20.82 24.88 2.39
CA ALA B 145 21.29 26.16 2.90
C ALA B 145 20.17 27.00 3.49
N ASN B 146 19.04 27.08 2.79
CA ASN B 146 17.90 27.88 3.25
C ASN B 146 17.22 27.28 4.48
N THR B 147 16.99 25.97 4.44
CA THR B 147 16.35 25.27 5.56
C THR B 147 17.24 25.31 6.81
N ALA B 148 18.52 25.04 6.64
CA ALA B 148 19.45 25.12 7.76
C ALA B 148 19.41 26.51 8.40
N ALA B 149 19.27 27.53 7.56
CA ALA B 149 19.27 28.91 8.02
C ALA B 149 18.01 29.25 8.80
N SER B 150 16.85 28.85 8.26
CA SER B 150 15.58 29.18 8.89
C SER B 150 15.42 28.43 10.22
N LYS B 151 16.05 27.26 10.31
CA LYS B 151 16.00 26.47 11.54
C LYS B 151 16.93 27.06 12.60
N ALA B 152 18.00 27.71 12.15
CA ALA B 152 18.99 28.29 13.05
C ALA B 152 18.61 29.68 13.56
N SER B 153 17.65 30.33 12.92
CA SER B 153 17.27 31.69 13.29
C SER B 153 15.90 31.76 13.96
N MET B 154 15.23 30.62 14.04
CA MET B 154 13.91 30.56 14.65
C MET B 154 14.04 30.72 16.17
N PRO B 155 13.11 31.48 16.77
CA PRO B 155 13.12 31.73 18.21
C PRO B 155 13.12 30.44 19.04
N PHE B 156 13.83 30.46 20.16
CA PHE B 156 13.98 29.28 20.99
C PHE B 156 12.65 28.63 21.36
N THR B 157 11.69 29.43 21.79
CA THR B 157 10.39 28.92 22.19
C THR B 157 9.72 28.11 21.08
N ALA B 158 9.77 28.64 19.87
CA ALA B 158 9.15 27.98 18.72
C ALA B 158 9.80 26.63 18.45
N LEU B 159 11.12 26.57 18.51
CA LEU B 159 11.87 25.35 18.29
C LEU B 159 11.60 24.32 19.36
N PHE B 160 11.61 24.77 20.61
CA PHE B 160 11.35 23.93 21.77
C PHE B 160 10.04 23.18 21.61
N PHE B 161 8.96 23.91 21.35
CA PHE B 161 7.63 23.30 21.25
C PHE B 161 7.52 22.40 20.03
N ARG B 162 8.24 22.74 18.96
CA ARG B 162 8.26 21.88 17.78
C ARG B 162 9.00 20.59 18.09
N GLY B 163 10.02 20.70 18.95
CA GLY B 163 10.75 19.53 19.40
C GLY B 163 9.88 18.61 20.24
N ILE B 164 8.99 19.21 21.02
CA ILE B 164 8.08 18.42 21.85
C ILE B 164 7.14 17.58 20.99
N LEU B 165 6.48 18.23 20.04
CA LEU B 165 5.51 17.56 19.18
C LEU B 165 6.16 16.51 18.28
N CYS B 166 7.40 16.77 17.88
CA CYS B 166 8.11 15.81 17.04
C CYS B 166 8.38 14.50 17.76
N ASN B 167 8.89 14.60 18.99
CA ASN B 167 9.25 13.39 19.71
C ASN B 167 8.07 12.66 20.35
N ILE B 168 6.95 13.36 20.52
CA ILE B 168 5.69 12.68 20.83
C ILE B 168 5.39 11.74 19.68
N LEU B 169 5.50 12.25 18.45
CA LEU B 169 5.25 11.45 17.26
C LEU B 169 6.27 10.34 17.03
N VAL B 170 7.55 10.66 17.14
CA VAL B 170 8.59 9.66 16.98
C VAL B 170 8.46 8.56 18.03
N CYS B 171 8.29 8.96 19.29
CA CYS B 171 8.20 7.99 20.36
C CYS B 171 6.89 7.17 20.34
N VAL B 172 5.81 7.76 19.85
CA VAL B 172 4.57 6.99 19.77
C VAL B 172 4.67 5.96 18.66
N SER B 173 5.45 6.28 17.62
CA SER B 173 5.67 5.33 16.55
C SER B 173 6.50 4.17 17.08
N VAL B 174 7.46 4.47 17.96
CA VAL B 174 8.24 3.46 18.64
C VAL B 174 7.35 2.67 19.62
N LEU B 175 6.45 3.38 20.30
CA LEU B 175 5.53 2.74 21.23
C LEU B 175 4.71 1.70 20.51
N CYS B 176 4.23 2.05 19.32
CA CYS B 176 3.42 1.16 18.50
C CYS B 176 4.15 -0.11 18.15
N SER B 177 5.47 -0.02 17.99
CA SER B 177 6.24 -1.17 17.56
C SER B 177 6.45 -2.15 18.73
N PHE B 178 6.32 -1.64 19.95
CA PHE B 178 6.32 -2.48 21.15
C PHE B 178 4.97 -3.15 21.37
N ARG B 179 3.94 -2.67 20.68
CA ARG B 179 2.58 -3.16 20.89
C ARG B 179 2.04 -4.02 19.74
N THR B 180 2.89 -4.35 18.77
CA THR B 180 2.49 -5.23 17.68
C THR B 180 3.60 -6.20 17.31
N ASN B 181 3.24 -7.40 16.88
CA ASN B 181 4.20 -8.35 16.38
C ASN B 181 4.32 -8.33 14.85
N SER B 182 3.56 -7.44 14.22
CA SER B 182 3.56 -7.34 12.76
C SER B 182 4.54 -6.27 12.28
N ASP B 183 5.60 -6.69 11.60
CA ASP B 183 6.63 -5.76 11.12
C ASP B 183 6.08 -4.76 10.10
N THR B 184 5.10 -5.17 9.31
CA THR B 184 4.46 -4.29 8.35
C THR B 184 3.68 -3.17 9.05
N ALA B 185 2.95 -3.53 10.11
CA ALA B 185 2.20 -2.54 10.88
C ALA B 185 3.14 -1.53 11.54
N LYS B 186 4.30 -2.00 12.00
CA LYS B 186 5.31 -1.10 12.57
C LYS B 186 5.72 -0.07 11.54
N ILE B 187 6.04 -0.54 10.34
CA ILE B 187 6.48 0.35 9.28
C ILE B 187 5.36 1.31 8.91
N ILE B 188 4.15 0.79 8.72
CA ILE B 188 3.02 1.65 8.40
C ILE B 188 2.82 2.76 9.43
N MET B 189 2.83 2.41 10.72
CA MET B 189 2.65 3.40 11.78
C MET B 189 3.80 4.40 11.78
N ILE B 190 5.01 3.91 11.57
CA ILE B 190 6.16 4.80 11.44
C ILE B 190 5.96 5.74 10.25
N PHE B 191 5.51 5.18 9.13
CA PHE B 191 5.24 5.98 7.94
C PHE B 191 4.25 7.11 8.24
N LEU B 192 3.16 6.77 8.93
CA LEU B 192 2.15 7.77 9.27
C LEU B 192 2.71 8.83 10.20
N CYS B 193 3.46 8.40 11.21
CA CYS B 193 3.95 9.33 12.22
C CYS B 193 4.97 10.32 11.66
N LEU B 194 5.88 9.84 10.82
CA LEU B 194 6.88 10.71 10.22
C LEU B 194 6.23 11.63 9.19
N PHE B 195 5.22 11.11 8.51
CA PHE B 195 4.44 11.92 7.58
C PHE B 195 3.85 13.09 8.37
N ALA B 196 3.23 12.80 9.51
CA ALA B 196 2.60 13.84 10.32
C ALA B 196 3.59 14.89 10.84
N PHE B 197 4.76 14.47 11.30
CA PHE B 197 5.66 15.42 11.94
C PHE B 197 6.50 16.23 10.96
N ILE B 198 6.87 15.63 9.82
CA ILE B 198 7.58 16.37 8.78
C ILE B 198 6.69 17.42 8.13
N THR B 199 5.52 17.01 7.66
CA THR B 199 4.61 17.92 6.97
C THR B 199 4.04 19.02 7.89
N SER B 200 3.80 18.70 9.16
CA SER B 200 3.26 19.66 10.11
C SER B 200 4.28 20.74 10.50
N GLY B 201 5.57 20.41 10.39
CA GLY B 201 6.63 21.36 10.70
C GLY B 201 7.33 21.18 12.05
N PHE B 202 7.34 19.95 12.57
CA PHE B 202 7.97 19.68 13.87
C PHE B 202 9.47 19.38 13.74
N GLU B 203 10.20 19.50 14.84
CA GLU B 203 11.66 19.49 14.79
C GLU B 203 12.29 18.25 15.44
N HIS B 204 13.18 17.61 14.69
CA HIS B 204 13.85 16.40 15.15
C HIS B 204 15.37 16.61 15.25
N SER B 205 15.90 16.47 16.46
CA SER B 205 17.31 16.75 16.70
C SER B 205 18.28 15.94 15.84
N VAL B 206 18.05 14.62 15.75
CA VAL B 206 18.98 13.77 15.04
C VAL B 206 18.96 14.00 13.53
N ALA B 207 17.77 14.24 12.99
CA ALA B 207 17.65 14.61 11.57
C ALA B 207 18.39 15.92 11.32
N ASN B 208 18.21 16.88 12.22
CA ASN B 208 18.86 18.18 12.08
C ASN B 208 20.39 18.08 12.06
N MET B 209 20.92 17.04 12.70
CA MET B 209 22.37 16.81 12.69
C MET B 209 22.91 16.67 11.28
N THR B 210 22.16 15.97 10.43
CA THR B 210 22.58 15.77 9.05
C THR B 210 22.34 17.02 8.22
N ILE B 211 21.28 17.74 8.55
CA ILE B 211 21.01 19.01 7.89
C ILE B 211 22.22 19.95 8.04
N TYR B 212 22.78 20.01 9.25
CA TYR B 212 23.89 20.91 9.51
C TYR B 212 25.26 20.33 9.12
N SER B 213 25.38 19.01 9.17
CA SER B 213 26.63 18.39 8.76
C SER B 213 26.85 18.63 7.26
N VAL B 214 25.78 18.46 6.49
CA VAL B 214 25.85 18.73 5.05
C VAL B 214 26.08 20.22 4.80
N SER B 215 25.30 21.06 5.48
CA SER B 215 25.37 22.51 5.29
C SER B 215 26.75 23.08 5.64
N LEU B 216 27.39 22.50 6.65
CA LEU B 216 28.68 23.01 7.10
C LEU B 216 29.85 22.41 6.32
N PHE B 217 29.74 21.13 5.96
CA PHE B 217 30.79 20.47 5.19
C PHE B 217 30.81 20.88 3.72
N SER B 218 29.68 21.37 3.21
CA SER B 218 29.61 21.79 1.82
C SER B 218 30.15 23.22 1.62
N PRO B 219 31.12 23.37 0.71
CA PRO B 219 31.70 24.69 0.42
C PRO B 219 30.70 25.62 -0.26
N THR B 220 29.64 25.05 -0.83
CA THR B 220 28.63 25.83 -1.55
C THR B 220 27.50 26.27 -0.62
N ILE B 221 27.66 26.00 0.67
CA ILE B 221 26.66 26.36 1.66
C ILE B 221 27.31 27.16 2.79
N SER B 222 26.97 28.44 2.88
CA SER B 222 27.51 29.30 3.94
C SER B 222 26.46 30.20 4.58
N THR B 223 25.20 29.79 4.53
CA THR B 223 24.10 30.57 5.09
C THR B 223 24.02 30.44 6.61
N VAL B 224 24.69 29.43 7.16
CA VAL B 224 24.67 29.19 8.59
C VAL B 224 26.07 28.94 9.13
N THR B 225 26.20 28.98 10.46
CA THR B 225 27.48 28.75 11.11
C THR B 225 27.32 27.71 12.22
N ILE B 226 28.45 27.25 12.76
CA ILE B 226 28.43 26.25 13.82
C ILE B 226 27.60 26.71 15.00
N GLY B 227 27.75 27.98 15.37
CA GLY B 227 26.99 28.55 16.47
C GLY B 227 25.50 28.40 16.25
N GLY B 228 25.07 28.62 15.01
CA GLY B 228 23.66 28.47 14.67
C GLY B 228 23.20 27.03 14.82
N ALA B 229 23.99 26.09 14.28
CA ALA B 229 23.67 24.68 14.38
C ALA B 229 23.56 24.25 15.84
N ILE B 230 24.45 24.78 16.67
CA ILE B 230 24.45 24.47 18.09
C ILE B 230 23.19 25.04 18.76
N TYR B 231 22.84 26.26 18.39
CA TYR B 231 21.66 26.92 18.94
C TYR B 231 20.41 26.08 18.67
N ASN B 232 20.27 25.64 17.43
CA ASN B 232 19.13 24.81 17.04
C ASN B 232 19.13 23.46 17.75
N LEU B 233 20.28 22.78 17.74
CA LEU B 233 20.37 21.44 18.31
C LEU B 233 20.01 21.40 19.79
N VAL B 234 20.53 22.37 20.54
CA VAL B 234 20.21 22.48 21.97
C VAL B 234 18.72 22.65 22.18
N ALA B 235 18.15 23.69 21.57
CA ALA B 235 16.72 23.97 21.68
C ALA B 235 15.86 22.77 21.31
N VAL B 236 16.13 22.19 20.14
CA VAL B 236 15.34 21.06 19.64
C VAL B 236 15.54 19.80 20.48
N THR B 237 16.78 19.51 20.85
CA THR B 237 17.07 18.40 21.75
C THR B 237 16.26 18.53 23.04
N LEU B 238 16.27 19.71 23.64
CA LEU B 238 15.51 19.96 24.86
C LEU B 238 14.03 19.67 24.69
N GLY B 239 13.46 20.13 23.58
CA GLY B 239 12.06 19.85 23.27
C GLY B 239 11.82 18.37 23.03
N ASN B 240 12.73 17.73 22.29
CA ASN B 240 12.63 16.29 22.05
C ASN B 240 12.53 15.55 23.38
N ILE B 241 13.42 15.89 24.31
CA ILE B 241 13.45 15.23 25.62
C ILE B 241 12.14 15.38 26.39
N VAL B 242 11.59 16.60 26.40
CA VAL B 242 10.32 16.84 27.06
C VAL B 242 9.23 15.96 26.43
N GLY B 243 9.17 15.97 25.11
CA GLY B 243 8.17 15.18 24.41
C GLY B 243 8.29 13.69 24.69
N GLY B 244 9.54 13.20 24.71
CA GLY B 244 9.79 11.78 24.89
C GLY B 244 9.66 11.29 26.32
N ALA B 245 10.28 12.01 27.25
CA ALA B 245 10.31 11.60 28.64
C ALA B 245 9.08 12.10 29.42
N LEU B 246 8.79 13.39 29.33
CA LEU B 246 7.72 13.99 30.11
C LEU B 246 6.33 13.55 29.68
N PHE B 247 6.11 13.45 28.37
CA PHE B 247 4.82 13.00 27.86
C PHE B 247 4.76 11.48 27.69
N MET B 248 5.52 10.96 26.72
CA MET B 248 5.42 9.54 26.38
C MET B 248 5.96 8.61 27.47
N GLY B 249 7.15 8.91 27.98
CA GLY B 249 7.74 8.12 29.06
C GLY B 249 6.87 8.07 30.30
N LEU B 250 6.58 9.24 30.87
CA LEU B 250 5.77 9.32 32.08
C LEU B 250 4.35 8.83 31.81
N GLY B 251 3.83 9.15 30.63
CA GLY B 251 2.50 8.74 30.25
C GLY B 251 2.34 7.23 30.24
N THR B 252 3.26 6.55 29.56
CA THR B 252 3.21 5.10 29.48
C THR B 252 3.44 4.46 30.85
N TYR B 253 4.31 5.08 31.65
CA TYR B 253 4.52 4.60 33.01
C TYR B 253 3.21 4.62 33.80
N ILE B 254 2.51 5.76 33.75
CA ILE B 254 1.26 5.90 34.46
C ILE B 254 0.23 4.86 34.02
N LEU B 255 0.12 4.64 32.72
CA LEU B 255 -0.87 3.69 32.20
C LEU B 255 -0.59 2.26 32.67
N GLY B 256 0.68 1.88 32.72
CA GLY B 256 1.04 0.49 32.94
C GLY B 256 1.49 0.14 34.35
N LYS B 257 1.61 1.14 35.22
CA LYS B 257 2.11 0.88 36.55
C LYS B 257 1.03 0.30 37.46
N GLU B 258 1.23 -0.95 37.87
CA GLU B 258 0.35 -1.56 38.87
C GLU B 258 0.72 -1.01 40.25
N LYS B 259 -0.27 -0.43 40.93
CA LYS B 259 -0.04 0.13 42.25
C LYS B 259 -0.69 -0.70 43.35
N ARG C 3 -4.53 -26.16 -5.36
CA ARG C 3 -5.68 -25.94 -6.24
C ARG C 3 -6.41 -24.63 -5.87
N ALA C 4 -7.34 -24.67 -4.91
CA ALA C 4 -7.83 -25.88 -4.26
C ALA C 4 -9.36 -25.82 -4.28
N HIS C 5 -9.92 -26.10 -5.45
CA HIS C 5 -11.32 -25.80 -5.75
C HIS C 5 -12.34 -26.53 -4.88
N LYS C 6 -12.04 -27.77 -4.53
CA LYS C 6 -12.95 -28.58 -3.74
C LYS C 6 -13.21 -27.95 -2.37
N GLU C 7 -12.14 -27.62 -1.66
CA GLU C 7 -12.27 -26.97 -0.36
C GLU C 7 -13.04 -25.65 -0.49
N THR C 8 -12.78 -24.93 -1.59
CA THR C 8 -13.48 -23.66 -1.84
C THR C 8 -14.97 -23.89 -2.01
N LEU C 9 -15.34 -24.94 -2.75
CA LEU C 9 -16.74 -25.28 -2.95
C LEU C 9 -17.42 -25.64 -1.64
N ASP C 10 -16.68 -26.34 -0.77
CA ASP C 10 -17.16 -26.65 0.57
C ASP C 10 -17.48 -25.38 1.35
N LYS C 11 -16.58 -24.40 1.29
CA LYS C 11 -16.76 -23.14 2.01
C LYS C 11 -17.96 -22.34 1.51
N LEU C 12 -18.13 -22.27 0.20
CA LEU C 12 -19.28 -21.56 -0.37
C LEU C 12 -20.57 -22.24 0.08
N THR C 13 -20.57 -23.56 0.07
CA THR C 13 -21.75 -24.34 0.47
C THR C 13 -22.07 -24.10 1.94
N ASN C 14 -21.06 -24.21 2.80
CA ASN C 14 -21.23 -23.95 4.23
C ASN C 14 -21.79 -22.55 4.50
N ALA C 15 -21.31 -21.57 3.73
CA ALA C 15 -21.76 -20.19 3.88
C ALA C 15 -23.24 -20.06 3.55
N ALA C 16 -23.63 -20.49 2.35
CA ALA C 16 -25.03 -20.51 1.95
C ALA C 16 -25.90 -21.17 3.02
N ILE C 17 -25.41 -22.26 3.59
CA ILE C 17 -26.11 -22.95 4.67
C ILE C 17 -26.26 -22.06 5.92
N ASN C 18 -25.14 -21.54 6.43
CA ASN C 18 -25.18 -20.60 7.55
C ASN C 18 -26.17 -19.46 7.30
N SER C 19 -26.18 -18.98 6.05
CA SER C 19 -27.04 -17.88 5.64
C SER C 19 -28.53 -18.21 5.79
N ILE C 20 -28.97 -19.35 5.26
CA ILE C 20 -30.38 -19.74 5.34
C ILE C 20 -30.77 -20.12 6.77
N ASN C 21 -29.86 -20.78 7.48
CA ASN C 21 -30.08 -21.08 8.90
C ASN C 21 -30.39 -19.82 9.70
N LEU C 22 -29.55 -18.80 9.53
CA LEU C 22 -29.75 -17.53 10.21
C LEU C 22 -31.10 -16.90 9.85
N LEU C 23 -31.43 -16.91 8.58
CA LEU C 23 -32.70 -16.34 8.12
C LEU C 23 -33.89 -17.08 8.76
N ASN C 24 -33.78 -18.40 8.85
CA ASN C 24 -34.81 -19.20 9.49
C ASN C 24 -34.82 -19.04 11.00
N THR C 25 -33.66 -18.74 11.58
CA THR C 25 -33.53 -18.56 13.01
C THR C 25 -34.08 -17.20 13.45
N SER C 26 -33.77 -16.16 12.69
CA SER C 26 -34.22 -14.81 13.02
C SER C 26 -34.27 -13.89 11.81
N LYS C 27 -35.47 -13.58 11.36
CA LYS C 27 -35.67 -12.66 10.26
C LYS C 27 -35.21 -11.26 10.63
N VAL C 28 -35.24 -10.97 11.93
CA VAL C 28 -34.78 -9.67 12.44
C VAL C 28 -33.27 -9.58 12.33
N LYS C 29 -32.58 -10.64 12.73
CA LYS C 29 -31.14 -10.70 12.65
C LYS C 29 -30.66 -10.61 11.20
N TYR C 30 -31.37 -11.26 10.31
CA TYR C 30 -30.97 -11.30 8.90
C TYR C 30 -31.17 -9.97 8.20
N LEU C 31 -32.27 -9.29 8.50
CA LEU C 31 -32.58 -8.01 7.87
C LEU C 31 -31.70 -6.89 8.42
N VAL C 32 -31.36 -6.97 9.69
CA VAL C 32 -30.43 -6.01 10.29
C VAL C 32 -29.06 -6.15 9.61
N SER C 33 -28.63 -7.38 9.41
CA SER C 33 -27.38 -7.66 8.72
C SER C 33 -27.41 -7.12 7.29
N SER C 34 -28.51 -7.40 6.58
CA SER C 34 -28.68 -6.91 5.22
C SER C 34 -28.75 -5.39 5.17
N ALA C 35 -29.36 -4.79 6.19
CA ALA C 35 -29.46 -3.34 6.27
C ALA C 35 -28.08 -2.71 6.42
N PHE C 36 -27.25 -3.31 7.28
CA PHE C 36 -25.88 -2.86 7.48
C PHE C 36 -25.11 -2.89 6.15
N ALA C 37 -25.14 -4.05 5.50
CA ALA C 37 -24.43 -4.25 4.24
C ALA C 37 -24.83 -3.20 3.19
N GLY C 38 -26.13 -2.95 3.07
CA GLY C 38 -26.61 -1.99 2.10
C GLY C 38 -26.10 -0.60 2.41
N LEU C 39 -26.00 -0.29 3.69
CA LEU C 39 -25.56 1.02 4.14
C LEU C 39 -24.05 1.17 4.02
N TYR C 40 -23.33 0.06 4.18
CA TYR C 40 -21.89 0.07 4.03
C TYR C 40 -21.52 0.33 2.58
N VAL C 41 -22.23 -0.32 1.65
CA VAL C 41 -22.00 -0.10 0.23
C VAL C 41 -22.27 1.36 -0.11
N GLY C 42 -23.37 1.89 0.38
CA GLY C 42 -23.76 3.26 0.10
C GLY C 42 -22.76 4.26 0.62
N ILE C 43 -22.15 3.96 1.75
CA ILE C 43 -21.10 4.81 2.29
C ILE C 43 -20.01 5.02 1.24
N GLY C 44 -19.73 3.97 0.48
CA GLY C 44 -18.79 4.05 -0.63
C GLY C 44 -19.27 5.04 -1.68
N ILE C 45 -20.56 4.97 -2.01
CA ILE C 45 -21.17 5.88 -2.98
C ILE C 45 -21.09 7.34 -2.53
N LEU C 46 -21.39 7.60 -1.26
CA LEU C 46 -21.33 8.96 -0.74
C LEU C 46 -19.92 9.52 -0.91
N LEU C 47 -18.92 8.70 -0.63
CA LEU C 47 -17.53 9.11 -0.79
C LEU C 47 -17.16 9.38 -2.23
N ILE C 48 -17.36 8.40 -3.11
CA ILE C 48 -16.89 8.54 -4.49
C ILE C 48 -17.73 9.51 -5.31
N PHE C 49 -18.98 9.73 -4.88
CA PHE C 49 -19.84 10.71 -5.53
C PHE C 49 -19.47 12.13 -5.09
N THR C 50 -18.97 12.25 -3.87
CA THR C 50 -18.41 13.51 -3.42
C THR C 50 -17.20 13.82 -4.26
N ILE C 51 -16.39 12.80 -4.51
CA ILE C 51 -15.22 12.94 -5.35
C ILE C 51 -15.65 13.27 -6.78
N GLY C 52 -16.69 12.61 -7.27
CA GLY C 52 -17.25 12.91 -8.57
C GLY C 52 -17.54 14.40 -8.72
N GLY C 53 -18.37 14.93 -7.84
CA GLY C 53 -18.69 16.35 -7.85
C GLY C 53 -17.47 17.25 -7.85
N LEU C 54 -16.59 17.06 -6.87
CA LEU C 54 -15.39 17.87 -6.73
C LEU C 54 -14.53 17.90 -8.00
N LEU C 55 -14.27 16.73 -8.58
CA LEU C 55 -13.36 16.64 -9.71
C LEU C 55 -14.03 16.91 -11.05
N THR C 56 -15.32 16.60 -11.14
CA THR C 56 -16.09 16.91 -12.34
C THR C 56 -16.17 18.43 -12.50
N ASP C 57 -16.46 19.10 -11.40
CA ASP C 57 -16.62 20.55 -11.40
C ASP C 57 -15.30 21.26 -11.69
N ALA C 58 -14.20 20.54 -11.51
CA ALA C 58 -12.87 21.10 -11.78
C ALA C 58 -12.38 20.70 -13.17
N GLY C 59 -13.18 19.90 -13.87
CA GLY C 59 -12.81 19.44 -15.21
C GLY C 59 -11.66 18.46 -15.22
N SER C 60 -11.52 17.69 -14.15
CA SER C 60 -10.42 16.74 -14.05
C SER C 60 -10.63 15.51 -14.92
N PRO C 61 -9.56 15.06 -15.59
CA PRO C 61 -9.61 13.82 -16.39
C PRO C 61 -9.40 12.58 -15.52
N MET C 62 -8.89 12.78 -14.31
CA MET C 62 -8.62 11.68 -13.39
C MET C 62 -9.86 11.27 -12.59
N THR C 63 -10.97 11.96 -12.86
CA THR C 63 -12.19 11.79 -12.08
C THR C 63 -12.61 10.34 -11.86
N LYS C 64 -12.83 9.61 -12.94
CA LYS C 64 -13.33 8.25 -12.84
C LYS C 64 -12.27 7.26 -12.33
N ILE C 65 -11.01 7.65 -12.44
CA ILE C 65 -9.91 6.83 -11.93
C ILE C 65 -9.84 6.95 -10.42
N VAL C 66 -9.85 8.19 -9.93
CA VAL C 66 -9.86 8.46 -8.50
C VAL C 66 -11.11 7.89 -7.82
N MET C 67 -12.24 7.92 -8.52
CA MET C 67 -13.47 7.35 -7.96
C MET C 67 -13.32 5.84 -7.78
N GLY C 68 -12.79 5.18 -8.80
CA GLY C 68 -12.58 3.75 -8.73
C GLY C 68 -11.63 3.35 -7.62
N LEU C 69 -10.53 4.09 -7.48
CA LEU C 69 -9.54 3.81 -6.45
C LEU C 69 -10.12 3.98 -5.06
N SER C 70 -11.16 4.80 -4.95
CA SER C 70 -11.70 5.19 -3.65
C SER C 70 -12.94 4.39 -3.21
N PHE C 71 -13.34 3.40 -4.01
CA PHE C 71 -14.59 2.68 -3.72
C PHE C 71 -14.41 1.43 -2.86
N ALA C 72 -13.16 1.03 -2.63
CA ALA C 72 -12.86 -0.21 -1.92
C ALA C 72 -13.63 -0.38 -0.60
N ILE C 73 -13.82 0.71 0.13
CA ILE C 73 -14.49 0.65 1.42
C ILE C 73 -15.85 -0.05 1.36
N ALA C 74 -16.52 0.02 0.20
CA ALA C 74 -17.87 -0.54 0.08
C ALA C 74 -17.95 -2.02 0.43
N LEU C 75 -17.21 -2.85 -0.31
CA LEU C 75 -17.23 -4.30 -0.08
C LEU C 75 -16.26 -4.70 1.04
N SER C 76 -15.29 -3.85 1.33
CA SER C 76 -14.35 -4.12 2.41
C SER C 76 -15.09 -4.14 3.75
N LEU C 77 -16.00 -3.20 3.96
CA LEU C 77 -16.79 -3.18 5.18
C LEU C 77 -17.72 -4.39 5.27
N VAL C 78 -18.36 -4.72 4.15
CA VAL C 78 -19.25 -5.88 4.09
C VAL C 78 -18.52 -7.16 4.48
N ILE C 79 -17.40 -7.43 3.80
CA ILE C 79 -16.59 -8.60 4.09
C ILE C 79 -16.06 -8.61 5.52
N MET C 80 -15.55 -7.47 5.97
CA MET C 80 -14.92 -7.40 7.29
C MET C 80 -15.94 -7.44 8.44
N THR C 81 -17.17 -6.98 8.19
CA THR C 81 -18.23 -7.05 9.20
C THR C 81 -19.05 -8.33 9.11
N GLY C 82 -18.83 -9.09 8.04
CA GLY C 82 -19.57 -10.32 7.84
C GLY C 82 -21.07 -10.14 7.70
N THR C 83 -21.47 -9.09 7.00
CA THR C 83 -22.89 -8.79 6.79
C THR C 83 -23.41 -9.29 5.44
N GLU C 84 -24.72 -9.49 5.35
CA GLU C 84 -25.35 -10.10 4.19
C GLU C 84 -25.55 -9.11 3.05
N LEU C 85 -24.80 -9.31 1.97
CA LEU C 85 -24.93 -8.46 0.79
C LEU C 85 -25.55 -9.25 -0.37
N PHE C 86 -26.60 -8.70 -0.97
CA PHE C 86 -27.33 -9.40 -2.02
C PHE C 86 -26.45 -9.94 -3.15
N THR C 87 -25.59 -9.10 -3.70
CA THR C 87 -24.84 -9.46 -4.91
C THR C 87 -23.87 -10.63 -4.68
N GLY C 88 -23.17 -10.61 -3.55
CA GLY C 88 -22.31 -11.72 -3.19
C GLY C 88 -23.12 -12.99 -3.02
N ASN C 89 -24.34 -12.85 -2.50
CA ASN C 89 -25.21 -14.01 -2.28
C ASN C 89 -25.56 -14.75 -3.57
N ASN C 90 -25.51 -14.05 -4.70
CA ASN C 90 -25.74 -14.69 -5.99
C ASN C 90 -24.79 -15.86 -6.24
N MET C 91 -23.49 -15.64 -6.03
CA MET C 91 -22.52 -16.72 -6.18
C MET C 91 -22.66 -17.75 -5.08
N VAL C 92 -22.73 -17.28 -3.84
CA VAL C 92 -22.74 -18.15 -2.68
C VAL C 92 -23.92 -19.14 -2.72
N MET C 93 -25.14 -18.60 -2.77
CA MET C 93 -26.32 -19.46 -2.75
C MET C 93 -26.37 -20.40 -3.96
N SER C 94 -26.10 -19.87 -5.13
CA SER C 94 -26.14 -20.67 -6.35
C SER C 94 -25.16 -21.85 -6.29
N ALA C 95 -23.94 -21.59 -5.83
CA ALA C 95 -22.93 -22.63 -5.71
C ALA C 95 -23.36 -23.71 -4.70
N GLY C 96 -23.80 -23.27 -3.53
CA GLY C 96 -24.26 -24.18 -2.49
C GLY C 96 -25.44 -24.99 -2.96
N MET C 97 -26.32 -24.36 -3.72
CA MET C 97 -27.50 -25.00 -4.30
C MET C 97 -27.09 -26.13 -5.23
N LEU C 98 -26.22 -25.82 -6.20
CA LEU C 98 -25.74 -26.82 -7.14
C LEU C 98 -25.07 -27.99 -6.41
N ASN C 99 -24.49 -27.70 -5.25
CA ASN C 99 -23.80 -28.73 -4.47
C ASN C 99 -24.74 -29.40 -3.47
N LYS C 100 -26.01 -29.06 -3.54
CA LYS C 100 -27.06 -29.71 -2.76
C LYS C 100 -27.03 -29.41 -1.26
N GLY C 101 -26.48 -28.24 -0.91
CA GLY C 101 -26.46 -27.81 0.48
C GLY C 101 -27.68 -26.98 0.82
N VAL C 102 -28.22 -26.30 -0.19
CA VAL C 102 -29.41 -25.48 -0.03
C VAL C 102 -30.28 -25.63 -1.27
N SER C 103 -31.57 -25.36 -1.11
CA SER C 103 -32.52 -25.60 -2.20
C SER C 103 -32.81 -24.34 -3.01
N ILE C 104 -33.52 -24.52 -4.12
CA ILE C 104 -33.91 -23.40 -4.98
C ILE C 104 -34.78 -22.43 -4.19
N LYS C 105 -35.63 -22.99 -3.33
CA LYS C 105 -36.48 -22.18 -2.45
C LYS C 105 -35.64 -21.41 -1.44
N ASP C 106 -34.71 -22.11 -0.79
CA ASP C 106 -33.78 -21.48 0.12
C ASP C 106 -33.11 -20.31 -0.56
N THR C 107 -32.67 -20.53 -1.80
CA THR C 107 -31.93 -19.51 -2.55
C THR C 107 -32.74 -18.25 -2.81
N SER C 108 -33.91 -18.41 -3.42
CA SER C 108 -34.74 -17.27 -3.78
C SER C 108 -35.21 -16.49 -2.56
N LYS C 109 -35.25 -17.16 -1.41
CA LYS C 109 -35.63 -16.54 -0.16
C LYS C 109 -34.50 -15.65 0.35
N ILE C 110 -33.28 -16.17 0.33
CA ILE C 110 -32.11 -15.37 0.70
C ILE C 110 -31.96 -14.19 -0.25
N TRP C 111 -32.05 -14.45 -1.54
CA TRP C 111 -31.95 -13.40 -2.54
C TRP C 111 -32.99 -12.30 -2.31
N ALA C 112 -34.22 -12.70 -2.05
CA ALA C 112 -35.31 -11.75 -1.80
C ALA C 112 -35.10 -10.93 -0.53
N TYR C 113 -34.74 -11.62 0.56
CA TYR C 113 -34.57 -10.98 1.85
C TYR C 113 -33.33 -10.09 1.90
N SER C 114 -32.22 -10.58 1.34
CA SER C 114 -30.99 -9.78 1.31
C SER C 114 -31.18 -8.53 0.46
N TRP C 115 -31.87 -8.69 -0.67
CA TRP C 115 -32.15 -7.57 -1.57
C TRP C 115 -32.95 -6.49 -0.84
N VAL C 116 -34.02 -6.91 -0.17
CA VAL C 116 -34.87 -5.97 0.56
C VAL C 116 -34.13 -5.37 1.76
N GLY C 117 -33.38 -6.21 2.45
CA GLY C 117 -32.57 -5.75 3.58
C GLY C 117 -31.57 -4.70 3.16
N ASN C 118 -30.88 -4.95 2.05
CA ASN C 118 -29.93 -3.98 1.52
C ASN C 118 -30.62 -2.66 1.16
N LEU C 119 -31.82 -2.75 0.58
CA LEU C 119 -32.57 -1.56 0.19
C LEU C 119 -32.91 -0.69 1.40
N ILE C 120 -33.29 -1.34 2.50
CA ILE C 120 -33.59 -0.64 3.73
C ILE C 120 -32.39 0.20 4.19
N GLY C 121 -31.22 -0.42 4.21
CA GLY C 121 -30.00 0.28 4.59
C GLY C 121 -29.74 1.50 3.73
N ALA C 122 -30.03 1.39 2.44
CA ALA C 122 -29.82 2.50 1.51
C ALA C 122 -30.77 3.66 1.81
N LEU C 123 -32.05 3.34 2.02
CA LEU C 123 -33.05 4.36 2.30
C LEU C 123 -32.69 5.10 3.58
N VAL C 124 -32.44 4.33 4.65
CA VAL C 124 -32.04 4.90 5.93
C VAL C 124 -30.78 5.76 5.77
N LEU C 125 -29.85 5.30 4.95
CA LEU C 125 -28.61 6.04 4.72
C LEU C 125 -28.88 7.29 3.90
N GLY C 126 -29.71 7.15 2.87
CA GLY C 126 -30.08 8.28 2.04
C GLY C 126 -30.77 9.36 2.85
N ILE C 127 -31.72 8.95 3.67
CA ILE C 127 -32.46 9.89 4.51
C ILE C 127 -31.51 10.69 5.42
N ILE C 128 -30.60 9.99 6.09
CA ILE C 128 -29.65 10.64 6.97
C ILE C 128 -28.68 11.55 6.21
N PHE C 129 -28.19 11.09 5.07
CA PHE C 129 -27.24 11.86 4.27
C PHE C 129 -27.84 13.20 3.84
N VAL C 130 -29.03 13.16 3.27
CA VAL C 130 -29.72 14.39 2.86
C VAL C 130 -29.87 15.33 4.06
N GLY C 131 -30.09 14.76 5.24
CA GLY C 131 -30.21 15.53 6.46
C GLY C 131 -28.96 16.34 6.80
N THR C 132 -27.83 16.00 6.20
CA THR C 132 -26.58 16.71 6.46
C THR C 132 -26.52 18.01 5.68
N GLY C 133 -27.41 18.15 4.69
CA GLY C 133 -27.42 19.31 3.83
C GLY C 133 -26.28 19.30 2.81
N LEU C 134 -25.51 18.21 2.80
CA LEU C 134 -24.36 18.11 1.89
C LEU C 134 -24.78 18.03 0.43
N VAL C 135 -26.04 17.71 0.18
CA VAL C 135 -26.57 17.70 -1.19
C VAL C 135 -27.70 18.70 -1.37
N ASP C 136 -27.70 19.76 -0.56
CA ASP C 136 -28.66 20.85 -0.71
C ASP C 136 -28.42 21.58 -2.03
N LYS C 137 -27.15 21.78 -2.36
CA LYS C 137 -26.79 22.61 -3.49
C LYS C 137 -25.30 22.46 -3.84
N GLY C 138 -25.00 22.45 -5.13
CA GLY C 138 -23.61 22.39 -5.57
C GLY C 138 -23.26 21.15 -6.38
N PRO C 139 -21.98 21.05 -6.78
CA PRO C 139 -21.47 20.00 -7.67
C PRO C 139 -21.76 18.57 -7.18
N VAL C 140 -21.71 18.33 -5.87
CA VAL C 140 -22.01 17.01 -5.34
C VAL C 140 -23.49 16.66 -5.52
N ALA C 141 -24.36 17.58 -5.12
CA ALA C 141 -25.79 17.39 -5.33
C ALA C 141 -26.07 17.12 -6.80
N GLU C 142 -25.44 17.91 -7.67
CA GLU C 142 -25.61 17.76 -9.11
C GLU C 142 -25.10 16.42 -9.61
N PHE C 143 -23.95 15.99 -9.10
CA PHE C 143 -23.38 14.71 -9.55
C PHE C 143 -24.34 13.57 -9.27
N PHE C 144 -24.98 13.60 -8.11
CA PHE C 144 -25.99 12.61 -7.76
C PHE C 144 -27.14 12.67 -8.77
N ALA C 145 -27.67 13.88 -8.98
CA ALA C 145 -28.78 14.09 -9.90
C ALA C 145 -28.47 13.59 -11.30
N ASN C 146 -27.43 14.16 -11.91
CA ASN C 146 -27.04 13.79 -13.27
C ASN C 146 -26.78 12.31 -13.45
N THR C 147 -26.08 11.70 -12.50
CA THR C 147 -25.76 10.28 -12.58
C THR C 147 -26.99 9.39 -12.44
N ALA C 148 -27.86 9.75 -11.50
CA ALA C 148 -29.09 9.00 -11.30
C ALA C 148 -29.91 9.00 -12.58
N ALA C 149 -29.92 10.15 -13.27
CA ALA C 149 -30.65 10.28 -14.52
C ALA C 149 -30.09 9.33 -15.58
N SER C 150 -28.81 9.47 -15.88
CA SER C 150 -28.17 8.69 -16.93
C SER C 150 -28.34 7.17 -16.72
N LYS C 151 -28.30 6.74 -15.46
CA LYS C 151 -28.45 5.32 -15.16
C LYS C 151 -29.89 4.87 -15.38
N ALA C 152 -30.83 5.78 -15.11
CA ALA C 152 -32.24 5.47 -15.26
C ALA C 152 -32.71 5.55 -16.70
N SER C 153 -31.95 6.28 -17.52
CA SER C 153 -32.33 6.49 -18.92
C SER C 153 -31.43 5.74 -19.90
N MET C 154 -30.69 4.76 -19.40
CA MET C 154 -29.83 3.95 -20.26
C MET C 154 -30.56 2.68 -20.71
N PRO C 155 -30.36 2.28 -21.97
CA PRO C 155 -31.01 1.10 -22.55
C PRO C 155 -30.84 -0.14 -21.69
N PHE C 156 -31.84 -1.03 -21.72
CA PHE C 156 -31.87 -2.20 -20.86
C PHE C 156 -30.70 -3.15 -21.08
N THR C 157 -30.46 -3.50 -22.34
CA THR C 157 -29.38 -4.42 -22.69
C THR C 157 -28.05 -3.96 -22.10
N ALA C 158 -27.76 -2.68 -22.24
CA ALA C 158 -26.53 -2.10 -21.72
C ALA C 158 -26.46 -2.29 -20.21
N LEU C 159 -27.50 -1.84 -19.51
CA LEU C 159 -27.56 -2.00 -18.06
C LEU C 159 -27.42 -3.46 -17.64
N PHE C 160 -28.02 -4.35 -18.43
CA PHE C 160 -28.00 -5.78 -18.12
C PHE C 160 -26.58 -6.31 -18.14
N PHE C 161 -25.87 -6.05 -19.24
CA PHE C 161 -24.52 -6.55 -19.40
C PHE C 161 -23.54 -5.88 -18.43
N ARG C 162 -23.80 -4.63 -18.06
CA ARG C 162 -22.96 -3.95 -17.08
C ARG C 162 -23.15 -4.58 -15.71
N GLY C 163 -24.36 -5.08 -15.46
CA GLY C 163 -24.65 -5.78 -14.22
C GLY C 163 -23.89 -7.09 -14.15
N ILE C 164 -23.85 -7.82 -15.26
CA ILE C 164 -23.12 -9.07 -15.34
C ILE C 164 -21.66 -8.90 -14.94
N LEU C 165 -20.96 -8.00 -15.64
CA LEU C 165 -19.53 -7.79 -15.40
C LEU C 165 -19.25 -7.25 -14.01
N CYS C 166 -20.18 -6.45 -13.49
CA CYS C 166 -20.02 -5.91 -12.13
C CYS C 166 -19.99 -7.03 -11.11
N ASN C 167 -20.94 -7.96 -11.20
CA ASN C 167 -21.06 -8.99 -10.19
C ASN C 167 -20.05 -10.12 -10.36
N ILE C 168 -19.53 -10.28 -11.57
CA ILE C 168 -18.37 -11.13 -11.78
C ILE C 168 -17.24 -10.59 -10.92
N LEU C 169 -17.06 -9.28 -10.96
CA LEU C 169 -16.00 -8.63 -10.21
C LEU C 169 -16.28 -8.57 -8.70
N VAL C 170 -17.52 -8.28 -8.33
CA VAL C 170 -17.87 -8.29 -6.92
C VAL C 170 -17.74 -9.70 -6.34
N CYS C 171 -18.27 -10.69 -7.05
CA CYS C 171 -18.26 -12.06 -6.55
C CYS C 171 -16.87 -12.69 -6.56
N VAL C 172 -16.06 -12.41 -7.58
CA VAL C 172 -14.73 -12.99 -7.61
C VAL C 172 -13.90 -12.45 -6.44
N SER C 173 -14.21 -11.24 -6.01
CA SER C 173 -13.52 -10.67 -4.86
C SER C 173 -14.00 -11.37 -3.58
N VAL C 174 -15.28 -11.70 -3.52
CA VAL C 174 -15.80 -12.52 -2.43
C VAL C 174 -15.17 -13.92 -2.49
N LEU C 175 -14.98 -14.42 -3.71
CA LEU C 175 -14.32 -15.71 -3.92
C LEU C 175 -12.89 -15.71 -3.39
N CYS C 176 -12.17 -14.61 -3.61
CA CYS C 176 -10.80 -14.49 -3.12
C CYS C 176 -10.76 -14.50 -1.59
N SER C 177 -11.77 -13.91 -0.95
CA SER C 177 -11.84 -13.88 0.50
C SER C 177 -12.07 -15.29 1.07
N PHE C 178 -12.65 -16.17 0.26
CA PHE C 178 -12.81 -17.56 0.65
C PHE C 178 -11.54 -18.38 0.42
N ARG C 179 -10.63 -17.85 -0.40
CA ARG C 179 -9.45 -18.61 -0.80
C ARG C 179 -8.17 -18.19 -0.08
N THR C 180 -8.27 -17.16 0.76
CA THR C 180 -7.11 -16.71 1.53
C THR C 180 -7.46 -16.61 3.02
N ASN C 181 -6.45 -16.74 3.87
CA ASN C 181 -6.60 -16.49 5.29
C ASN C 181 -6.03 -15.13 5.70
N SER C 182 -5.46 -14.43 4.73
CA SER C 182 -4.90 -13.10 4.97
C SER C 182 -5.98 -12.03 4.79
N ASP C 183 -6.37 -11.38 5.89
CA ASP C 183 -7.37 -10.33 5.83
C ASP C 183 -6.91 -9.15 4.97
N THR C 184 -5.61 -8.88 4.99
CA THR C 184 -5.08 -7.78 4.21
C THR C 184 -5.16 -8.08 2.71
N ALA C 185 -4.91 -9.34 2.34
CA ALA C 185 -5.02 -9.75 0.95
C ALA C 185 -6.47 -9.69 0.49
N LYS C 186 -7.39 -10.02 1.40
CA LYS C 186 -8.82 -9.91 1.10
C LYS C 186 -9.15 -8.48 0.69
N ILE C 187 -8.75 -7.54 1.54
CA ILE C 187 -9.01 -6.12 1.30
C ILE C 187 -8.36 -5.65 0.00
N ILE C 188 -7.11 -6.02 -0.22
CA ILE C 188 -6.41 -5.65 -1.47
C ILE C 188 -7.14 -6.14 -2.71
N MET C 189 -7.49 -7.42 -2.74
CA MET C 189 -8.21 -7.98 -3.88
C MET C 189 -9.54 -7.27 -4.07
N ILE C 190 -10.18 -6.90 -2.97
CA ILE C 190 -11.43 -6.16 -3.04
C ILE C 190 -11.18 -4.79 -3.65
N PHE C 191 -10.16 -4.12 -3.15
CA PHE C 191 -9.73 -2.82 -3.67
C PHE C 191 -9.50 -2.89 -5.18
N LEU C 192 -8.84 -3.94 -5.65
CA LEU C 192 -8.56 -4.09 -7.07
C LEU C 192 -9.84 -4.30 -7.89
N CYS C 193 -10.71 -5.18 -7.41
CA CYS C 193 -11.92 -5.51 -8.15
C CYS C 193 -12.90 -4.34 -8.23
N LEU C 194 -12.97 -3.54 -7.17
CA LEU C 194 -13.86 -2.39 -7.14
C LEU C 194 -13.32 -1.20 -7.93
N PHE C 195 -11.99 -1.06 -7.94
CA PHE C 195 -11.31 -0.12 -8.82
C PHE C 195 -11.69 -0.44 -10.27
N ALA C 196 -11.53 -1.71 -10.65
CA ALA C 196 -11.80 -2.15 -12.01
C ALA C 196 -13.27 -1.97 -12.39
N PHE C 197 -14.18 -2.39 -11.50
CA PHE C 197 -15.60 -2.33 -11.83
C PHE C 197 -16.16 -0.90 -11.84
N ILE C 198 -15.71 -0.06 -10.93
CA ILE C 198 -16.15 1.34 -10.91
C ILE C 198 -15.60 2.14 -12.10
N THR C 199 -14.29 2.06 -12.32
CA THR C 199 -13.66 2.83 -13.39
C THR C 199 -14.09 2.36 -14.79
N SER C 200 -14.20 1.04 -14.98
CA SER C 200 -14.62 0.50 -16.26
C SER C 200 -16.05 0.89 -16.62
N GLY C 201 -16.89 1.08 -15.60
CA GLY C 201 -18.25 1.56 -15.81
C GLY C 201 -19.34 0.50 -15.71
N PHE C 202 -19.13 -0.50 -14.86
CA PHE C 202 -20.12 -1.56 -14.66
C PHE C 202 -21.14 -1.17 -13.59
N GLU C 203 -22.27 -1.86 -13.56
CA GLU C 203 -23.39 -1.45 -12.71
C GLU C 203 -23.65 -2.41 -11.54
N HIS C 204 -23.70 -1.86 -10.34
CA HIS C 204 -23.95 -2.63 -9.12
C HIS C 204 -25.31 -2.27 -8.53
N SER C 205 -26.22 -3.25 -8.45
CA SER C 205 -27.59 -2.99 -8.03
C SER C 205 -27.70 -2.37 -6.63
N VAL C 206 -27.08 -3.00 -5.65
CA VAL C 206 -27.19 -2.54 -4.26
C VAL C 206 -26.66 -1.12 -4.09
N ALA C 207 -25.54 -0.82 -4.76
CA ALA C 207 -24.96 0.51 -4.73
C ALA C 207 -25.90 1.55 -5.34
N ASN C 208 -26.61 1.14 -6.40
CA ASN C 208 -27.57 2.03 -7.04
C ASN C 208 -28.77 2.37 -6.15
N MET C 209 -29.04 1.53 -5.16
CA MET C 209 -30.12 1.79 -4.22
C MET C 209 -29.88 3.10 -3.47
N THR C 210 -28.61 3.39 -3.21
CA THR C 210 -28.25 4.62 -2.51
C THR C 210 -28.23 5.83 -3.43
N ILE C 211 -27.82 5.63 -4.68
CA ILE C 211 -27.84 6.68 -5.68
C ILE C 211 -29.25 7.26 -5.84
N TYR C 212 -30.23 6.38 -5.99
CA TYR C 212 -31.61 6.82 -6.15
C TYR C 212 -32.24 7.20 -4.81
N SER C 213 -31.77 6.55 -3.74
CA SER C 213 -32.24 6.89 -2.40
C SER C 213 -31.93 8.35 -2.11
N VAL C 214 -30.68 8.74 -2.32
CA VAL C 214 -30.25 10.12 -2.11
C VAL C 214 -30.99 11.10 -3.01
N SER C 215 -31.20 10.72 -4.26
CA SER C 215 -31.81 11.63 -5.24
C SER C 215 -33.32 11.77 -5.05
N LEU C 216 -33.97 10.68 -4.63
CA LEU C 216 -35.42 10.71 -4.43
C LEU C 216 -35.78 11.31 -3.08
N PHE C 217 -34.83 11.30 -2.15
CA PHE C 217 -35.00 11.96 -0.86
C PHE C 217 -34.46 13.39 -0.94
N SER C 218 -33.58 13.64 -1.91
CA SER C 218 -33.04 14.97 -2.13
C SER C 218 -34.14 15.91 -2.62
N PRO C 219 -34.12 17.16 -2.17
CA PRO C 219 -35.17 18.13 -2.48
C PRO C 219 -34.86 18.92 -3.76
N THR C 220 -33.62 19.35 -3.90
CA THR C 220 -33.19 20.11 -5.08
C THR C 220 -33.47 19.36 -6.39
N ILE C 221 -34.68 19.53 -6.91
CA ILE C 221 -35.08 18.95 -8.20
C ILE C 221 -35.10 17.42 -8.23
N SER C 222 -35.50 16.88 -9.39
CA SER C 222 -35.58 15.43 -9.59
C SER C 222 -34.95 15.02 -10.91
N THR C 223 -35.62 15.33 -12.02
CA THR C 223 -35.19 14.84 -13.33
C THR C 223 -34.93 13.34 -13.32
N VAL C 224 -35.58 12.62 -12.41
CA VAL C 224 -35.41 11.17 -12.28
C VAL C 224 -36.76 10.46 -12.31
N THR C 225 -37.27 10.14 -11.13
CA THR C 225 -38.58 9.48 -10.95
C THR C 225 -38.41 8.03 -10.50
N ILE C 226 -39.19 7.61 -9.52
CA ILE C 226 -39.13 6.23 -9.03
C ILE C 226 -39.23 5.23 -10.17
N GLY C 227 -39.97 5.59 -11.21
CA GLY C 227 -40.08 4.76 -12.38
C GLY C 227 -38.71 4.45 -12.96
N GLY C 228 -37.86 5.47 -13.02
CA GLY C 228 -36.49 5.29 -13.47
C GLY C 228 -35.72 4.36 -12.55
N ALA C 229 -35.82 4.63 -11.25
CA ALA C 229 -35.14 3.82 -10.25
C ALA C 229 -35.50 2.34 -10.40
N ILE C 230 -36.80 2.05 -10.39
CA ILE C 230 -37.27 0.69 -10.55
C ILE C 230 -36.69 0.06 -11.80
N TYR C 231 -36.69 0.81 -12.90
CA TYR C 231 -36.14 0.35 -14.16
C TYR C 231 -34.69 -0.08 -13.97
N ASN C 232 -33.82 0.89 -13.68
CA ASN C 232 -32.41 0.61 -13.43
C ASN C 232 -32.23 -0.56 -12.47
N LEU C 233 -32.84 -0.46 -11.29
CA LEU C 233 -32.67 -1.49 -10.26
C LEU C 233 -33.03 -2.87 -10.76
N VAL C 234 -34.09 -2.96 -11.56
CA VAL C 234 -34.53 -4.25 -12.11
C VAL C 234 -33.55 -4.82 -13.12
N ALA C 235 -33.11 -3.99 -14.07
CA ALA C 235 -32.19 -4.42 -15.10
C ALA C 235 -30.85 -4.83 -14.50
N VAL C 236 -30.26 -3.93 -13.72
CA VAL C 236 -28.97 -4.18 -13.10
C VAL C 236 -29.00 -5.42 -12.22
N THR C 237 -30.11 -5.62 -11.52
CA THR C 237 -30.26 -6.76 -10.62
C THR C 237 -30.21 -8.09 -11.36
N LEU C 238 -30.93 -8.19 -12.47
CA LEU C 238 -30.92 -9.41 -13.28
C LEU C 238 -29.53 -9.66 -13.85
N GLY C 239 -28.85 -8.58 -14.25
CA GLY C 239 -27.48 -8.68 -14.70
C GLY C 239 -26.60 -9.25 -13.61
N ASN C 240 -26.69 -8.67 -12.41
CA ASN C 240 -25.92 -9.12 -11.26
C ASN C 240 -26.11 -10.61 -11.01
N ILE C 241 -27.36 -11.05 -11.00
CA ILE C 241 -27.69 -12.44 -10.72
C ILE C 241 -27.01 -13.36 -11.73
N VAL C 242 -27.05 -12.96 -13.00
CA VAL C 242 -26.43 -13.74 -14.06
C VAL C 242 -24.92 -13.85 -13.87
N GLY C 243 -24.27 -12.69 -13.71
CA GLY C 243 -22.84 -12.66 -13.50
C GLY C 243 -22.43 -13.45 -12.27
N GLY C 244 -23.20 -13.28 -11.19
CA GLY C 244 -22.90 -13.94 -9.94
C GLY C 244 -23.27 -15.41 -9.89
N ALA C 245 -24.45 -15.75 -10.39
CA ALA C 245 -24.95 -17.12 -10.31
C ALA C 245 -24.54 -17.97 -11.52
N LEU C 246 -24.78 -17.45 -12.72
CA LEU C 246 -24.49 -18.19 -13.94
C LEU C 246 -22.98 -18.37 -14.16
N PHE C 247 -22.23 -17.30 -13.94
CA PHE C 247 -20.79 -17.33 -14.18
C PHE C 247 -20.00 -17.85 -12.97
N MET C 248 -20.05 -17.10 -11.87
CA MET C 248 -19.22 -17.41 -10.71
C MET C 248 -19.75 -18.60 -9.91
N GLY C 249 -21.06 -18.65 -9.71
CA GLY C 249 -21.68 -19.75 -8.99
C GLY C 249 -21.42 -21.07 -9.67
N LEU C 250 -21.92 -21.18 -10.90
CA LEU C 250 -21.75 -22.39 -11.70
C LEU C 250 -20.28 -22.70 -11.95
N GLY C 251 -19.49 -21.65 -12.17
CA GLY C 251 -18.08 -21.81 -12.44
C GLY C 251 -17.35 -22.52 -11.31
N THR C 252 -17.52 -22.02 -10.09
CA THR C 252 -16.84 -22.58 -8.94
C THR C 252 -17.31 -24.00 -8.66
N TYR C 253 -18.62 -24.23 -8.79
CA TYR C 253 -19.16 -25.58 -8.66
C TYR C 253 -18.39 -26.54 -9.56
N ILE C 254 -18.43 -26.26 -10.87
CA ILE C 254 -17.72 -27.08 -11.84
C ILE C 254 -16.27 -27.35 -11.42
N LEU C 255 -15.57 -26.31 -11.00
CA LEU C 255 -14.17 -26.44 -10.63
C LEU C 255 -13.95 -27.36 -9.42
N GLY C 256 -14.83 -27.26 -8.43
CA GLY C 256 -14.62 -27.93 -7.16
C GLY C 256 -15.37 -29.23 -6.94
N LYS C 257 -16.39 -29.47 -7.75
CA LYS C 257 -17.17 -30.69 -7.57
C LYS C 257 -16.36 -31.89 -8.01
N GLU C 258 -15.92 -32.68 -7.04
CA GLU C 258 -15.15 -33.87 -7.35
C GLU C 258 -16.04 -34.82 -8.14
N LYS C 259 -15.74 -35.01 -9.41
CA LYS C 259 -16.69 -35.62 -10.33
C LYS C 259 -16.91 -37.13 -10.17
N LEU C 260 -16.36 -37.70 -9.10
CA LEU C 260 -16.90 -38.96 -8.60
C LEU C 260 -18.14 -38.53 -7.86
N ASN C 261 -19.28 -38.70 -8.51
CA ASN C 261 -20.52 -38.03 -8.16
C ASN C 261 -20.79 -36.91 -9.16
N ALA C 262 -21.07 -37.25 -10.42
CA ALA C 262 -21.12 -38.63 -10.93
C ALA C 262 -22.17 -39.52 -10.26
N ALA C 263 -22.35 -39.35 -8.96
CA ALA C 263 -23.48 -39.94 -8.27
C ALA C 263 -24.73 -39.33 -8.88
N ALA C 264 -24.55 -38.69 -10.03
CA ALA C 264 -25.62 -38.07 -10.81
C ALA C 264 -25.17 -37.68 -12.22
N GLU C 265 -24.11 -36.88 -12.33
CA GLU C 265 -23.72 -36.26 -13.61
C GLU C 265 -22.27 -36.48 -14.06
N ASN C 266 -22.04 -36.41 -15.37
CA ASN C 266 -20.75 -36.77 -15.97
C ASN C 266 -20.03 -35.65 -16.71
N LEU C 267 -18.75 -35.45 -16.38
CA LEU C 267 -17.97 -34.35 -16.93
C LEU C 267 -17.58 -34.49 -18.40
N TYR C 268 -16.48 -35.17 -18.64
CA TYR C 268 -15.84 -35.23 -19.96
C TYR C 268 -14.73 -34.18 -20.05
N ARG D 3 18.70 -19.66 -0.04
CA ARG D 3 18.02 -20.06 -1.26
C ARG D 3 17.27 -21.36 -1.03
N ALA D 4 16.13 -21.53 -1.69
CA ALA D 4 15.37 -22.76 -1.60
C ALA D 4 15.06 -23.24 -3.01
N HIS D 5 16.09 -23.30 -3.85
CA HIS D 5 15.92 -23.63 -5.25
C HIS D 5 15.36 -25.03 -5.49
N LYS D 6 15.80 -26.01 -4.69
CA LYS D 6 15.34 -27.38 -4.87
C LYS D 6 13.86 -27.50 -4.54
N GLU D 7 13.47 -26.95 -3.39
CA GLU D 7 12.06 -26.95 -2.97
C GLU D 7 11.20 -26.23 -4.02
N THR D 8 11.72 -25.14 -4.57
CA THR D 8 10.99 -24.39 -5.59
C THR D 8 10.76 -25.23 -6.85
N LEU D 9 11.80 -25.86 -7.35
CA LEU D 9 11.68 -26.72 -8.52
C LEU D 9 10.74 -27.88 -8.23
N ASP D 10 10.77 -28.38 -7.00
CA ASP D 10 9.87 -29.45 -6.59
C ASP D 10 8.41 -28.97 -6.61
N LYS D 11 8.19 -27.72 -6.20
CA LYS D 11 6.85 -27.15 -6.20
C LYS D 11 6.34 -26.93 -7.61
N LEU D 12 7.22 -26.45 -8.49
CA LEU D 12 6.86 -26.29 -9.90
C LEU D 12 6.48 -27.64 -10.51
N THR D 13 7.27 -28.67 -10.21
CA THR D 13 7.03 -29.99 -10.79
C THR D 13 5.69 -30.57 -10.36
N ASN D 14 5.36 -30.43 -9.08
CA ASN D 14 4.09 -30.90 -8.56
C ASN D 14 2.92 -30.12 -9.16
N ALA D 15 3.13 -28.82 -9.38
CA ALA D 15 2.12 -27.98 -10.02
C ALA D 15 1.91 -28.42 -11.47
N ALA D 16 3.00 -28.74 -12.15
CA ALA D 16 2.90 -29.24 -13.51
C ALA D 16 2.18 -30.59 -13.53
N ILE D 17 2.55 -31.46 -12.59
CA ILE D 17 1.89 -32.76 -12.48
C ILE D 17 0.39 -32.59 -12.24
N ASN D 18 0.03 -31.62 -11.40
CA ASN D 18 -1.37 -31.35 -11.09
C ASN D 18 -2.16 -30.79 -12.28
N SER D 19 -1.51 -30.01 -13.12
CA SER D 19 -2.17 -29.46 -14.29
C SER D 19 -2.55 -30.54 -15.29
N ILE D 20 -1.61 -31.42 -15.61
CA ILE D 20 -1.90 -32.48 -16.57
C ILE D 20 -2.90 -33.48 -16.00
N ASN D 21 -2.78 -33.78 -14.71
CA ASN D 21 -3.76 -34.60 -14.02
C ASN D 21 -5.17 -34.06 -14.23
N LEU D 22 -5.34 -32.77 -13.96
CA LEU D 22 -6.64 -32.10 -14.13
C LEU D 22 -7.18 -32.25 -15.54
N LEU D 23 -6.34 -31.98 -16.54
CA LEU D 23 -6.74 -32.12 -17.94
C LEU D 23 -7.19 -33.55 -18.23
N ASN D 24 -6.39 -34.53 -17.81
CA ASN D 24 -6.69 -35.94 -18.04
C ASN D 24 -7.95 -36.39 -17.31
N THR D 25 -8.25 -35.74 -16.20
CA THR D 25 -9.44 -36.07 -15.41
C THR D 25 -10.70 -35.45 -16.00
N SER D 26 -10.58 -34.23 -16.52
CA SER D 26 -11.74 -33.52 -17.07
C SER D 26 -11.36 -32.33 -17.95
N LYS D 27 -11.63 -32.45 -19.25
CA LYS D 27 -11.43 -31.35 -20.17
C LYS D 27 -12.32 -30.16 -19.84
N VAL D 28 -13.55 -30.45 -19.42
CA VAL D 28 -14.50 -29.41 -19.07
C VAL D 28 -13.98 -28.58 -17.90
N LYS D 29 -13.53 -29.28 -16.86
CA LYS D 29 -12.94 -28.61 -15.70
C LYS D 29 -11.73 -27.76 -16.08
N TYR D 30 -10.83 -28.33 -16.87
CA TYR D 30 -9.62 -27.61 -17.25
C TYR D 30 -9.93 -26.41 -18.14
N LEU D 31 -10.86 -26.58 -19.07
CA LEU D 31 -11.23 -25.51 -19.98
C LEU D 31 -12.02 -24.40 -19.28
N VAL D 32 -12.82 -24.76 -18.28
CA VAL D 32 -13.53 -23.77 -17.49
C VAL D 32 -12.53 -22.95 -16.66
N SER D 33 -11.55 -23.62 -16.08
CA SER D 33 -10.48 -22.98 -15.34
C SER D 33 -9.70 -22.03 -16.26
N SER D 34 -9.32 -22.55 -17.43
CA SER D 34 -8.62 -21.76 -18.44
C SER D 34 -9.44 -20.53 -18.86
N ALA D 35 -10.72 -20.76 -19.17
CA ALA D 35 -11.62 -19.69 -19.56
C ALA D 35 -11.70 -18.59 -18.49
N PHE D 36 -11.76 -18.98 -17.23
CA PHE D 36 -11.75 -18.03 -16.12
C PHE D 36 -10.50 -17.15 -16.17
N ALA D 37 -9.34 -17.79 -16.28
CA ALA D 37 -8.06 -17.08 -16.30
C ALA D 37 -7.99 -16.07 -17.44
N GLY D 38 -8.39 -16.50 -18.63
CA GLY D 38 -8.39 -15.62 -19.79
C GLY D 38 -9.29 -14.41 -19.58
N LEU D 39 -10.42 -14.62 -18.91
CA LEU D 39 -11.36 -13.54 -18.66
C LEU D 39 -10.85 -12.60 -17.57
N TYR D 40 -10.28 -13.20 -16.52
CA TYR D 40 -9.70 -12.43 -15.43
C TYR D 40 -8.60 -11.50 -15.96
N VAL D 41 -7.77 -12.02 -16.85
CA VAL D 41 -6.72 -11.23 -17.49
C VAL D 41 -7.34 -10.14 -18.35
N GLY D 42 -8.36 -10.51 -19.12
CA GLY D 42 -9.06 -9.56 -19.96
C GLY D 42 -9.68 -8.43 -19.15
N ILE D 43 -10.04 -8.71 -17.91
CA ILE D 43 -10.66 -7.72 -17.05
C ILE D 43 -9.66 -6.60 -16.76
N GLY D 44 -8.40 -6.99 -16.55
CA GLY D 44 -7.32 -6.02 -16.44
C GLY D 44 -7.26 -5.12 -17.65
N ILE D 45 -7.44 -5.70 -18.84
CA ILE D 45 -7.38 -4.93 -20.09
C ILE D 45 -8.53 -3.93 -20.21
N LEU D 46 -9.72 -4.32 -19.79
CA LEU D 46 -10.85 -3.41 -19.86
C LEU D 46 -10.58 -2.20 -18.98
N LEU D 47 -9.98 -2.44 -17.82
CA LEU D 47 -9.68 -1.36 -16.90
C LEU D 47 -8.62 -0.40 -17.43
N ILE D 48 -7.46 -0.95 -17.83
CA ILE D 48 -6.34 -0.10 -18.22
C ILE D 48 -6.54 0.53 -19.59
N PHE D 49 -7.42 -0.07 -20.39
CA PHE D 49 -7.77 0.51 -21.70
C PHE D 49 -8.83 1.61 -21.53
N THR D 50 -9.64 1.49 -20.48
CA THR D 50 -10.52 2.59 -20.11
C THR D 50 -9.66 3.76 -19.66
N ILE D 51 -8.70 3.47 -18.79
CA ILE D 51 -7.72 4.44 -18.32
C ILE D 51 -6.95 5.04 -19.51
N GLY D 52 -6.40 4.17 -20.35
CA GLY D 52 -5.69 4.61 -21.54
C GLY D 52 -6.50 5.61 -22.36
N GLY D 53 -7.76 5.26 -22.61
CA GLY D 53 -8.65 6.15 -23.35
C GLY D 53 -8.81 7.50 -22.66
N LEU D 54 -9.18 7.46 -21.38
CA LEU D 54 -9.41 8.69 -20.62
C LEU D 54 -8.19 9.61 -20.63
N LEU D 55 -7.03 9.06 -20.33
CA LEU D 55 -5.80 9.85 -20.21
C LEU D 55 -5.17 10.19 -21.57
N THR D 56 -5.37 9.33 -22.57
CA THR D 56 -4.92 9.64 -23.91
C THR D 56 -5.66 10.86 -24.43
N ASP D 57 -6.98 10.86 -24.23
CA ASP D 57 -7.85 11.95 -24.69
C ASP D 57 -7.53 13.26 -23.96
N ALA D 58 -6.82 13.16 -22.85
CA ALA D 58 -6.48 14.32 -22.04
C ALA D 58 -5.09 14.86 -22.36
N GLY D 59 -4.31 14.06 -23.08
CA GLY D 59 -2.94 14.44 -23.40
C GLY D 59 -2.01 14.31 -22.22
N SER D 60 -2.36 13.45 -21.27
CA SER D 60 -1.55 13.23 -20.09
C SER D 60 -0.31 12.40 -20.40
N PRO D 61 0.86 12.87 -19.94
CA PRO D 61 2.11 12.11 -20.09
C PRO D 61 2.19 10.92 -19.13
N MET D 62 1.21 10.78 -18.24
CA MET D 62 1.24 9.72 -17.22
C MET D 62 0.46 8.48 -17.64
N THR D 63 -0.17 8.54 -18.81
CA THR D 63 -1.02 7.46 -19.31
C THR D 63 -0.44 6.06 -19.11
N LYS D 64 0.72 5.80 -19.71
CA LYS D 64 1.32 4.47 -19.67
C LYS D 64 1.79 4.10 -18.28
N ILE D 65 2.13 5.09 -17.48
CA ILE D 65 2.55 4.86 -16.11
C ILE D 65 1.34 4.41 -15.28
N VAL D 66 0.24 5.13 -15.42
CA VAL D 66 -1.00 4.80 -14.70
C VAL D 66 -1.58 3.46 -15.16
N MET D 67 -1.47 3.19 -16.45
CA MET D 67 -1.90 1.91 -16.99
C MET D 67 -1.12 0.76 -16.35
N GLY D 68 0.20 0.91 -16.28
CA GLY D 68 1.05 -0.12 -15.69
C GLY D 68 0.70 -0.38 -14.24
N LEU D 69 0.47 0.69 -13.49
CA LEU D 69 0.13 0.59 -12.07
C LEU D 69 -1.24 -0.04 -11.84
N SER D 70 -2.10 0.00 -12.85
CA SER D 70 -3.48 -0.43 -12.69
C SER D 70 -3.77 -1.82 -13.23
N PHE D 71 -2.72 -2.51 -13.69
CA PHE D 71 -2.91 -3.80 -14.37
C PHE D 71 -2.80 -4.99 -13.41
N ALA D 72 -2.36 -4.75 -12.18
CA ALA D 72 -2.14 -5.82 -11.20
C ALA D 72 -3.30 -6.82 -11.07
N ILE D 73 -4.53 -6.34 -11.15
CA ILE D 73 -5.70 -7.22 -11.01
C ILE D 73 -5.63 -8.44 -11.92
N ALA D 74 -5.12 -8.27 -13.13
CA ALA D 74 -5.09 -9.34 -14.12
C ALA D 74 -4.47 -10.64 -13.59
N LEU D 75 -3.20 -10.60 -13.22
CA LEU D 75 -2.53 -11.80 -12.71
C LEU D 75 -2.87 -12.08 -11.23
N SER D 76 -3.21 -11.03 -10.49
CA SER D 76 -3.63 -11.21 -9.09
C SER D 76 -4.85 -12.14 -9.00
N LEU D 77 -5.81 -11.94 -9.90
CA LEU D 77 -7.02 -12.78 -9.91
C LEU D 77 -6.68 -14.22 -10.27
N VAL D 78 -5.88 -14.38 -11.30
CA VAL D 78 -5.44 -15.70 -11.73
C VAL D 78 -4.82 -16.47 -10.56
N ILE D 79 -3.83 -15.86 -9.92
CA ILE D 79 -3.12 -16.50 -8.82
C ILE D 79 -4.01 -16.78 -7.62
N MET D 80 -4.82 -15.79 -7.23
CA MET D 80 -5.69 -15.93 -6.07
C MET D 80 -6.86 -16.91 -6.27
N THR D 81 -7.20 -17.18 -7.54
CA THR D 81 -8.27 -18.13 -7.83
C THR D 81 -7.74 -19.52 -8.21
N GLY D 82 -6.43 -19.62 -8.42
CA GLY D 82 -5.83 -20.89 -8.81
C GLY D 82 -6.32 -21.42 -10.16
N THR D 83 -6.53 -20.51 -11.11
CA THR D 83 -6.98 -20.90 -12.45
C THR D 83 -5.81 -21.05 -13.44
N GLU D 84 -6.08 -21.71 -14.57
CA GLU D 84 -5.02 -22.08 -15.51
C GLU D 84 -4.75 -20.98 -16.54
N LEU D 85 -3.53 -20.45 -16.52
CA LEU D 85 -3.11 -19.42 -17.48
C LEU D 85 -2.00 -19.94 -18.36
N PHE D 86 -2.20 -19.84 -19.67
CA PHE D 86 -1.23 -20.33 -20.65
C PHE D 86 0.20 -19.86 -20.38
N THR D 87 0.38 -18.55 -20.23
CA THR D 87 1.72 -17.97 -20.12
C THR D 87 2.52 -18.51 -18.93
N GLY D 88 1.89 -18.53 -17.76
CA GLY D 88 2.53 -19.07 -16.57
C GLY D 88 2.86 -20.54 -16.74
N ASN D 89 2.02 -21.25 -17.48
CA ASN D 89 2.26 -22.67 -17.79
C ASN D 89 3.53 -22.93 -18.59
N ASN D 90 4.07 -21.89 -19.24
CA ASN D 90 5.30 -22.06 -20.00
C ASN D 90 6.49 -22.39 -19.09
N MET D 91 6.63 -21.64 -17.99
CA MET D 91 7.68 -21.94 -17.02
C MET D 91 7.40 -23.24 -16.26
N VAL D 92 6.16 -23.44 -15.84
CA VAL D 92 5.79 -24.57 -15.01
C VAL D 92 5.93 -25.93 -15.70
N MET D 93 5.32 -26.07 -16.87
CA MET D 93 5.40 -27.33 -17.60
C MET D 93 6.84 -27.62 -18.04
N SER D 94 7.58 -26.59 -18.44
CA SER D 94 8.94 -26.83 -18.90
C SER D 94 9.85 -27.25 -17.74
N ALA D 95 9.77 -26.56 -16.61
CA ALA D 95 10.53 -26.94 -15.44
C ALA D 95 10.16 -28.36 -14.98
N GLY D 96 8.86 -28.64 -14.92
CA GLY D 96 8.40 -29.96 -14.50
C GLY D 96 8.80 -31.05 -15.47
N MET D 97 8.82 -30.70 -16.76
CA MET D 97 9.19 -31.63 -17.81
C MET D 97 10.70 -31.93 -17.77
N LEU D 98 11.51 -30.90 -17.59
CA LEU D 98 12.96 -31.06 -17.44
C LEU D 98 13.28 -31.89 -16.18
N ASN D 99 12.45 -31.74 -15.16
CA ASN D 99 12.64 -32.49 -13.92
C ASN D 99 11.91 -33.83 -13.97
N LYS D 100 11.56 -34.26 -15.18
CA LYS D 100 11.00 -35.58 -15.43
C LYS D 100 9.72 -35.90 -14.64
N GLY D 101 8.92 -34.88 -14.37
CA GLY D 101 7.65 -35.06 -13.70
C GLY D 101 6.50 -35.22 -14.69
N VAL D 102 6.63 -34.56 -15.84
CA VAL D 102 5.65 -34.67 -16.91
C VAL D 102 6.40 -34.84 -18.22
N SER D 103 5.68 -35.27 -19.26
CA SER D 103 6.32 -35.53 -20.55
C SER D 103 6.25 -34.32 -21.47
N ILE D 104 6.93 -34.42 -22.60
CA ILE D 104 6.87 -33.37 -23.61
C ILE D 104 5.46 -33.28 -24.18
N LYS D 105 4.81 -34.43 -24.36
CA LYS D 105 3.44 -34.47 -24.87
C LYS D 105 2.47 -33.83 -23.89
N ASP D 106 2.62 -34.13 -22.60
CA ASP D 106 1.80 -33.49 -21.56
C ASP D 106 1.96 -31.98 -21.65
N THR D 107 3.19 -31.53 -21.88
CA THR D 107 3.52 -30.10 -21.95
C THR D 107 2.82 -29.39 -23.10
N SER D 108 2.89 -29.97 -24.30
CA SER D 108 2.29 -29.34 -25.47
C SER D 108 0.77 -29.46 -25.41
N LYS D 109 0.29 -30.44 -24.66
CA LYS D 109 -1.13 -30.64 -24.45
C LYS D 109 -1.66 -29.55 -23.51
N ILE D 110 -0.97 -29.36 -22.40
CA ILE D 110 -1.36 -28.32 -21.46
C ILE D 110 -1.27 -26.93 -22.11
N TRP D 111 -0.25 -26.73 -22.93
CA TRP D 111 -0.06 -25.46 -23.62
C TRP D 111 -1.17 -25.19 -24.64
N ALA D 112 -1.52 -26.20 -25.43
CA ALA D 112 -2.60 -26.08 -26.40
C ALA D 112 -3.94 -25.84 -25.72
N TYR D 113 -4.26 -26.64 -24.71
CA TYR D 113 -5.54 -26.56 -24.02
C TYR D 113 -5.72 -25.27 -23.21
N SER D 114 -4.68 -24.84 -22.50
CA SER D 114 -4.80 -23.61 -21.71
C SER D 114 -4.84 -22.37 -22.61
N TRP D 115 -4.15 -22.43 -23.75
CA TRP D 115 -4.21 -21.36 -24.73
C TRP D 115 -5.64 -21.22 -25.24
N VAL D 116 -6.20 -22.32 -25.73
CA VAL D 116 -7.57 -22.32 -26.25
C VAL D 116 -8.59 -21.97 -25.17
N GLY D 117 -8.39 -22.49 -23.96
CA GLY D 117 -9.25 -22.16 -22.84
C GLY D 117 -9.20 -20.68 -22.53
N ASN D 118 -7.99 -20.13 -22.49
CA ASN D 118 -7.80 -18.70 -22.27
C ASN D 118 -8.54 -17.87 -23.33
N LEU D 119 -8.44 -18.30 -24.58
CA LEU D 119 -9.08 -17.57 -25.68
C LEU D 119 -10.59 -17.52 -25.50
N ILE D 120 -11.15 -18.65 -25.05
CA ILE D 120 -12.59 -18.75 -24.84
C ILE D 120 -13.07 -17.74 -23.79
N GLY D 121 -12.30 -17.59 -22.73
CA GLY D 121 -12.60 -16.59 -21.73
C GLY D 121 -12.57 -15.19 -22.30
N ALA D 122 -11.54 -14.91 -23.09
CA ALA D 122 -11.39 -13.63 -23.77
C ALA D 122 -12.55 -13.34 -24.72
N LEU D 123 -13.01 -14.37 -25.42
CA LEU D 123 -14.12 -14.23 -26.35
C LEU D 123 -15.43 -13.98 -25.60
N VAL D 124 -15.63 -14.71 -24.52
CA VAL D 124 -16.80 -14.51 -23.66
C VAL D 124 -16.81 -13.10 -23.08
N LEU D 125 -15.65 -12.68 -22.57
CA LEU D 125 -15.50 -11.32 -22.01
C LEU D 125 -15.74 -10.25 -23.06
N GLY D 126 -15.14 -10.43 -24.23
CA GLY D 126 -15.24 -9.46 -25.30
C GLY D 126 -16.68 -9.25 -25.74
N ILE D 127 -17.41 -10.36 -25.88
CA ILE D 127 -18.81 -10.32 -26.26
C ILE D 127 -19.62 -9.53 -25.24
N ILE D 128 -19.46 -9.89 -23.98
CA ILE D 128 -20.21 -9.26 -22.90
C ILE D 128 -19.88 -7.79 -22.76
N PHE D 129 -18.59 -7.45 -22.87
CA PHE D 129 -18.15 -6.06 -22.78
C PHE D 129 -18.80 -5.20 -23.86
N VAL D 130 -18.67 -5.62 -25.11
CA VAL D 130 -19.33 -4.95 -26.23
C VAL D 130 -20.82 -4.75 -25.95
N GLY D 131 -21.45 -5.73 -25.31
CA GLY D 131 -22.86 -5.66 -24.97
C GLY D 131 -23.22 -4.58 -23.96
N THR D 132 -22.21 -4.05 -23.25
CA THR D 132 -22.44 -2.97 -22.29
C THR D 132 -22.57 -1.64 -23.02
N GLY D 133 -22.07 -1.59 -24.25
CA GLY D 133 -22.11 -0.38 -25.05
C GLY D 133 -20.99 0.59 -24.71
N LEU D 134 -20.07 0.16 -23.84
CA LEU D 134 -18.96 1.00 -23.39
C LEU D 134 -17.96 1.32 -24.50
N VAL D 135 -17.91 0.48 -25.53
CA VAL D 135 -17.05 0.77 -26.67
C VAL D 135 -17.87 1.09 -27.93
N ASP D 136 -19.11 1.51 -27.73
CA ASP D 136 -19.95 1.97 -28.83
C ASP D 136 -19.28 3.14 -29.56
N LYS D 137 -18.76 4.08 -28.78
CA LYS D 137 -17.99 5.22 -29.31
C LYS D 137 -17.29 5.96 -28.18
N GLY D 138 -16.32 6.80 -28.53
CA GLY D 138 -15.59 7.57 -27.54
C GLY D 138 -14.14 7.14 -27.37
N PRO D 139 -13.41 7.85 -26.50
CA PRO D 139 -11.96 7.67 -26.29
C PRO D 139 -11.55 6.25 -25.93
N VAL D 140 -12.41 5.51 -25.23
CA VAL D 140 -12.08 4.13 -24.87
C VAL D 140 -12.16 3.21 -26.08
N ALA D 141 -13.20 3.41 -26.89
CA ALA D 141 -13.36 2.64 -28.13
C ALA D 141 -12.19 2.86 -29.06
N GLU D 142 -11.72 4.10 -29.13
CA GLU D 142 -10.61 4.46 -30.01
C GLU D 142 -9.28 3.92 -29.50
N PHE D 143 -9.12 3.82 -28.18
CA PHE D 143 -7.90 3.26 -27.63
C PHE D 143 -7.81 1.76 -27.93
N PHE D 144 -8.96 1.09 -27.88
CA PHE D 144 -9.03 -0.32 -28.28
C PHE D 144 -8.71 -0.47 -29.76
N ALA D 145 -9.32 0.39 -30.58
CA ALA D 145 -9.16 0.31 -32.03
C ALA D 145 -7.72 0.58 -32.47
N ASN D 146 -7.14 1.67 -31.98
CA ASN D 146 -5.79 2.05 -32.37
C ASN D 146 -4.70 1.12 -31.86
N THR D 147 -4.83 0.68 -30.61
CA THR D 147 -3.85 -0.21 -30.02
C THR D 147 -3.88 -1.57 -30.70
N ALA D 148 -5.08 -2.06 -31.00
CA ALA D 148 -5.22 -3.34 -31.66
C ALA D 148 -4.52 -3.29 -33.01
N ALA D 149 -4.67 -2.15 -33.69
CA ALA D 149 -4.07 -1.95 -35.01
C ALA D 149 -2.54 -1.85 -34.93
N SER D 150 -2.03 -1.07 -33.98
CA SER D 150 -0.60 -0.89 -33.86
C SER D 150 0.10 -2.19 -33.45
N LYS D 151 -0.63 -3.04 -32.72
CA LYS D 151 -0.09 -4.34 -32.30
C LYS D 151 -0.11 -5.34 -33.45
N ALA D 152 -1.06 -5.19 -34.35
CA ALA D 152 -1.21 -6.10 -35.48
C ALA D 152 -0.29 -5.73 -36.64
N SER D 153 0.18 -4.49 -36.66
CA SER D 153 1.04 -4.03 -37.75
C SER D 153 2.52 -3.98 -37.37
N MET D 154 2.84 -4.18 -36.11
CA MET D 154 4.24 -4.19 -35.67
C MET D 154 5.01 -5.38 -36.25
N PRO D 155 6.31 -5.19 -36.55
CA PRO D 155 7.16 -6.23 -37.14
C PRO D 155 7.34 -7.44 -36.23
N PHE D 156 7.52 -8.61 -36.84
CA PHE D 156 7.53 -9.88 -36.13
C PHE D 156 8.61 -9.94 -35.05
N THR D 157 9.83 -9.53 -35.40
CA THR D 157 10.96 -9.59 -34.47
C THR D 157 10.72 -8.76 -33.23
N ALA D 158 10.07 -7.61 -33.40
CA ALA D 158 9.80 -6.72 -32.30
C ALA D 158 8.76 -7.34 -31.36
N LEU D 159 7.71 -7.91 -31.95
CA LEU D 159 6.69 -8.60 -31.16
C LEU D 159 7.28 -9.81 -30.43
N PHE D 160 8.13 -10.54 -31.14
CA PHE D 160 8.76 -11.72 -30.57
C PHE D 160 9.57 -11.38 -29.32
N PHE D 161 10.49 -10.44 -29.45
CA PHE D 161 11.32 -10.07 -28.30
C PHE D 161 10.51 -9.41 -27.17
N ARG D 162 9.44 -8.71 -27.52
CA ARG D 162 8.56 -8.15 -26.51
C ARG D 162 7.79 -9.25 -25.79
N GLY D 163 7.51 -10.33 -26.52
CA GLY D 163 6.85 -11.49 -25.95
C GLY D 163 7.77 -12.19 -24.95
N ILE D 164 9.05 -12.24 -25.29
CA ILE D 164 10.04 -12.85 -24.39
C ILE D 164 10.08 -12.11 -23.07
N LEU D 165 10.34 -10.81 -23.12
CA LEU D 165 10.48 -10.02 -21.90
C LEU D 165 9.20 -9.99 -21.07
N CYS D 166 8.05 -9.97 -21.75
CA CYS D 166 6.78 -10.00 -21.03
C CYS D 166 6.65 -11.25 -20.17
N ASN D 167 6.90 -12.42 -20.76
CA ASN D 167 6.69 -13.65 -20.01
C ASN D 167 7.79 -13.96 -18.98
N ILE D 168 8.97 -13.39 -19.15
CA ILE D 168 9.94 -13.44 -18.07
C ILE D 168 9.35 -12.74 -16.85
N LEU D 169 8.67 -11.64 -17.09
CA LEU D 169 8.04 -10.89 -15.99
C LEU D 169 6.81 -11.59 -15.41
N VAL D 170 5.92 -12.08 -16.27
CA VAL D 170 4.76 -12.82 -15.78
C VAL D 170 5.20 -14.07 -15.02
N CYS D 171 6.10 -14.83 -15.62
CA CYS D 171 6.54 -16.08 -15.00
C CYS D 171 7.32 -15.90 -13.70
N VAL D 172 8.13 -14.84 -13.62
CA VAL D 172 8.89 -14.60 -12.40
C VAL D 172 7.95 -14.18 -11.28
N SER D 173 6.87 -13.51 -11.65
CA SER D 173 5.85 -13.16 -10.66
C SER D 173 5.13 -14.45 -10.21
N VAL D 174 4.98 -15.41 -11.12
CA VAL D 174 4.46 -16.73 -10.74
C VAL D 174 5.50 -17.46 -9.89
N LEU D 175 6.76 -17.35 -10.28
CA LEU D 175 7.84 -17.94 -9.50
C LEU D 175 7.81 -17.46 -8.04
N CYS D 176 7.61 -16.16 -7.85
CA CYS D 176 7.55 -15.58 -6.51
C CYS D 176 6.42 -16.12 -5.67
N SER D 177 5.26 -16.37 -6.29
CA SER D 177 4.12 -16.90 -5.56
C SER D 177 4.40 -18.30 -5.05
N PHE D 178 5.34 -18.99 -5.70
CA PHE D 178 5.76 -20.31 -5.28
C PHE D 178 6.80 -20.25 -4.16
N ARG D 179 7.40 -19.07 -3.98
CA ARG D 179 8.51 -18.91 -3.04
C ARG D 179 8.17 -18.19 -1.74
N THR D 180 6.89 -17.83 -1.57
CA THR D 180 6.43 -17.19 -0.34
C THR D 180 5.09 -17.78 0.07
N ASN D 181 4.81 -17.76 1.37
CA ASN D 181 3.51 -18.19 1.89
C ASN D 181 2.60 -17.00 2.17
N SER D 182 3.11 -15.80 1.93
CA SER D 182 2.34 -14.58 2.15
C SER D 182 1.58 -14.18 0.90
N ASP D 183 0.26 -14.23 0.97
CA ASP D 183 -0.60 -13.83 -0.14
C ASP D 183 -0.46 -12.35 -0.48
N THR D 184 -0.19 -11.52 0.53
CA THR D 184 0.01 -10.10 0.28
C THR D 184 1.28 -9.88 -0.52
N ALA D 185 2.33 -10.61 -0.17
CA ALA D 185 3.62 -10.50 -0.86
C ALA D 185 3.50 -11.00 -2.28
N LYS D 186 2.67 -12.02 -2.49
CA LYS D 186 2.44 -12.54 -3.84
C LYS D 186 1.84 -11.45 -4.70
N ILE D 187 0.81 -10.80 -4.17
CA ILE D 187 0.12 -9.73 -4.90
C ILE D 187 1.02 -8.52 -5.14
N ILE D 188 1.84 -8.15 -4.16
CA ILE D 188 2.74 -7.01 -4.35
C ILE D 188 3.71 -7.27 -5.50
N MET D 189 4.27 -8.48 -5.53
CA MET D 189 5.23 -8.85 -6.58
C MET D 189 4.57 -8.89 -7.95
N ILE D 190 3.30 -9.29 -7.98
CA ILE D 190 2.55 -9.36 -9.22
C ILE D 190 2.31 -7.93 -9.70
N PHE D 191 1.90 -7.08 -8.78
CA PHE D 191 1.75 -5.65 -9.05
C PHE D 191 3.02 -5.04 -9.64
N LEU D 192 4.18 -5.40 -9.08
CA LEU D 192 5.44 -4.83 -9.56
C LEU D 192 5.77 -5.33 -10.98
N CYS D 193 5.68 -6.64 -11.17
CA CYS D 193 6.03 -7.24 -12.45
C CYS D 193 5.11 -6.81 -13.60
N LEU D 194 3.82 -6.64 -13.30
CA LEU D 194 2.87 -6.20 -14.31
C LEU D 194 3.03 -4.71 -14.58
N PHE D 195 3.35 -3.93 -13.55
CA PHE D 195 3.69 -2.52 -13.71
C PHE D 195 4.85 -2.43 -14.70
N ALA D 196 5.91 -3.19 -14.44
CA ALA D 196 7.11 -3.18 -15.28
C ALA D 196 6.85 -3.57 -16.73
N PHE D 197 6.12 -4.65 -16.96
CA PHE D 197 5.94 -5.14 -18.32
C PHE D 197 4.96 -4.29 -19.15
N ILE D 198 3.89 -3.84 -18.52
CA ILE D 198 2.94 -2.95 -19.19
C ILE D 198 3.60 -1.60 -19.54
N THR D 199 4.14 -0.92 -18.54
CA THR D 199 4.71 0.41 -18.77
C THR D 199 5.93 0.39 -19.72
N SER D 200 6.73 -0.67 -19.64
CA SER D 200 7.89 -0.83 -20.54
C SER D 200 7.50 -1.14 -22.00
N GLY D 201 6.31 -1.68 -22.18
CA GLY D 201 5.81 -1.98 -23.53
C GLY D 201 5.94 -3.42 -24.01
N PHE D 202 6.05 -4.38 -23.09
CA PHE D 202 6.18 -5.77 -23.49
C PHE D 202 4.83 -6.39 -23.87
N GLU D 203 4.86 -7.54 -24.53
CA GLU D 203 3.67 -8.11 -25.14
C GLU D 203 3.20 -9.41 -24.48
N HIS D 204 1.91 -9.48 -24.17
CA HIS D 204 1.33 -10.64 -23.50
C HIS D 204 0.22 -11.24 -24.36
N SER D 205 0.39 -12.52 -24.72
CA SER D 205 -0.51 -13.19 -25.65
C SER D 205 -1.96 -13.28 -25.16
N VAL D 206 -2.14 -13.70 -23.91
CA VAL D 206 -3.49 -13.87 -23.39
C VAL D 206 -4.21 -12.52 -23.27
N ALA D 207 -3.51 -11.50 -22.79
CA ALA D 207 -4.08 -10.15 -22.71
C ALA D 207 -4.51 -9.65 -24.09
N ASN D 208 -3.71 -9.94 -25.11
CA ASN D 208 -4.04 -9.51 -26.45
C ASN D 208 -5.31 -10.15 -27.00
N MET D 209 -5.60 -11.38 -26.55
CA MET D 209 -6.83 -12.06 -26.95
C MET D 209 -8.04 -11.16 -26.69
N THR D 210 -8.07 -10.52 -25.52
CA THR D 210 -9.16 -9.64 -25.16
C THR D 210 -9.11 -8.33 -25.94
N ILE D 211 -7.89 -7.84 -26.18
CA ILE D 211 -7.71 -6.65 -27.00
C ILE D 211 -8.32 -6.88 -28.38
N TYR D 212 -8.17 -8.08 -28.91
CA TYR D 212 -8.70 -8.38 -30.24
C TYR D 212 -10.15 -8.85 -30.24
N SER D 213 -10.58 -9.55 -29.18
CA SER D 213 -11.97 -9.95 -29.09
C SER D 213 -12.85 -8.70 -28.99
N VAL D 214 -12.44 -7.76 -28.16
CA VAL D 214 -13.16 -6.50 -28.03
C VAL D 214 -13.19 -5.73 -29.34
N SER D 215 -12.02 -5.51 -29.93
CA SER D 215 -11.92 -4.73 -31.16
C SER D 215 -12.72 -5.36 -32.30
N LEU D 216 -12.60 -6.66 -32.45
CA LEU D 216 -13.26 -7.38 -33.54
C LEU D 216 -14.77 -7.49 -33.34
N PHE D 217 -15.18 -7.78 -32.11
CA PHE D 217 -16.61 -7.91 -31.81
C PHE D 217 -17.30 -6.55 -31.81
N SER D 218 -16.54 -5.48 -31.58
CA SER D 218 -17.09 -4.14 -31.58
C SER D 218 -17.46 -3.67 -33.00
N PRO D 219 -18.69 -3.19 -33.18
CA PRO D 219 -19.16 -2.65 -34.45
C PRO D 219 -18.61 -1.23 -34.67
N THR D 220 -18.13 -0.60 -33.61
CA THR D 220 -17.48 0.70 -33.74
C THR D 220 -16.27 0.54 -34.65
N ILE D 221 -16.48 0.81 -35.93
CA ILE D 221 -15.52 0.49 -37.00
C ILE D 221 -14.05 0.62 -36.63
N SER D 222 -13.22 -0.29 -37.14
CA SER D 222 -11.78 -0.20 -36.97
C SER D 222 -11.01 -0.96 -38.05
N THR D 223 -9.69 -1.00 -37.91
CA THR D 223 -8.79 -1.43 -38.97
C THR D 223 -7.89 -2.57 -38.50
N VAL D 224 -8.50 -3.67 -38.04
CA VAL D 224 -7.71 -4.85 -37.62
C VAL D 224 -7.89 -6.06 -38.54
N THR D 225 -8.97 -6.81 -38.34
CA THR D 225 -9.21 -8.06 -39.07
C THR D 225 -8.66 -9.26 -38.30
N ILE D 226 -9.30 -10.42 -38.49
CA ILE D 226 -8.87 -11.64 -37.83
C ILE D 226 -7.42 -11.96 -38.17
N GLY D 227 -7.05 -11.71 -39.43
CA GLY D 227 -5.70 -11.95 -39.90
C GLY D 227 -4.65 -11.22 -39.07
N GLY D 228 -4.85 -9.92 -38.89
CA GLY D 228 -3.96 -9.13 -38.05
C GLY D 228 -3.89 -9.65 -36.63
N ALA D 229 -5.02 -10.11 -36.12
CA ALA D 229 -5.07 -10.66 -34.77
C ALA D 229 -4.26 -11.95 -34.69
N ILE D 230 -4.38 -12.78 -35.72
CA ILE D 230 -3.64 -14.04 -35.78
C ILE D 230 -2.15 -13.78 -35.90
N TYR D 231 -1.79 -12.76 -36.68
CA TYR D 231 -0.40 -12.39 -36.87
C TYR D 231 0.25 -12.01 -35.54
N ASN D 232 -0.42 -11.12 -34.81
CA ASN D 232 0.07 -10.69 -33.49
C ASN D 232 0.13 -11.83 -32.48
N LEU D 233 -0.95 -12.59 -32.37
CA LEU D 233 -1.02 -13.64 -31.37
C LEU D 233 0.08 -14.68 -31.56
N VAL D 234 0.27 -15.13 -32.80
CA VAL D 234 1.32 -16.10 -33.11
C VAL D 234 2.71 -15.60 -32.70
N ALA D 235 3.05 -14.38 -33.13
CA ALA D 235 4.37 -13.81 -32.83
C ALA D 235 4.59 -13.64 -31.32
N VAL D 236 3.56 -13.15 -30.63
CA VAL D 236 3.66 -12.90 -29.19
C VAL D 236 3.66 -14.21 -28.39
N THR D 237 2.86 -15.16 -28.82
CA THR D 237 2.79 -16.46 -28.15
C THR D 237 4.15 -17.16 -28.18
N LEU D 238 4.77 -17.19 -29.36
CA LEU D 238 6.10 -17.77 -29.53
C LEU D 238 7.12 -17.07 -28.64
N GLY D 239 7.05 -15.74 -28.56
CA GLY D 239 7.90 -14.99 -27.67
C GLY D 239 7.64 -15.32 -26.21
N ASN D 240 6.35 -15.42 -25.84
CA ASN D 240 5.98 -15.81 -24.49
C ASN D 240 6.59 -17.14 -24.11
N ILE D 241 6.46 -18.10 -25.02
CA ILE D 241 6.98 -19.45 -24.80
C ILE D 241 8.49 -19.42 -24.56
N VAL D 242 9.22 -18.67 -25.37
CA VAL D 242 10.67 -18.59 -25.22
C VAL D 242 11.07 -18.01 -23.86
N GLY D 243 10.42 -16.93 -23.45
CA GLY D 243 10.69 -16.32 -22.16
C GLY D 243 10.33 -17.23 -20.99
N GLY D 244 9.16 -17.86 -21.06
CA GLY D 244 8.69 -18.71 -19.98
C GLY D 244 9.42 -20.05 -19.90
N ALA D 245 9.63 -20.67 -21.05
CA ALA D 245 10.23 -22.01 -21.07
C ALA D 245 11.75 -21.97 -21.12
N LEU D 246 12.30 -21.22 -22.07
CA LEU D 246 13.75 -21.23 -22.30
C LEU D 246 14.52 -20.44 -21.24
N PHE D 247 13.91 -19.39 -20.72
CA PHE D 247 14.55 -18.60 -19.66
C PHE D 247 14.14 -19.07 -18.26
N MET D 248 12.86 -18.93 -17.94
CA MET D 248 12.40 -19.19 -16.58
C MET D 248 12.34 -20.69 -16.23
N GLY D 249 11.79 -21.50 -17.12
CA GLY D 249 11.71 -22.93 -16.90
C GLY D 249 13.08 -23.57 -16.78
N LEU D 250 13.84 -23.51 -17.88
CA LEU D 250 15.20 -24.05 -17.89
C LEU D 250 16.01 -23.47 -16.74
N GLY D 251 15.88 -22.16 -16.51
CA GLY D 251 16.65 -21.49 -15.47
C GLY D 251 16.38 -22.03 -14.08
N THR D 252 15.11 -22.07 -13.70
CA THR D 252 14.74 -22.55 -12.39
C THR D 252 15.08 -24.04 -12.26
N TYR D 253 15.02 -24.76 -13.38
CA TYR D 253 15.38 -26.17 -13.36
C TYR D 253 16.85 -26.37 -13.01
N ILE D 254 17.70 -25.57 -13.64
CA ILE D 254 19.14 -25.64 -13.40
C ILE D 254 19.48 -25.28 -11.96
N LEU D 255 18.80 -24.26 -11.44
CA LEU D 255 19.02 -23.81 -10.08
C LEU D 255 18.66 -24.87 -9.04
N GLY D 256 17.57 -25.58 -9.28
CA GLY D 256 17.07 -26.52 -8.29
C GLY D 256 17.32 -27.99 -8.56
N LYS D 257 17.96 -28.31 -9.69
CA LYS D 257 18.17 -29.70 -10.07
C LYS D 257 19.16 -30.45 -9.18
N GLU D 258 18.78 -31.63 -8.72
CA GLU D 258 19.65 -32.46 -7.90
C GLU D 258 20.65 -33.24 -8.76
N LYS D 259 21.81 -32.65 -8.98
CA LYS D 259 22.86 -33.29 -9.77
C LYS D 259 24.19 -33.31 -9.01
N ALA E 4 -19.11 -14.07 12.53
CA ALA E 4 -18.88 -14.44 13.92
C ALA E 4 -19.46 -13.40 14.87
N HIS E 5 -20.75 -13.11 14.71
CA HIS E 5 -21.39 -12.00 15.41
C HIS E 5 -21.41 -12.18 16.91
N LYS E 6 -21.67 -13.42 17.35
CA LYS E 6 -21.74 -13.76 18.76
C LYS E 6 -20.43 -13.48 19.49
N GLU E 7 -19.34 -14.04 18.97
CA GLU E 7 -18.02 -13.84 19.56
C GLU E 7 -17.64 -12.35 19.58
N THR E 8 -18.07 -11.63 18.54
CA THR E 8 -17.76 -10.21 18.44
C THR E 8 -18.48 -9.41 19.50
N LEU E 9 -19.72 -9.78 19.78
CA LEU E 9 -20.46 -9.15 20.86
C LEU E 9 -19.76 -9.41 22.19
N ASP E 10 -19.31 -10.64 22.40
CA ASP E 10 -18.53 -10.96 23.60
C ASP E 10 -17.34 -10.03 23.73
N LYS E 11 -16.66 -9.76 22.62
CA LYS E 11 -15.47 -8.91 22.65
C LYS E 11 -15.77 -7.47 23.04
N LEU E 12 -16.86 -6.93 22.48
CA LEU E 12 -17.30 -5.59 22.84
C LEU E 12 -17.69 -5.54 24.31
N THR E 13 -18.35 -6.59 24.78
CA THR E 13 -18.80 -6.63 26.17
C THR E 13 -17.62 -6.64 27.13
N ASN E 14 -16.63 -7.48 26.85
CA ASN E 14 -15.43 -7.53 27.65
C ASN E 14 -14.65 -6.20 27.60
N ALA E 15 -14.72 -5.52 26.47
CA ALA E 15 -14.02 -4.25 26.31
C ALA E 15 -14.71 -3.16 27.12
N ALA E 16 -16.04 -3.20 27.14
CA ALA E 16 -16.83 -2.26 27.91
C ALA E 16 -16.62 -2.49 29.41
N ILE E 17 -16.51 -3.75 29.78
CA ILE E 17 -16.27 -4.13 31.16
C ILE E 17 -14.88 -3.66 31.60
N ASN E 18 -13.91 -3.82 30.72
CA ASN E 18 -12.55 -3.38 31.00
C ASN E 18 -12.45 -1.87 31.21
N SER E 19 -13.26 -1.12 30.46
CA SER E 19 -13.25 0.34 30.55
C SER E 19 -13.76 0.83 31.90
N ILE E 20 -14.93 0.35 32.31
CA ILE E 20 -15.51 0.75 33.59
C ILE E 20 -14.64 0.29 34.76
N ASN E 21 -14.11 -0.91 34.66
CA ASN E 21 -13.21 -1.42 35.70
C ASN E 21 -11.98 -0.53 35.84
N LEU E 22 -11.49 -0.02 34.72
CA LEU E 22 -10.33 0.85 34.72
C LEU E 22 -10.65 2.18 35.39
N LEU E 23 -11.78 2.76 35.03
CA LEU E 23 -12.19 4.02 35.61
C LEU E 23 -12.44 3.88 37.12
N ASN E 24 -13.01 2.74 37.52
CA ASN E 24 -13.27 2.48 38.93
C ASN E 24 -11.99 2.28 39.75
N THR E 25 -10.98 1.69 39.11
CA THR E 25 -9.72 1.43 39.79
C THR E 25 -8.84 2.66 39.88
N SER E 26 -8.83 3.46 38.80
CA SER E 26 -7.98 4.64 38.75
C SER E 26 -8.50 5.70 37.78
N LYS E 27 -8.98 6.81 38.34
CA LYS E 27 -9.39 7.94 37.51
C LYS E 27 -8.19 8.54 36.78
N VAL E 28 -7.08 8.67 37.49
CA VAL E 28 -5.85 9.19 36.90
C VAL E 28 -5.49 8.42 35.63
N LYS E 29 -5.41 7.10 35.74
CA LYS E 29 -5.07 6.27 34.58
C LYS E 29 -6.10 6.42 33.48
N TYR E 30 -7.37 6.42 33.85
CA TYR E 30 -8.41 6.52 32.83
C TYR E 30 -8.40 7.86 32.10
N LEU E 31 -8.17 8.95 32.85
CA LEU E 31 -8.12 10.28 32.24
C LEU E 31 -6.85 10.48 31.42
N VAL E 32 -5.74 9.91 31.88
CA VAL E 32 -4.50 9.96 31.12
C VAL E 32 -4.67 9.24 29.79
N SER E 33 -5.23 8.05 29.86
CA SER E 33 -5.51 7.27 28.65
C SER E 33 -6.40 8.09 27.74
N SER E 34 -7.45 8.66 28.31
CA SER E 34 -8.35 9.52 27.57
C SER E 34 -7.63 10.73 26.97
N ALA E 35 -6.77 11.37 27.75
CA ALA E 35 -6.06 12.55 27.28
C ALA E 35 -5.18 12.20 26.09
N PHE E 36 -4.56 11.02 26.14
CA PHE E 36 -3.70 10.56 25.05
C PHE E 36 -4.47 10.42 23.76
N ALA E 37 -5.66 9.82 23.84
CA ALA E 37 -6.47 9.57 22.65
C ALA E 37 -6.91 10.87 21.99
N GLY E 38 -7.35 11.81 22.82
CA GLY E 38 -7.73 13.13 22.34
C GLY E 38 -6.57 13.81 21.64
N LEU E 39 -5.38 13.66 22.20
CA LEU E 39 -4.19 14.26 21.61
C LEU E 39 -3.83 13.56 20.30
N TYR E 40 -3.89 12.23 20.30
CA TYR E 40 -3.60 11.43 19.12
C TYR E 40 -4.53 11.80 17.96
N VAL E 41 -5.82 11.94 18.24
CA VAL E 41 -6.77 12.38 17.21
C VAL E 41 -6.44 13.81 16.76
N GLY E 42 -6.14 14.68 17.70
CA GLY E 42 -5.76 16.05 17.39
C GLY E 42 -4.58 16.11 16.44
N ILE E 43 -3.63 15.19 16.61
CA ILE E 43 -2.45 15.12 15.75
C ILE E 43 -2.84 14.96 14.27
N GLY E 44 -3.88 14.19 14.03
CA GLY E 44 -4.40 14.03 12.68
C GLY E 44 -4.97 15.33 12.12
N ILE E 45 -5.54 16.14 13.00
CA ILE E 45 -6.08 17.43 12.59
C ILE E 45 -4.97 18.42 12.26
N LEU E 46 -3.90 18.39 13.05
CA LEU E 46 -2.74 19.24 12.78
C LEU E 46 -2.18 18.92 11.41
N LEU E 47 -2.09 17.64 11.09
CA LEU E 47 -1.57 17.22 9.80
C LEU E 47 -2.47 17.64 8.64
N ILE E 48 -3.75 17.32 8.72
CA ILE E 48 -4.63 17.55 7.58
C ILE E 48 -5.06 19.01 7.42
N PHE E 49 -4.96 19.80 8.49
CA PHE E 49 -5.23 21.23 8.38
C PHE E 49 -3.99 21.94 7.84
N THR E 50 -2.82 21.36 8.06
CA THR E 50 -1.60 21.88 7.44
C THR E 50 -1.73 21.70 5.94
N ILE E 51 -2.20 20.51 5.57
CA ILE E 51 -2.47 20.15 4.20
C ILE E 51 -3.61 21.01 3.63
N GLY E 52 -4.66 21.19 4.41
CA GLY E 52 -5.76 22.06 4.00
C GLY E 52 -5.28 23.46 3.66
N GLY E 53 -4.44 24.03 4.53
CA GLY E 53 -3.88 25.34 4.28
C GLY E 53 -3.07 25.39 3.00
N LEU E 54 -2.10 24.48 2.87
CA LEU E 54 -1.22 24.46 1.71
C LEU E 54 -1.96 24.32 0.37
N LEU E 55 -2.94 23.43 0.32
CA LEU E 55 -3.63 23.14 -0.94
C LEU E 55 -4.76 24.12 -1.26
N THR E 56 -5.41 24.63 -0.22
CA THR E 56 -6.42 25.68 -0.42
C THR E 56 -5.75 26.94 -0.99
N ASP E 57 -4.62 27.31 -0.41
CA ASP E 57 -3.84 28.45 -0.87
C ASP E 57 -3.53 28.35 -2.36
N ALA E 58 -3.47 27.12 -2.86
CA ALA E 58 -3.06 26.86 -4.24
C ALA E 58 -4.24 26.59 -5.18
N GLY E 59 -5.46 26.67 -4.65
CA GLY E 59 -6.64 26.46 -5.46
C GLY E 59 -6.76 25.05 -6.00
N SER E 60 -6.21 24.08 -5.27
CA SER E 60 -6.25 22.68 -5.70
C SER E 60 -7.63 22.07 -5.53
N PRO E 61 -8.12 21.36 -6.56
CA PRO E 61 -9.39 20.66 -6.43
C PRO E 61 -9.23 19.35 -5.66
N MET E 62 -7.99 18.97 -5.39
CA MET E 62 -7.70 17.72 -4.67
C MET E 62 -7.63 17.92 -3.14
N THR E 63 -7.79 19.16 -2.69
CA THR E 63 -7.59 19.49 -1.28
C THR E 63 -8.30 18.56 -0.29
N LYS E 64 -9.59 18.35 -0.49
CA LYS E 64 -10.38 17.56 0.44
C LYS E 64 -10.09 16.07 0.32
N ILE E 65 -9.61 15.67 -0.85
CA ILE E 65 -9.27 14.28 -1.09
C ILE E 65 -7.96 13.90 -0.40
N VAL E 66 -7.00 14.82 -0.40
CA VAL E 66 -5.72 14.61 0.25
C VAL E 66 -5.87 14.67 1.78
N MET E 67 -6.73 15.56 2.26
CA MET E 67 -7.02 15.62 3.69
C MET E 67 -7.57 14.30 4.19
N GLY E 68 -8.52 13.73 3.44
CA GLY E 68 -9.12 12.45 3.81
C GLY E 68 -8.13 11.30 3.85
N LEU E 69 -7.31 11.16 2.80
CA LEU E 69 -6.32 10.11 2.72
C LEU E 69 -5.28 10.24 3.81
N SER E 70 -5.14 11.45 4.34
CA SER E 70 -4.05 11.76 5.27
C SER E 70 -4.48 11.75 6.73
N PHE E 71 -5.76 11.41 7.00
CA PHE E 71 -6.28 11.51 8.35
C PHE E 71 -6.12 10.20 9.16
N ALA E 72 -5.74 9.12 8.47
CA ALA E 72 -5.71 7.78 9.06
C ALA E 72 -5.00 7.72 10.41
N ILE E 73 -3.93 8.50 10.57
CA ILE E 73 -3.13 8.44 11.79
C ILE E 73 -3.97 8.67 13.05
N ALA E 74 -5.05 9.44 12.90
CA ALA E 74 -5.87 9.84 14.04
C ALA E 74 -6.41 8.66 14.84
N LEU E 75 -7.13 7.76 14.17
CA LEU E 75 -7.71 6.60 14.83
C LEU E 75 -6.73 5.43 14.91
N SER E 76 -5.77 5.38 13.99
CA SER E 76 -4.73 4.36 14.01
C SER E 76 -3.93 4.41 15.30
N LEU E 77 -3.52 5.61 15.69
CA LEU E 77 -2.78 5.80 16.94
C LEU E 77 -3.62 5.38 18.15
N VAL E 78 -4.87 5.78 18.17
CA VAL E 78 -5.79 5.37 19.24
C VAL E 78 -5.86 3.85 19.35
N ILE E 79 -6.11 3.20 18.21
CA ILE E 79 -6.28 1.74 18.20
C ILE E 79 -4.99 1.03 18.59
N MET E 80 -3.87 1.46 18.03
CA MET E 80 -2.60 0.79 18.26
C MET E 80 -2.00 1.05 19.65
N THR E 81 -2.44 2.13 20.32
CA THR E 81 -1.96 2.45 21.66
C THR E 81 -2.91 1.98 22.77
N GLY E 82 -4.09 1.51 22.37
CA GLY E 82 -5.07 1.01 23.33
C GLY E 82 -5.62 2.06 24.28
N THR E 83 -5.74 3.30 23.80
CA THR E 83 -6.22 4.41 24.64
C THR E 83 -7.72 4.67 24.49
N GLU E 84 -8.28 5.46 25.40
CA GLU E 84 -9.74 5.61 25.50
C GLU E 84 -10.28 6.78 24.68
N LEU E 85 -11.06 6.46 23.65
CA LEU E 85 -11.67 7.47 22.80
C LEU E 85 -13.18 7.49 22.96
N PHE E 86 -13.72 8.68 23.24
CA PHE E 86 -15.16 8.87 23.46
C PHE E 86 -16.05 8.23 22.39
N THR E 87 -15.82 8.58 21.14
CA THR E 87 -16.67 8.16 20.02
C THR E 87 -16.76 6.64 19.85
N GLY E 88 -15.62 5.96 19.93
CA GLY E 88 -15.59 4.51 19.87
C GLY E 88 -16.30 3.93 21.07
N ASN E 89 -16.18 4.63 22.20
CA ASN E 89 -16.85 4.21 23.43
C ASN E 89 -18.37 4.17 23.32
N ASN E 90 -18.93 4.90 22.36
CA ASN E 90 -20.38 4.92 22.18
C ASN E 90 -20.90 3.56 21.75
N MET E 91 -20.20 2.92 20.82
CA MET E 91 -20.56 1.57 20.41
C MET E 91 -20.22 0.54 21.48
N VAL E 92 -19.01 0.61 22.02
CA VAL E 92 -18.53 -0.40 22.96
C VAL E 92 -19.43 -0.49 24.18
N MET E 93 -19.69 0.65 24.82
CA MET E 93 -20.49 0.67 26.03
C MET E 93 -21.95 0.27 25.75
N SER E 94 -22.54 0.82 24.71
CA SER E 94 -23.94 0.53 24.40
C SER E 94 -24.14 -0.95 24.09
N ALA E 95 -23.21 -1.53 23.33
CA ALA E 95 -23.25 -2.96 23.04
C ALA E 95 -23.13 -3.76 24.34
N GLY E 96 -22.12 -3.43 25.15
CA GLY E 96 -21.90 -4.12 26.41
C GLY E 96 -23.04 -3.91 27.38
N MET E 97 -23.69 -2.76 27.27
CA MET E 97 -24.81 -2.42 28.12
C MET E 97 -26.02 -3.29 27.78
N LEU E 98 -26.40 -3.30 26.52
CA LEU E 98 -27.49 -4.15 26.05
C LEU E 98 -27.22 -5.61 26.39
N ASN E 99 -25.95 -5.99 26.42
CA ASN E 99 -25.59 -7.37 26.73
C ASN E 99 -25.46 -7.64 28.23
N LYS E 100 -25.70 -6.60 29.02
CA LYS E 100 -25.73 -6.73 30.48
C LYS E 100 -24.36 -7.07 31.05
N GLY E 101 -23.32 -6.57 30.41
CA GLY E 101 -21.97 -6.64 30.95
C GLY E 101 -21.72 -5.40 31.79
N VAL E 102 -22.37 -4.31 31.40
CA VAL E 102 -22.27 -3.04 32.13
C VAL E 102 -23.64 -2.39 32.21
N SER E 103 -23.75 -1.35 33.03
CA SER E 103 -25.02 -0.67 33.21
C SER E 103 -25.06 0.65 32.43
N ILE E 104 -26.25 1.21 32.30
CA ILE E 104 -26.43 2.52 31.71
C ILE E 104 -25.64 3.58 32.48
N LYS E 105 -25.63 3.42 33.80
CA LYS E 105 -24.88 4.32 34.69
C LYS E 105 -23.38 4.25 34.39
N ASP E 106 -22.87 3.04 34.22
CA ASP E 106 -21.48 2.84 33.83
C ASP E 106 -21.21 3.56 32.51
N THR E 107 -22.20 3.51 31.63
CA THR E 107 -22.05 4.01 30.27
C THR E 107 -21.96 5.54 30.22
N SER E 108 -22.85 6.21 30.94
CA SER E 108 -22.83 7.67 30.97
C SER E 108 -21.63 8.17 31.76
N LYS E 109 -21.10 7.33 32.64
CA LYS E 109 -19.91 7.68 33.39
C LYS E 109 -18.66 7.56 32.50
N ILE E 110 -18.56 6.46 31.76
CA ILE E 110 -17.47 6.29 30.81
C ILE E 110 -17.53 7.35 29.69
N TRP E 111 -18.74 7.66 29.22
CA TRP E 111 -18.91 8.66 28.17
C TRP E 111 -18.47 10.05 28.61
N ALA E 112 -18.83 10.43 29.84
CA ALA E 112 -18.49 11.74 30.38
C ALA E 112 -17.00 11.87 30.66
N TYR E 113 -16.41 10.83 31.23
CA TYR E 113 -14.99 10.84 31.58
C TYR E 113 -14.07 10.83 30.37
N SER E 114 -14.36 9.97 29.40
CA SER E 114 -13.55 9.93 28.17
C SER E 114 -13.72 11.21 27.34
N TRP E 115 -14.93 11.76 27.32
CA TRP E 115 -15.18 13.01 26.62
C TRP E 115 -14.35 14.15 27.21
N VAL E 116 -14.42 14.29 28.53
CA VAL E 116 -13.64 15.31 29.24
C VAL E 116 -12.14 15.04 29.13
N GLY E 117 -11.75 13.76 29.24
CA GLY E 117 -10.36 13.38 29.11
C GLY E 117 -9.84 13.63 27.70
N ASN E 118 -10.65 13.31 26.70
CA ASN E 118 -10.29 13.64 25.32
C ASN E 118 -10.06 15.15 25.18
N LEU E 119 -10.92 15.93 25.84
CA LEU E 119 -10.84 17.39 25.75
C LEU E 119 -9.51 17.89 26.30
N ILE E 120 -9.13 17.36 27.46
CA ILE E 120 -7.86 17.70 28.08
C ILE E 120 -6.69 17.44 27.15
N GLY E 121 -6.72 16.32 26.43
CA GLY E 121 -5.72 16.05 25.41
C GLY E 121 -5.71 17.10 24.31
N ALA E 122 -6.89 17.47 23.84
CA ALA E 122 -7.03 18.49 22.79
C ALA E 122 -6.47 19.83 23.23
N LEU E 123 -6.81 20.25 24.45
CA LEU E 123 -6.33 21.52 25.00
C LEU E 123 -4.80 21.54 25.09
N VAL E 124 -4.25 20.50 25.71
CA VAL E 124 -2.81 20.39 25.86
C VAL E 124 -2.13 20.49 24.50
N LEU E 125 -2.68 19.78 23.52
CA LEU E 125 -2.16 19.78 22.16
C LEU E 125 -2.24 21.17 21.52
N GLY E 126 -3.40 21.80 21.63
CA GLY E 126 -3.61 23.13 21.06
C GLY E 126 -2.60 24.14 21.58
N ILE E 127 -2.41 24.14 22.89
CA ILE E 127 -1.49 25.06 23.55
C ILE E 127 -0.06 24.92 23.05
N ILE E 128 0.42 23.69 22.99
CA ILE E 128 1.77 23.41 22.54
C ILE E 128 1.94 23.72 21.05
N PHE E 129 0.91 23.41 20.27
CA PHE E 129 0.96 23.65 18.83
C PHE E 129 0.97 25.14 18.54
N VAL E 130 0.18 25.91 19.30
CA VAL E 130 0.24 27.36 19.16
C VAL E 130 1.65 27.85 19.50
N GLY E 131 2.23 27.29 20.56
CA GLY E 131 3.59 27.61 20.96
C GLY E 131 4.64 27.38 19.88
N THR E 132 4.35 26.53 18.90
CA THR E 132 5.29 26.30 17.80
C THR E 132 5.40 27.52 16.88
N GLY E 133 4.40 28.39 16.94
CA GLY E 133 4.37 29.55 16.07
C GLY E 133 3.84 29.20 14.69
N LEU E 134 3.50 27.92 14.50
CA LEU E 134 3.03 27.41 13.22
C LEU E 134 1.66 27.95 12.79
N VAL E 135 0.89 28.48 13.72
CA VAL E 135 -0.36 29.17 13.35
C VAL E 135 -0.33 30.66 13.71
N ASP E 136 0.87 31.24 13.74
CA ASP E 136 1.01 32.68 13.93
C ASP E 136 0.42 33.44 12.75
N LYS E 137 0.86 33.08 11.55
CA LYS E 137 0.34 33.70 10.32
C LYS E 137 0.39 32.67 9.19
N GLY E 138 -0.40 32.91 8.15
CA GLY E 138 -0.34 32.10 6.95
C GLY E 138 -1.61 31.34 6.64
N PRO E 139 -1.60 30.57 5.54
CA PRO E 139 -2.74 29.78 5.09
C PRO E 139 -3.14 28.66 6.06
N VAL E 140 -2.17 28.10 6.79
CA VAL E 140 -2.50 27.07 7.77
C VAL E 140 -3.31 27.69 8.92
N ALA E 141 -2.82 28.80 9.46
CA ALA E 141 -3.54 29.52 10.51
C ALA E 141 -4.92 29.94 10.02
N GLU E 142 -4.98 30.35 8.75
CA GLU E 142 -6.24 30.80 8.16
C GLU E 142 -7.20 29.64 7.96
N PHE E 143 -6.68 28.48 7.59
CA PHE E 143 -7.51 27.29 7.42
C PHE E 143 -8.14 26.90 8.77
N PHE E 144 -7.37 27.03 9.84
CA PHE E 144 -7.90 26.78 11.17
C PHE E 144 -9.03 27.75 11.50
N ALA E 145 -8.76 29.05 11.37
CA ALA E 145 -9.76 30.08 11.66
C ALA E 145 -11.03 29.93 10.82
N ASN E 146 -10.87 29.70 9.52
CA ASN E 146 -12.02 29.60 8.62
C ASN E 146 -12.87 28.35 8.87
N THR E 147 -12.21 27.21 9.09
CA THR E 147 -12.91 25.96 9.32
C THR E 147 -13.67 26.00 10.64
N ALA E 148 -12.99 26.45 11.70
CA ALA E 148 -13.63 26.59 13.00
C ALA E 148 -14.88 27.43 12.87
N ALA E 149 -14.79 28.52 12.10
CA ALA E 149 -15.88 29.46 11.94
C ALA E 149 -17.08 28.86 11.21
N SER E 150 -16.80 28.10 10.15
CA SER E 150 -17.88 27.48 9.37
C SER E 150 -18.57 26.37 10.15
N LYS E 151 -17.79 25.65 10.95
CA LYS E 151 -18.33 24.56 11.78
C LYS E 151 -19.21 25.09 12.91
N ALA E 152 -18.88 26.27 13.43
CA ALA E 152 -19.65 26.85 14.54
C ALA E 152 -20.94 27.51 14.06
N SER E 153 -20.98 27.91 12.80
CA SER E 153 -22.11 28.67 12.28
C SER E 153 -23.12 27.78 11.55
N MET E 154 -22.77 26.52 11.35
CA MET E 154 -23.64 25.58 10.64
C MET E 154 -24.86 25.20 11.48
N PRO E 155 -26.02 25.04 10.83
CA PRO E 155 -27.27 24.73 11.54
C PRO E 155 -27.18 23.42 12.32
N PHE E 156 -27.92 23.34 13.41
CA PHE E 156 -27.88 22.19 14.31
C PHE E 156 -28.17 20.88 13.58
N THR E 157 -29.26 20.86 12.82
CA THR E 157 -29.70 19.65 12.14
C THR E 157 -28.61 19.08 11.22
N ALA E 158 -27.89 19.97 10.54
CA ALA E 158 -26.82 19.55 9.66
C ALA E 158 -25.66 18.93 10.43
N LEU E 159 -25.26 19.58 11.52
CA LEU E 159 -24.20 19.05 12.37
C LEU E 159 -24.57 17.69 12.95
N PHE E 160 -25.81 17.60 13.41
CA PHE E 160 -26.32 16.39 14.06
C PHE E 160 -26.21 15.17 13.14
N PHE E 161 -26.77 15.28 11.93
CA PHE E 161 -26.72 14.18 10.98
C PHE E 161 -25.31 13.90 10.46
N ARG E 162 -24.48 14.94 10.41
CA ARG E 162 -23.08 14.76 10.01
C ARG E 162 -22.32 14.04 11.13
N GLY E 163 -22.76 14.26 12.37
CA GLY E 163 -22.21 13.56 13.52
C GLY E 163 -22.62 12.11 13.50
N ILE E 164 -23.85 11.84 13.07
CA ILE E 164 -24.33 10.47 12.97
C ILE E 164 -23.48 9.62 12.03
N LEU E 165 -23.32 10.11 10.80
CA LEU E 165 -22.61 9.36 9.77
C LEU E 165 -21.12 9.23 10.09
N CYS E 166 -20.55 10.25 10.72
CA CYS E 166 -19.14 10.22 11.09
C CYS E 166 -18.85 9.05 12.05
N ASN E 167 -19.69 8.90 13.08
CA ASN E 167 -19.40 7.89 14.10
C ASN E 167 -19.82 6.47 13.70
N ILE E 168 -20.71 6.36 12.73
CA ILE E 168 -20.97 5.07 12.11
C ILE E 168 -19.65 4.59 11.51
N LEU E 169 -18.99 5.49 10.80
CA LEU E 169 -17.72 5.18 10.15
C LEU E 169 -16.61 4.93 11.15
N VAL E 170 -16.52 5.76 12.18
CA VAL E 170 -15.49 5.58 13.20
C VAL E 170 -15.70 4.32 14.01
N CYS E 171 -16.93 4.08 14.45
CA CYS E 171 -17.24 2.89 15.23
C CYS E 171 -17.17 1.61 14.41
N VAL E 172 -17.48 1.69 13.12
CA VAL E 172 -17.39 0.53 12.26
C VAL E 172 -15.93 0.13 12.03
N SER E 173 -15.06 1.13 11.96
CA SER E 173 -13.63 0.85 11.83
C SER E 173 -13.13 0.21 13.12
N VAL E 174 -13.69 0.64 14.25
CA VAL E 174 -13.40 0.02 15.54
C VAL E 174 -13.93 -1.41 15.58
N LEU E 175 -15.14 -1.61 15.05
CA LEU E 175 -15.74 -2.93 14.98
C LEU E 175 -14.82 -3.89 14.21
N CYS E 176 -14.38 -3.46 13.04
CA CYS E 176 -13.46 -4.26 12.22
C CYS E 176 -12.23 -4.70 13.00
N SER E 177 -11.71 -3.81 13.86
CA SER E 177 -10.51 -4.11 14.63
C SER E 177 -10.77 -5.23 15.63
N PHE E 178 -12.04 -5.44 15.96
CA PHE E 178 -12.42 -6.55 16.84
C PHE E 178 -12.60 -7.84 16.05
N ARG E 179 -12.79 -7.73 14.75
CA ARG E 179 -13.11 -8.90 13.93
C ARG E 179 -11.92 -9.43 13.13
N THR E 180 -10.73 -8.91 13.40
CA THR E 180 -9.52 -9.36 12.73
C THR E 180 -8.34 -9.41 13.70
N ASN E 181 -7.47 -10.39 13.53
CA ASN E 181 -6.23 -10.46 14.31
C ASN E 181 -5.07 -9.76 13.59
N SER E 182 -5.31 -9.28 12.38
CA SER E 182 -4.28 -8.61 11.60
C SER E 182 -4.23 -7.10 11.87
N ASP E 183 -3.12 -6.64 12.44
CA ASP E 183 -2.96 -5.22 12.75
C ASP E 183 -2.92 -4.38 11.47
N THR E 184 -2.35 -4.92 10.41
CA THR E 184 -2.30 -4.20 9.14
C THR E 184 -3.73 -4.01 8.59
N ALA E 185 -4.54 -5.05 8.70
CA ALA E 185 -5.94 -4.99 8.28
C ALA E 185 -6.72 -3.95 9.08
N LYS E 186 -6.51 -3.91 10.39
CA LYS E 186 -7.14 -2.90 11.24
C LYS E 186 -6.83 -1.52 10.70
N ILE E 187 -5.55 -1.26 10.49
CA ILE E 187 -5.09 0.06 10.07
C ILE E 187 -5.63 0.44 8.70
N ILE E 188 -5.72 -0.54 7.79
CA ILE E 188 -6.24 -0.27 6.46
C ILE E 188 -7.73 0.13 6.51
N MET E 189 -8.53 -0.62 7.28
CA MET E 189 -9.94 -0.29 7.44
C MET E 189 -10.10 1.10 8.07
N ILE E 190 -9.28 1.38 9.09
CA ILE E 190 -9.27 2.71 9.69
C ILE E 190 -8.97 3.78 8.63
N PHE E 191 -7.96 3.50 7.82
CA PHE E 191 -7.59 4.43 6.75
C PHE E 191 -8.77 4.67 5.82
N LEU E 192 -9.39 3.60 5.35
CA LEU E 192 -10.57 3.71 4.48
C LEU E 192 -11.73 4.48 5.13
N CYS E 193 -12.00 4.20 6.40
CA CYS E 193 -13.16 4.79 7.05
C CYS E 193 -12.97 6.28 7.33
N LEU E 194 -11.76 6.67 7.74
CA LEU E 194 -11.49 8.08 7.98
C LEU E 194 -11.42 8.85 6.66
N PHE E 195 -10.90 8.21 5.62
CA PHE E 195 -10.91 8.76 4.28
C PHE E 195 -12.35 9.12 3.91
N ALA E 196 -13.25 8.15 4.05
CA ALA E 196 -14.65 8.35 3.76
C ALA E 196 -15.29 9.48 4.58
N PHE E 197 -15.02 9.51 5.88
CA PHE E 197 -15.75 10.46 6.73
C PHE E 197 -15.23 11.90 6.63
N ILE E 198 -13.92 12.05 6.50
CA ILE E 198 -13.33 13.36 6.28
C ILE E 198 -13.75 13.93 4.91
N THR E 199 -13.45 13.20 3.85
CA THR E 199 -13.73 13.68 2.49
C THR E 199 -15.23 13.87 2.21
N SER E 200 -16.05 13.00 2.77
CA SER E 200 -17.50 13.13 2.60
C SER E 200 -18.05 14.33 3.36
N GLY E 201 -17.33 14.78 4.38
CA GLY E 201 -17.72 15.96 5.13
C GLY E 201 -18.51 15.71 6.40
N PHE E 202 -18.23 14.61 7.09
CA PHE E 202 -18.93 14.31 8.34
C PHE E 202 -18.19 14.91 9.55
N GLU E 203 -18.86 14.96 10.71
CA GLU E 203 -18.35 15.69 11.87
C GLU E 203 -17.96 14.81 13.05
N HIS E 204 -16.75 15.04 13.58
CA HIS E 204 -16.23 14.24 14.69
C HIS E 204 -15.95 15.13 15.92
N SER E 205 -16.67 14.88 17.00
CA SER E 205 -16.61 15.74 18.17
C SER E 205 -15.18 15.87 18.70
N VAL E 206 -14.52 14.75 18.95
CA VAL E 206 -13.18 14.78 19.53
C VAL E 206 -12.19 15.53 18.64
N ALA E 207 -12.20 15.25 17.35
CA ALA E 207 -11.35 15.99 16.43
C ALA E 207 -11.67 17.49 16.46
N ASN E 208 -12.95 17.82 16.57
CA ASN E 208 -13.36 19.22 16.62
C ASN E 208 -12.81 19.92 17.86
N MET E 209 -12.58 19.16 18.92
CA MET E 209 -11.98 19.71 20.14
C MET E 209 -10.64 20.37 19.86
N THR E 210 -9.84 19.74 19.01
CA THR E 210 -8.53 20.28 18.67
C THR E 210 -8.66 21.46 17.72
N ILE E 211 -9.61 21.37 16.79
CA ILE E 211 -9.90 22.50 15.91
C ILE E 211 -10.18 23.77 16.73
N TYR E 212 -10.93 23.63 17.81
CA TYR E 212 -11.30 24.78 18.62
C TYR E 212 -10.26 25.19 19.68
N SER E 213 -9.52 24.23 20.22
CA SER E 213 -8.46 24.58 21.16
C SER E 213 -7.37 25.35 20.44
N VAL E 214 -7.06 24.94 19.22
CA VAL E 214 -6.06 25.61 18.41
C VAL E 214 -6.51 27.02 18.02
N SER E 215 -7.74 27.12 17.52
CA SER E 215 -8.27 28.38 17.03
C SER E 215 -8.45 29.41 18.14
N LEU E 216 -8.86 28.94 19.31
CA LEU E 216 -9.12 29.84 20.43
C LEU E 216 -7.85 30.19 21.19
N PHE E 217 -6.87 29.28 21.18
CA PHE E 217 -5.59 29.56 21.83
C PHE E 217 -4.67 30.42 20.95
N SER E 218 -4.94 30.47 19.65
CA SER E 218 -4.15 31.28 18.74
C SER E 218 -4.66 32.73 18.70
N PRO E 219 -3.80 33.68 19.05
CA PRO E 219 -4.12 35.11 18.96
C PRO E 219 -4.56 35.57 17.57
N THR E 220 -4.26 34.76 16.55
CA THR E 220 -4.73 35.04 15.21
C THR E 220 -6.25 35.18 15.17
N ILE E 221 -6.73 36.33 14.72
CA ILE E 221 -8.15 36.69 14.84
C ILE E 221 -9.10 35.83 14.02
N SER E 222 -10.11 35.27 14.68
CA SER E 222 -11.17 34.53 14.01
C SER E 222 -12.54 35.01 14.46
N THR E 223 -13.57 34.38 13.93
CA THR E 223 -14.95 34.79 14.20
C THR E 223 -15.65 33.75 15.06
N VAL E 224 -14.84 32.94 15.75
CA VAL E 224 -15.36 31.78 16.45
C VAL E 224 -16.05 32.09 17.79
N THR E 225 -15.27 32.42 18.81
CA THR E 225 -15.79 32.55 20.18
C THR E 225 -16.00 31.19 20.84
N ILE E 226 -16.03 31.17 22.16
CA ILE E 226 -16.24 29.92 22.91
C ILE E 226 -17.67 29.40 22.76
N GLY E 227 -18.63 30.33 22.74
CA GLY E 227 -20.02 29.97 22.54
C GLY E 227 -20.23 29.18 21.26
N GLY E 228 -19.48 29.53 20.22
CA GLY E 228 -19.56 28.82 18.96
C GLY E 228 -19.00 27.41 19.06
N ALA E 229 -17.85 27.28 19.72
CA ALA E 229 -17.21 25.98 19.90
C ALA E 229 -18.13 25.03 20.64
N ILE E 230 -18.68 25.49 21.76
CA ILE E 230 -19.57 24.67 22.58
C ILE E 230 -20.79 24.26 21.77
N TYR E 231 -21.29 25.16 20.93
CA TYR E 231 -22.45 24.87 20.08
C TYR E 231 -22.16 23.69 19.17
N ASN E 232 -21.11 23.81 18.37
CA ASN E 232 -20.72 22.74 17.46
C ASN E 232 -20.49 21.43 18.22
N LEU E 233 -19.74 21.51 19.31
CA LEU E 233 -19.40 20.33 20.09
C LEU E 233 -20.63 19.59 20.61
N VAL E 234 -21.60 20.35 21.12
CA VAL E 234 -22.83 19.74 21.62
C VAL E 234 -23.60 19.04 20.51
N ALA E 235 -23.80 19.75 19.41
CA ALA E 235 -24.54 19.23 18.27
C ALA E 235 -23.87 17.99 17.69
N VAL E 236 -22.55 18.04 17.56
CA VAL E 236 -21.79 16.95 16.94
C VAL E 236 -21.71 15.73 17.86
N THR E 237 -21.53 15.98 19.15
CA THR E 237 -21.46 14.92 20.16
C THR E 237 -22.75 14.09 20.21
N LEU E 238 -23.90 14.76 20.28
CA LEU E 238 -25.18 14.05 20.27
C LEU E 238 -25.31 13.21 19.00
N GLY E 239 -24.89 13.78 17.87
CA GLY E 239 -24.90 13.07 16.61
C GLY E 239 -24.00 11.85 16.63
N ASN E 240 -22.77 12.04 17.08
CA ASN E 240 -21.84 10.93 17.28
C ASN E 240 -22.47 9.84 18.14
N ILE E 241 -23.17 10.25 19.20
CA ILE E 241 -23.75 9.29 20.14
C ILE E 241 -24.82 8.42 19.50
N VAL E 242 -25.70 9.05 18.73
CA VAL E 242 -26.75 8.32 18.03
C VAL E 242 -26.16 7.31 17.05
N GLY E 243 -25.20 7.77 16.24
CA GLY E 243 -24.58 6.93 15.23
C GLY E 243 -23.81 5.75 15.82
N GLY E 244 -23.12 6.00 16.93
CA GLY E 244 -22.32 4.96 17.55
C GLY E 244 -23.13 4.04 18.44
N ALA E 245 -24.07 4.61 19.17
CA ALA E 245 -24.90 3.85 20.09
C ALA E 245 -26.13 3.26 19.43
N LEU E 246 -26.92 4.11 18.79
CA LEU E 246 -28.20 3.70 18.23
C LEU E 246 -28.03 2.79 17.02
N PHE E 247 -27.03 3.08 16.19
CA PHE E 247 -26.78 2.28 15.01
C PHE E 247 -25.83 1.11 15.27
N MET E 248 -24.56 1.42 15.53
CA MET E 248 -23.55 0.38 15.69
C MET E 248 -23.74 -0.44 16.97
N GLY E 249 -23.87 0.24 18.10
CA GLY E 249 -24.05 -0.44 19.37
C GLY E 249 -25.24 -1.39 19.34
N LEU E 250 -26.40 -0.85 18.99
CA LEU E 250 -27.64 -1.63 18.95
C LEU E 250 -27.60 -2.71 17.88
N GLY E 251 -27.08 -2.36 16.71
CA GLY E 251 -26.98 -3.30 15.60
C GLY E 251 -26.12 -4.49 15.91
N THR E 252 -24.91 -4.25 16.41
CA THR E 252 -24.00 -5.34 16.75
C THR E 252 -24.57 -6.23 17.86
N TYR E 253 -25.30 -5.65 18.79
CA TYR E 253 -25.97 -6.44 19.82
C TYR E 253 -26.99 -7.38 19.20
N ILE E 254 -27.81 -6.85 18.30
CA ILE E 254 -28.85 -7.66 17.67
C ILE E 254 -28.25 -8.81 16.86
N LEU E 255 -27.12 -8.56 16.19
CA LEU E 255 -26.44 -9.57 15.38
C LEU E 255 -25.83 -10.69 16.23
N GLY E 256 -25.28 -10.32 17.39
CA GLY E 256 -24.54 -11.27 18.21
C GLY E 256 -25.29 -11.91 19.36
N LYS E 257 -26.48 -11.38 19.68
CA LYS E 257 -27.21 -11.87 20.84
C LYS E 257 -27.91 -13.21 20.60
N GLU E 258 -27.47 -14.25 21.31
CA GLU E 258 -28.18 -15.52 21.29
C GLU E 258 -29.44 -15.37 22.11
N LYS E 259 -30.59 -15.35 21.43
CA LYS E 259 -31.84 -14.94 22.03
C LYS E 259 -32.89 -16.05 22.00
O1 PG4 F . 19.26 13.18 -8.63
C1 PG4 F . 19.69 12.61 -9.75
C2 PG4 F . 18.64 11.57 -10.26
O2 PG4 F . 19.19 10.86 -11.27
C3 PG4 F . 18.43 10.40 -12.31
C4 PG4 F . 18.12 8.87 -12.16
O3 PG4 F . 18.74 8.15 -13.23
C5 PG4 F . 19.82 7.32 -12.99
C6 PG4 F . 19.34 6.00 -12.39
O4 PG4 F . 20.37 5.06 -12.33
C7 PG4 F . 21.22 4.93 -11.22
C8 PG4 F . 21.82 3.61 -11.26
O5 PG4 F . 23.09 3.64 -10.76
HO1 PG4 F . 19.81 13.87 -8.41
H11 PG4 F . 19.80 13.24 -10.37
H12 PG4 F . 20.53 12.16 -9.58
H21 PG4 F . 18.41 11.04 -9.60
H22 PG4 F . 17.82 12.06 -10.61
H31 PG4 F . 17.61 10.89 -12.34
H32 PG4 F . 18.94 10.55 -13.18
H41 PG4 F . 18.42 8.55 -11.32
H42 PG4 F . 17.17 8.74 -12.23
H51 PG4 F . 20.31 7.12 -13.92
H52 PG4 F . 20.38 7.71 -12.46
H61 PG4 F . 18.96 6.16 -11.45
H62 PG4 F . 18.65 5.66 -12.95
H71 PG4 F . 21.85 5.53 -11.25
H72 PG4 F . 20.73 5.03 -10.42
H81 PG4 F . 21.26 2.98 -10.74
H82 PG4 F . 21.86 3.28 -12.27
HO5 PG4 F . 23.39 2.77 -10.62
C1 BOG G . 38.74 -15.07 -10.35
O1 BOG G . 37.66 -14.64 -11.17
C2 BOG G . 38.99 -14.04 -9.26
O2 BOG G . 39.41 -12.80 -9.86
C3 BOG G . 40.05 -14.51 -8.27
O3 BOG G . 40.08 -13.64 -7.14
C4 BOG G . 39.78 -15.94 -7.81
O4 BOG G . 40.91 -16.42 -7.08
C5 BOG G . 39.51 -16.84 -9.00
O5 BOG G . 38.41 -16.33 -9.76
C6 BOG G . 39.18 -18.27 -8.54
O6 BOG G . 39.00 -19.12 -9.68
C1' BOG G . 37.31 -15.61 -12.16
C2' BOG G . 36.02 -15.21 -12.84
C3' BOG G . 35.45 -16.37 -13.67
C4' BOG G . 34.29 -15.92 -14.55
C5' BOG G . 34.03 -16.93 -15.66
C6' BOG G . 32.72 -16.63 -16.37
C7' BOG G . 32.54 -17.52 -17.58
C8' BOG G . 31.30 -17.14 -18.36
H1 BOG G . 39.64 -15.17 -10.96
H2 BOG G . 38.05 -13.88 -8.71
HO2 BOG G . 39.18 -12.81 -10.79
H3 BOG G . 41.02 -14.49 -8.79
HO3 BOG G . 40.38 -12.75 -7.42
H4 BOG G . 38.89 -15.92 -7.17
HO4 BOG G . 41.31 -15.70 -6.59
H5 BOG G . 40.40 -16.89 -9.62
H61 BOG G . 39.98 -18.64 -7.91
H62 BOG G . 38.26 -18.26 -7.95
HO6 BOG G . 38.88 -20.03 -9.39
H1'1 BOG G . 37.21 -16.59 -11.69
H1'2 BOG G . 38.12 -15.67 -12.90
H2'1 BOG G . 36.19 -14.36 -13.50
H2'2 BOG G . 35.28 -14.91 -12.10
H3'1 BOG G . 35.11 -17.16 -12.99
H3'2 BOG G . 36.24 -16.79 -14.29
H4'1 BOG G . 34.53 -14.95 -14.98
H4'2 BOG G . 33.40 -15.81 -13.93
H5'1 BOG G . 34.00 -17.93 -15.24
H5'2 BOG G . 34.86 -16.90 -16.38
H6'1 BOG G . 32.71 -15.57 -16.69
H6'2 BOG G . 31.89 -16.77 -15.68
H7'1 BOG G . 32.46 -18.56 -17.26
H7'2 BOG G . 33.42 -17.45 -18.23
H8'1 BOG G . 31.23 -17.76 -19.23
H8'2 BOG G . 30.44 -17.29 -17.76
H8'3 BOG G . 31.37 -16.13 -18.66
C1 BOG H . 28.59 -3.25 -29.64
O1 BOG H . 28.04 -3.85 -28.46
C2 BOG H . 27.54 -3.25 -30.74
O2 BOG H . 27.16 -4.60 -31.06
C3 BOG H . 28.07 -2.56 -32.00
O3 BOG H . 27.02 -2.39 -32.95
C4 BOG H . 28.68 -1.20 -31.65
O4 BOG H . 29.36 -0.68 -32.79
C5 BOG H . 29.64 -1.31 -30.47
O5 BOG H . 28.98 -1.91 -29.37
C6 BOG H . 30.16 0.06 -30.07
O6 BOG H . 30.37 0.10 -28.65
C1' BOG H . 28.90 -3.63 -27.33
C2' BOG H . 28.38 -4.43 -26.14
C3' BOG H . 29.26 -4.20 -24.92
C4' BOG H . 28.47 -4.35 -23.63
C5' BOG H . 29.31 -4.00 -22.41
C6' BOG H . 28.45 -3.46 -21.28
C7' BOG H . 29.31 -3.00 -20.11
C8' BOG H . 29.29 -4.02 -18.99
H1 BOG H . 29.46 -3.83 -29.98
H2 BOG H . 26.66 -2.69 -30.39
HO2 BOG H . 27.21 -5.14 -30.26
H3 BOG H . 28.86 -3.19 -32.43
HO3 BOG H . 26.72 -3.26 -33.26
H4 BOG H . 27.86 -0.52 -31.36
HO4 BOG H . 29.15 -1.21 -33.57
H5 BOG H . 30.49 -1.94 -30.78
H61 BOG H . 31.11 0.27 -30.58
H62 BOG H . 29.44 0.83 -30.36
HO6 BOG H . 30.74 0.95 -28.40
H1'1 BOG H . 28.92 -2.57 -27.09
H1'2 BOG H . 29.92 -3.96 -27.57
H2'1 BOG H . 28.37 -5.49 -26.39
H2'2 BOG H . 27.36 -4.12 -25.92
H3'1 BOG H . 29.69 -3.20 -24.97
H3'2 BOG H . 30.08 -4.92 -24.93
H4'1 BOG H . 28.12 -5.39 -23.54
H4'2 BOG H . 27.59 -3.70 -23.67
H5'1 BOG H . 30.05 -3.25 -22.69
H5'2 BOG H . 29.84 -4.88 -22.07
H6'1 BOG H . 27.76 -4.23 -20.94
H6'2 BOG H . 27.84 -2.62 -21.66
H7'1 BOG H . 28.95 -2.03 -19.72
H7'2 BOG H . 30.33 -2.85 -20.45
H8'1 BOG H . 30.05 -3.80 -18.30
H8'2 BOG H . 28.34 -3.99 -18.51
H8'3 BOG H . 29.44 -4.98 -19.40
O1 PG4 I . 4.57 24.04 6.87
C1 PG4 I . 5.71 23.76 7.49
C2 PG4 I . 6.53 22.69 6.70
O2 PG4 I . 7.70 22.44 7.35
C3 PG4 I . 8.89 22.79 6.78
C4 PG4 I . 9.46 21.67 5.82
O3 PG4 I . 10.82 21.37 6.12
C5 PG4 I . 11.13 20.16 6.72
C6 PG4 I . 12.48 20.23 7.45
O4 PG4 I . 12.81 19.00 8.07
C7 PG4 I . 12.52 18.81 9.43
C8 PG4 I . 13.55 18.02 10.07
O5 PG4 I . 13.55 18.24 11.44
HO1 PG4 I . 4.19 24.76 7.26
H11 PG4 I . 6.19 24.51 7.55
H12 PG4 I . 5.52 23.43 8.38
H21 PG4 I . 6.07 21.95 6.62
H22 PG4 I . 6.75 23.06 5.77
H31 PG4 I . 8.80 23.61 6.30
H32 PG4 I . 9.58 22.93 7.52
H41 PG4 I . 8.94 20.90 5.89
H42 PG4 I . 9.42 22.00 4.91
H51 PG4 I . 10.37 19.93 7.43
H52 PG4 I . 11.16 19.54 6.13
H61 PG4 I . 13.21 20.48 6.76
H62 PG4 I . 12.44 20.91 8.10
H71 PG4 I . 12.46 19.59 9.83
H72 PG4 I . 11.69 18.37 9.51
H81 PG4 I . 13.39 17.06 9.89
H82 PG4 I . 14.50 18.30 9.68
HO5 PG4 I . 14.07 17.60 11.84
C1 BOG J . 34.48 22.92 8.15
O1 BOG J . 33.91 21.77 8.76
C2 BOG J . 35.19 22.54 6.86
O2 BOG J . 36.24 21.61 7.14
C3 BOG J . 35.75 23.76 6.16
O3 BOG J . 36.23 23.40 4.86
C4 BOG J . 34.69 24.85 6.02
O4 BOG J . 35.29 26.06 5.57
C5 BOG J . 33.99 25.09 7.36
O5 BOG J . 33.45 23.87 7.86
C6 BOG J . 32.86 26.10 7.20
O6 BOG J . 31.79 25.78 8.10
C1' BOG J . 33.02 22.12 9.82
C2' BOG J . 32.58 20.87 10.56
C3' BOG J . 31.61 21.22 11.69
C4' BOG J . 30.64 20.08 11.96
C5' BOG J . 29.59 20.48 12.99
C6' BOG J . 28.29 19.74 12.77
C7' BOG J . 27.21 20.22 13.74
C8' BOG J . 27.02 19.24 14.87
H1 BOG J . 35.22 23.38 8.83
H2 BOG J . 34.45 22.06 6.19
HO2 BOG J . 36.00 21.06 7.89
H3 BOG J . 36.58 24.16 6.76
HO3 BOG J . 36.99 22.80 4.95
H4 BOG J . 33.94 24.52 5.29
HO4 BOG J . 36.20 25.88 5.29
H5 BOG J . 34.73 25.49 8.07
H61 BOG J . 33.23 27.11 7.42
H62 BOG J . 32.49 26.09 6.17
HO6 BOG J . 31.09 26.45 8.04
H1'1 BOG J . 32.16 22.65 9.42
H1'2 BOG J . 33.53 22.80 10.52
H2'1 BOG J . 33.44 20.36 10.97
H2'2 BOG J . 32.08 20.19 9.86
H3'1 BOG J . 31.05 22.12 11.42
H3'2 BOG J . 32.18 21.44 12.60
H4'1 BOG J . 31.19 19.21 12.32
H4'2 BOG J . 30.15 19.80 11.03
H5'1 BOG J . 29.41 21.55 12.93
H5'2 BOG J . 29.97 20.27 13.99
H6'1 BOG J . 28.45 18.66 12.92
H6'2 BOG J . 27.96 19.88 11.74
H7'1 BOG J . 26.26 20.35 13.22
H7'2 BOG J . 27.50 21.19 14.15
H8'1 BOG J . 26.45 19.68 15.64
H8'2 BOG J . 26.52 18.37 14.51
H8'3 BOG J . 27.97 18.96 15.26
C1 BOG K . 28.25 12.36 30.30
O1 BOG K . 28.65 12.46 28.94
C2 BOG K . 26.94 13.12 30.50
O2 BOG K . 27.15 14.51 30.24
C3 BOG K . 26.40 12.94 31.90
O3 BOG K . 25.06 13.46 31.98
C4 BOG K . 26.39 11.47 32.30
O4 BOG K . 26.08 11.35 33.70
C5 BOG K . 27.74 10.82 32.02
O5 BOG K . 28.06 10.99 30.64
C6 BOG K . 27.72 9.33 32.37
O6 BOG K . 28.92 8.72 31.88
C1' BOG K . 29.37 11.32 28.51
C2' BOG K . 29.91 11.55 27.11
C3' BOG K . 30.53 10.28 26.53
C4' BOG K . 30.51 10.31 25.00
C5' BOG K . 31.77 9.65 24.43
C6' BOG K . 31.80 9.78 22.92
C7' BOG K . 33.20 9.47 22.38
C8' BOG K . 33.30 9.82 20.91
H1 BOG K . 29.01 12.80 30.95
H2 BOG K . 26.20 12.72 29.79
HO2 BOG K . 27.95 14.62 29.70
H3 BOG K . 27.04 13.49 32.60
HO3 BOG K . 24.97 14.19 31.35
H4 BOG K . 25.62 10.95 31.72
HO4 BOG K . 25.79 12.20 34.04
H5 BOG K . 28.50 11.32 32.64
H61 BOG K . 27.65 9.21 33.45
H62 BOG K . 26.85 8.86 31.91
HO6 BOG K . 28.94 7.80 32.18
H1'1 BOG K . 28.70 10.44 28.50
H1'2 BOG K . 30.19 11.11 29.19
H2'1 BOG K . 30.67 12.34 27.14
H2'2 BOG K . 29.10 11.89 26.46
H3'1 BOG K . 29.97 9.41 26.88
H3'2 BOG K . 31.56 10.18 26.89
H4'1 BOG K . 30.47 11.35 24.66
H4'2 BOG K . 29.63 9.80 24.63
H5'1 BOG K . 31.78 8.60 24.71
H5'2 BOG K . 32.65 10.13 24.86
H6'1 BOG K . 31.52 10.79 22.62
H6'2 BOG K . 31.09 9.09 22.48
H7'1 BOG K . 33.43 8.42 22.53
H7'2 BOG K . 33.94 10.05 22.94
H8'1 BOG K . 34.05 9.21 20.46
H8'2 BOG K . 32.37 9.64 20.45
H8'3 BOG K . 33.57 10.83 20.80
C1 BOG L . 0.42 -8.48 6.62
O1 BOG L . 0.27 -8.09 5.26
C2 BOG L . -0.42 -9.73 6.88
O2 BOG L . -1.81 -9.44 6.67
C3 BOG L . -0.22 -10.24 8.30
O3 BOG L . -0.84 -11.52 8.44
C4 BOG L . 1.26 -10.33 8.64
O4 BOG L . 1.41 -10.58 10.05
C5 BOG L . 2.00 -9.06 8.27
O5 BOG L . 1.78 -8.76 6.89
C6 BOG L . 3.49 -9.19 8.53
O6 BOG L . 3.96 -8.09 9.31
C1' BOG L . 1.12 -6.98 4.94
C2' BOG L . 0.48 -6.16 3.83
C3' BOG L . 0.71 -4.67 4.06
C4' BOG L . 0.19 -3.84 2.88
C5' BOG L . 1.09 -2.63 2.65
C6' BOG L . 0.64 -1.85 1.41
C7' BOG L . 1.59 -0.69 1.12
C8' BOG L . 1.83 -0.55 -0.37
H1 BOG L . 0.05 -7.68 7.28
H2 BOG L . -0.10 -10.51 6.18
HO2 BOG L . -1.94 -9.11 5.76
H3 BOG L . -0.69 -9.53 9.00
HO3 BOG L . -1.51 -11.63 7.77
H4 BOG L . 1.70 -11.17 8.07
HO4 BOG L . 0.87 -11.34 10.30
H5 BOG L . 1.61 -8.24 8.89
H61 BOG L . 3.69 -10.12 9.07
H62 BOG L . 4.03 -9.23 7.58
HO6 BOG L . 4.89 -8.22 9.54
H1'1 BOG L . 2.09 -7.34 4.63
H1'2 BOG L . 1.25 -6.35 5.82
H2'1 BOG L . -0.59 -6.36 3.79
H2'2 BOG L . 0.91 -6.45 2.86
H3'1 BOG L . 1.77 -4.48 4.20
H3'2 BOG L . 0.19 -4.36 4.97
H4'1 BOG L . -0.82 -3.51 3.09
H4'2 BOG L . 0.17 -4.46 1.98
H5'1 BOG L . 2.12 -2.95 2.51
H5'2 BOG L . 1.05 -1.97 3.52
H6'1 BOG L . -0.37 -1.46 1.58
H6'2 BOG L . 0.60 -2.52 0.55
H7'1 BOG L . 2.55 -0.88 1.62
H7'2 BOG L . 1.17 0.24 1.51
H8'1 BOG L . 2.51 0.24 -0.54
H8'2 BOG L . 2.24 -1.45 -0.74
H8'3 BOG L . 0.91 -0.35 -0.86
O1 PG4 M . -23.00 0.65 -9.83
C1 PG4 M . -22.38 1.70 -9.35
C2 PG4 M . -22.05 2.69 -10.51
O2 PG4 M . -21.40 3.79 -10.04
C3 PG4 M . -21.64 4.97 -10.70
C4 PG4 M . -20.32 5.73 -11.08
O3 PG4 M . -20.55 6.39 -12.33
C5 PG4 M . -19.62 7.22 -12.92
C6 PG4 M . -18.38 6.46 -13.38
O4 PG4 M . -18.44 6.22 -14.77
C7 PG4 M . -17.35 5.62 -15.44
C8 PG4 M . -17.64 5.48 -16.84
O5 PG4 M . -16.49 5.23 -17.54
HO1 PG4 M . -23.32 0.14 -9.14
H11 PG4 M . -22.91 2.11 -8.75
H12 PG4 M . -21.56 1.43 -8.91
H21 PG4 M . -21.56 2.28 -11.11
H22 PG4 M . -22.92 2.99 -10.94
H31 PG4 M . -22.11 4.77 -11.51
H32 PG4 M . -22.22 5.57 -10.12
H41 PG4 M . -20.10 6.36 -10.41
H42 PG4 M . -19.60 5.11 -11.18
H51 PG4 M . -20.07 7.70 -13.76
H52 PG4 M . -19.39 7.82 -12.35
H61 PG4 M . -17.54 7.02 -13.19
H62 PG4 M . -18.30 5.63 -12.91
H71 PG4 M . -16.63 6.13 -15.33
H72 PG4 M . -17.17 4.78 -15.06
H81 PG4 M . -18.26 4.71 -16.96
H82 PG4 M . -18.11 6.36 -17.21
HO5 PG4 M . -16.70 4.95 -18.39
O1 PG4 N . 6.86 3.21 -24.70
C1 PG4 N . 6.13 2.42 -23.93
C2 PG4 N . 5.05 1.70 -24.79
O2 PG4 N . 4.05 1.29 -23.97
C3 PG4 N . 2.94 0.69 -24.49
C4 PG4 N . 1.74 0.80 -23.48
O3 PG4 N . 0.50 0.60 -24.17
C5 PG4 N . 0.16 -0.64 -24.65
C6 PG4 N . -0.72 -1.36 -23.63
O4 PG4 N . -1.01 -2.68 -24.02
C7 PG4 N . -0.29 -3.79 -23.51
C8 PG4 N . -0.95 -5.00 -23.91
O5 PG4 N . -0.06 -6.06 -23.95
HO1 PG4 N . 7.57 3.52 -24.22
H11 PG4 N . 6.66 1.81 -23.53
H12 PG4 N . 5.70 2.95 -23.25
H21 PG4 N . 4.74 2.25 -25.38
H22 PG4 N . 5.46 0.88 -25.26
H31 PG4 N . 2.69 1.14 -25.31
H32 PG4 N . 3.13 -0.29 -24.69
H41 PG4 N . 1.85 0.17 -22.80
H42 PG4 N . 1.75 1.68 -23.10
H51 PG4 N . -0.38 -0.53 -25.56
H52 PG4 N . 0.86 -1.10 -24.79
H61 PG4 N . -0.27 -1.37 -22.71
H62 PG4 N . -1.55 -0.89 -23.57
H71 PG4 N . 0.52 -3.78 -23.83
H72 PG4 N . -0.27 -3.75 -22.56
H81 PG4 N . -1.68 -5.21 -23.27
H82 PG4 N . -1.37 -4.88 -24.88
HO5 PG4 N . -0.53 -6.86 -24.02
C1 BOG O . -3.15 -31.19 -28.61
O1 BOG O . -4.58 -31.24 -28.56
C2 BOG O . -2.61 -32.58 -28.89
O2 BOG O . -2.97 -33.47 -27.81
C3 BOG O . -1.08 -32.55 -29.03
O3 BOG O . -0.62 -33.82 -29.49
C4 BOG O . -0.66 -31.46 -30.00
O4 BOG O . 0.76 -31.31 -29.95
C5 BOG O . -1.32 -30.13 -29.66
O5 BOG O . -2.73 -30.30 -29.64
C6 BOG O . -0.95 -29.06 -30.68
O6 BOG O . -2.05 -28.16 -30.85
C1' BOG O . -5.15 -29.93 -28.60
C2' BOG O . -6.67 -30.04 -28.52
C3' BOG O . -7.31 -28.66 -28.34
C4' BOG O . -8.71 -28.78 -27.78
C5' BOG O . -9.43 -27.44 -27.81
C6' BOG O . -10.95 -27.63 -27.67
C7' BOG O . -11.65 -26.29 -27.49
C8' BOG O . -13.15 -26.44 -27.58
H1 BOG O . -2.76 -30.84 -27.64
H2 BOG O . -3.04 -32.94 -29.83
HO2 BOG O . -3.93 -33.58 -27.80
H3 BOG O . -0.65 -32.34 -28.04
HO3 BOG O . -0.80 -34.49 -28.82
H4 BOG O . -0.96 -31.76 -31.01
HO4 BOG O . 1.19 -32.16 -30.11
H5 BOG O . -0.98 -29.81 -28.67
H61 BOG O . -0.07 -28.50 -30.33
H62 BOG O . -0.71 -29.53 -31.64
HO6 BOG O . -1.84 -27.53 -31.57
H1'1 BOG O . -4.86 -29.44 -29.54
H1'2 BOG O . -4.77 -29.34 -27.78
H2'1 BOG O . -6.95 -30.68 -27.69
H2'2 BOG O . -7.06 -30.49 -29.44
H3'1 BOG O . -7.33 -28.13 -29.29
H3'2 BOG O . -6.69 -28.07 -27.65
H4'1 BOG O . -8.67 -29.16 -26.76
H4'2 BOG O . -9.28 -29.51 -28.38
H5'1 BOG O . -9.22 -26.92 -28.74
H5'2 BOG O . -9.07 -26.82 -26.99
H6'1 BOG O . -11.15 -28.27 -26.80
H6'2 BOG O . -11.33 -28.13 -28.56
H7'1 BOG O . -11.31 -25.59 -28.27
H7'2 BOG O . -11.39 -25.86 -26.52
H8'1 BOG O . -13.62 -25.60 -27.16
H8'2 BOG O . -13.44 -26.52 -28.60
H8'3 BOG O . -13.45 -27.32 -27.07
O1 PG4 P . -17.19 19.04 1.04
C1 PG4 P . -16.79 18.43 2.14
C2 PG4 P . -15.83 19.35 2.95
O2 PG4 P . -15.08 18.60 3.80
C3 PG4 P . -13.79 18.93 4.11
C4 PG4 P . -13.68 19.80 5.42
O3 PG4 P . -12.99 19.05 6.44
C5 PG4 P . -13.08 19.38 7.77
C6 PG4 P . -12.53 18.23 8.61
O4 PG4 P . -13.41 17.87 9.65
C7 PG4 P . -12.96 17.69 10.96
C8 PG4 P . -13.91 16.91 11.73
O5 PG4 P . -15.12 17.54 11.76
HO1 PG4 P . -17.84 18.55 0.64
H11 PG4 P . -17.50 18.23 2.65
H12 PG4 P . -16.32 17.62 1.90
H21 PG4 P . -15.29 19.77 2.40
H22 PG4 P . -16.36 20.05 3.48
H31 PG4 P . -13.31 18.10 4.26
H32 PG4 P . -13.35 19.41 3.33
H41 PG4 P . -13.22 20.59 5.23
H42 PG4 P . -14.56 20.01 5.74
H51 PG4 P . -12.55 20.29 7.98
H52 PG4 P . -13.91 19.49 7.96
H61 PG4 P . -12.41 17.40 8.00
H62 PG4 P . -11.68 18.46 8.97
H71 PG4 P . -12.18 17.28 10.94
H72 PG4 P . -12.85 18.55 11.37
H81 PG4 P . -14.02 16.03 11.28
H82 PG4 P . -13.55 16.76 12.72
HO5 PG4 P . -15.77 16.96 12.07
C1 BOG Q . -20.78 12.11 35.74
O1 BOG Q . -19.69 12.73 35.06
C2 BOG Q . -21.80 11.63 34.71
O2 BOG Q . -22.33 12.74 33.99
C3 BOG Q . -22.94 10.88 35.39
O3 BOG Q . -23.74 10.22 34.39
C4 BOG Q . -22.41 9.83 36.37
O4 BOG Q . -23.49 9.33 37.16
C5 BOG Q . -21.35 10.44 37.29
O5 BOG Q . -20.31 11.02 36.51
C6 BOG Q . -20.77 9.38 38.21
O6 BOG Q . -19.62 9.90 38.89
C1' BOG Q . -18.59 12.98 35.94
C2' BOG Q . -17.55 13.83 35.23
C3' BOG Q . -16.21 13.78 35.96
C4' BOG Q . -15.11 14.40 35.12
C5' BOG Q . -13.89 14.74 35.97
C6' BOG Q . -12.88 15.57 35.18
C7' BOG Q . -11.80 16.13 36.10
C8' BOG Q . -10.54 16.44 35.32
H1 BOG Q . -21.27 12.85 36.39
H2 BOG Q . -21.30 10.95 34.01
HO2 BOG Q . -21.73 13.49 34.06
H3 BOG Q . -23.56 11.59 35.94
HO3 BOG Q . -24.10 10.89 33.79
H4 BOG Q . -21.95 9.02 35.80
HO4 BOG Q . -24.13 8.89 36.58
H5 BOG Q . -21.82 11.21 37.90
H61 BOG Q . -21.52 9.07 38.95
H62 BOG Q . -20.48 8.50 37.63
HO6 BOG Q . -19.30 9.26 39.53
H1'1 BOG Q . -18.14 12.02 36.25
H1'2 BOG Q . -18.94 13.49 36.84
H2'1 BOG Q . -17.90 14.86 35.18
H2'2 BOG Q . -17.42 13.47 34.20
H3'1 BOG Q . -15.96 12.74 36.19
H3'2 BOG Q . -16.30 14.32 36.91
H4'1 BOG Q . -15.48 15.31 34.64
H4'2 BOG Q . -14.81 13.70 34.32
H5'1 BOG Q . -13.42 13.82 36.30
H5'2 BOG Q . -14.21 15.30 36.85
H6'1 BOG Q . -13.39 16.38 34.68
H6'2 BOG Q . -12.42 14.94 34.42
H7'1 BOG Q . -11.57 15.39 36.88
H7'2 BOG Q . -12.17 17.02 36.58
H8'1 BOG Q . -9.77 16.72 35.99
H8'2 BOG Q . -10.24 15.59 34.77
H8'3 BOG Q . -10.74 17.25 34.66
#